data_3NVY
#
_entry.id   3NVY
#
_cell.length_a   132.686
_cell.length_b   73.398
_cell.length_c   138.210
_cell.angle_alpha   90.000
_cell.angle_beta   97.130
_cell.angle_gamma   90.000
#
_symmetry.space_group_name_H-M   'P 1 21 1'
#
loop_
_entity.id
_entity.type
_entity.pdbx_description
1 polymer 'Xanthine dehydrogenase/oxidase'
2 polymer 'Xanthine dehydrogenase/oxidase'
3 polymer 'Xanthine dehydrogenase/oxidase'
4 non-polymer 'FE2/S2 (INORGANIC) CLUSTER'
5 non-polymer 'FLAVIN-ADENINE DINUCLEOTIDE'
6 non-polymer 'PHOSPHONIC ACIDMONO-(2-AMINO-5,6-DIMERCAPTO-4-OXO-3,7,8A,9,10,10A-HEXAHYDRO-4H-8-OXA-1,3,9,10-TETRAAZA-ANTHRACEN-7-YLMETHYL)ESTER'
7 non-polymer 'DIOXOTHIOMOLYBDENUM(VI) ION'
8 non-polymer "3,5,7,3',4'-PENTAHYDROXYFLAVONE"
9 water water
#
loop_
_entity_poly.entity_id
_entity_poly.type
_entity_poly.pdbx_seq_one_letter_code
_entity_poly.pdbx_strand_id
1 'polypeptide(L)'
;TADELVFFVNGKKVVEKNADPETTLLAYLRRKLGLRGTKLGCGEGGCGACTVMLSKYDRLQDKIIHFSANACLAPICTLH
HVAVTTVEGIGSTKTRLHPVQERIAKSHGSQCGFCTPGIVMSMYTLLRNQPEPTVEEIEDAFQGNLCRCTGYRPILQGFR
TFAK
;
A,J
2 'polypeptide(L)'
;LFNPEEFMPLDPTQEPIFPPELLRLKDVPPKQLRFEGERVTWIQASTLKELLDLKAQHPEAKLVVGNTEIGIEMKFKNQL
FPMIICPAWIPELNAVEHGPEGISFGAACALSSVEKTLLEAVAKLPTQKTEVFRGVLEQLRWFAGKQVKSVASLGGNIIT
ASPISDLNPVFMASGTKLTIVSRGTRRTVPMDHTFFPSYRKTLLGPEEILLSIEIPYSREDEFFSAFKQASRREDDIAKV
TCGMRVLFQPGSMQVKELALCYGGMADRTISALKTTQKQLSKFWNEKLLQDVCAGLAEELSLSPDAPGGMIEFRRTLTLS
FFFKFYLTVLKKLG
;
B,K
3 'polypeptide(L)'
;DTVGRPLPHLAAAMQASGEAVYCDDIPRYENELFLRLVTSTRAHAKIKSIDVSEAQKVPGFVCFLSADDIPGSNETGLFN
DETVFAKDTVTCVGHIIGAVVADTPEHAERAAHVVKVTYEDLPAIITIEDAIKNNSFYGSELKIEKGDLKKGFSEADNVV
SGELYIGGQDHFYLETHCTIAIPKGEEGEMELFVSTQNAMKTQSFVAKMLGVPVNRILVRVKRMGGGFGGKETRSTLVSV
AVALAAYKTGHPVRCMLDRNEDMLITGGRHPFLARYKVGFMKTGTIVALEVDHYSNAGNSRDLSHSIMERALFHMDNCYK
IPNIRGTGRLCKTNLSSNTAFRGFGGPQALFIAENWMSEVAVTCGLPAEEVRWKNMYKEGDLTHFNQRLEGFSVPRCWDE
CLKSSQYYARKSEVDKFNKENCWKKRGLCIIPTKFGISFTVPFLNQAGALIHVYTDGSVLVSHGGTEMGQGLHTKMVQVA
SKALKIPISKIYISETSTNTVPNSSPTAASVSTDIYGQAVYEACQTILKRLEPFKKKNPDGSWEDWVMAAYQDRVSLSTT
GFYRTPNLGYSFETNSGNAFHYFTYGVACSEVEIDCLTGDHKNLRTDIVMDVGSSLNPAIDIGQVEGAFVQGLGLFTLEE
LHYSPEGSLHTRGPSTYKIPAFGSIPTEFRVSLLRDCPNKKAIYASKAVGEPPLFLGASVFFAIKDAIRAARAQHTNNNT
KELFRLDSPATPEKIRNACVDKFTTLCVTGAPGNCK
;
C,L
#
loop_
_chem_comp.id
_chem_comp.type
_chem_comp.name
_chem_comp.formula
FAD non-polymer 'FLAVIN-ADENINE DINUCLEOTIDE' 'C27 H33 N9 O15 P2'
FES non-polymer 'FE2/S2 (INORGANIC) CLUSTER' 'Fe2 S2'
MOS non-polymer 'DIOXOTHIOMOLYBDENUM(VI) ION' 'H Mo O2 S'
MTE non-polymer 'PHOSPHONIC ACIDMONO-(2-AMINO-5,6-DIMERCAPTO-4-OXO-3,7,8A,9,10,10A-HEXAHYDRO-4H-8-OXA-1,3,9,10-TETRAAZA-ANTHRACEN-7-YLMETHYL)ESTER' 'C10 H14 N5 O6 P S2'
QUE non-polymer 3,5,7,3',4'-PENTAHYDROXYFLAVONE 'C15 H10 O7'
#
# COMPACT_ATOMS: atom_id res chain seq x y z
N THR A 1 -6.81 31.25 21.80
CA THR A 1 -7.62 31.42 23.02
C THR A 1 -8.02 30.08 23.65
N ALA A 2 -7.63 28.97 23.01
CA ALA A 2 -7.91 27.62 23.49
C ALA A 2 -6.75 27.02 24.28
N ASP A 3 -7.08 26.34 25.36
CA ASP A 3 -6.10 25.68 26.21
C ASP A 3 -5.50 24.44 25.54
N GLU A 4 -4.35 23.99 26.01
CA GLU A 4 -3.78 22.73 25.54
C GLU A 4 -4.48 21.59 26.28
N LEU A 5 -4.85 20.53 25.58
CA LEU A 5 -5.28 19.28 26.20
C LEU A 5 -4.10 18.36 26.41
N VAL A 6 -3.95 17.88 27.64
CA VAL A 6 -2.83 17.02 27.95
C VAL A 6 -3.32 15.72 28.57
N PHE A 7 -3.00 14.62 27.91
CA PHE A 7 -3.25 13.28 28.46
C PHE A 7 -2.13 12.34 28.08
N PHE A 8 -2.19 11.11 28.61
CA PHE A 8 -1.16 10.10 28.39
C PHE A 8 -1.76 8.88 27.70
N VAL A 9 -1.01 8.27 26.78
CA VAL A 9 -1.42 7.01 26.12
C VAL A 9 -0.23 6.09 26.20
N ASN A 10 -0.45 4.92 26.77
CA ASN A 10 0.58 3.91 26.97
C ASN A 10 1.87 4.46 27.61
N GLY A 11 1.70 5.36 28.57
CA GLY A 11 2.82 5.88 29.32
C GLY A 11 3.46 7.10 28.66
N LYS A 12 2.95 7.48 27.49
CA LYS A 12 3.53 8.57 26.74
C LYS A 12 2.61 9.81 26.72
N LYS A 13 3.21 10.98 26.90
CA LYS A 13 2.46 12.25 26.97
C LYS A 13 1.93 12.70 25.63
N VAL A 14 0.65 13.00 25.56
CA VAL A 14 0.06 13.59 24.35
C VAL A 14 -0.29 15.02 24.68
N VAL A 15 0.22 15.97 23.90
CA VAL A 15 -0.07 17.38 24.11
C VAL A 15 -0.84 17.82 22.91
N GLU A 16 -2.14 17.99 23.05
CA GLU A 16 -3.02 18.35 21.94
C GLU A 16 -3.41 19.83 22.03
N LYS A 17 -2.86 20.66 21.16
CA LYS A 17 -3.03 22.10 21.29
C LYS A 17 -4.30 22.58 20.60
N ASN A 18 -4.88 21.75 19.74
CA ASN A 18 -6.09 22.12 19.02
C ASN A 18 -7.21 21.08 19.07
N ALA A 19 -7.55 20.69 20.30
CA ALA A 19 -8.64 19.74 20.58
C ALA A 19 -9.95 20.26 20.05
N ASP A 20 -10.58 19.45 19.19
CA ASP A 20 -11.95 19.70 18.76
C ASP A 20 -12.84 18.92 19.72
N PRO A 21 -13.79 19.60 20.38
CA PRO A 21 -14.65 18.90 21.33
C PRO A 21 -15.42 17.71 20.74
N GLU A 22 -15.51 17.62 19.42
CA GLU A 22 -16.24 16.55 18.78
C GLU A 22 -15.44 15.26 18.69
N THR A 23 -14.15 15.31 19.01
CA THR A 23 -13.25 14.21 18.74
C THR A 23 -13.34 13.14 19.81
N THR A 24 -13.55 11.89 19.38
CA THR A 24 -13.67 10.76 20.29
C THR A 24 -12.29 10.17 20.52
N LEU A 25 -12.07 9.53 21.67
CA LEU A 25 -10.80 8.91 21.96
C LEU A 25 -10.47 7.85 20.88
N LEU A 26 -11.46 7.10 20.46
CA LEU A 26 -11.20 6.09 19.42
C LEU A 26 -10.67 6.71 18.12
N ALA A 27 -11.32 7.77 17.63
CA ALA A 27 -10.78 8.42 16.48
C ALA A 27 -9.33 8.89 16.73
N TYR A 28 -9.08 9.41 17.92
CA TYR A 28 -7.76 9.96 18.24
C TYR A 28 -6.68 8.85 18.22
N LEU A 29 -6.93 7.76 18.95
CA LEU A 29 -6.03 6.62 18.96
C LEU A 29 -5.74 6.15 17.54
N ARG A 30 -6.79 5.88 16.78
CA ARG A 30 -6.65 5.24 15.48
C ARG A 30 -6.11 6.16 14.42
N ARG A 31 -6.66 7.39 14.33
CA ARG A 31 -6.45 8.20 13.15
C ARG A 31 -5.41 9.32 13.39
N LYS A 32 -5.07 9.59 14.66
CA LYS A 32 -4.00 10.57 14.97
C LYS A 32 -2.76 9.87 15.50
N LEU A 33 -2.93 9.02 16.49
CA LEU A 33 -1.80 8.31 17.06
C LEU A 33 -1.38 7.03 16.33
N GLY A 34 -2.23 6.53 15.44
CA GLY A 34 -1.84 5.37 14.63
C GLY A 34 -1.82 4.08 15.43
N LEU A 35 -2.58 4.04 16.52
CA LEU A 35 -2.65 2.85 17.37
C LEU A 35 -3.96 2.16 17.05
N ARG A 36 -3.90 1.18 16.16
CA ARG A 36 -5.11 0.61 15.56
C ARG A 36 -5.55 -0.73 16.18
N GLY A 37 -4.94 -1.09 17.30
CA GLY A 37 -5.35 -2.27 18.08
C GLY A 37 -6.77 -2.11 18.61
N THR A 38 -7.12 -0.88 18.99
CA THR A 38 -8.48 -0.53 19.46
C THR A 38 -9.44 -0.37 18.29
N LYS A 39 -10.58 -1.09 18.35
CA LYS A 39 -11.45 -1.25 17.14
C LYS A 39 -12.79 -0.54 17.23
N LEU A 40 -13.35 -0.20 16.06
CA LEU A 40 -14.74 0.26 15.97
C LEU A 40 -15.64 -0.94 15.63
N GLY A 41 -16.54 -1.25 16.55
CA GLY A 41 -17.54 -2.30 16.32
C GLY A 41 -18.97 -1.76 16.20
N CYS A 42 -19.25 -0.58 16.79
CA CYS A 42 -20.64 -0.05 16.72
C CYS A 42 -20.79 1.47 16.85
N GLY A 43 -19.85 2.12 17.56
CA GLY A 43 -19.91 3.55 17.89
C GLY A 43 -20.99 3.96 18.86
N GLU A 44 -21.68 3.00 19.49
CA GLU A 44 -22.81 3.32 20.36
C GLU A 44 -22.71 2.65 21.72
N GLY A 45 -21.57 2.02 22.00
CA GLY A 45 -21.31 1.58 23.37
C GLY A 45 -21.78 0.17 23.71
N GLY A 46 -22.36 -0.53 22.73
CA GLY A 46 -22.86 -1.90 22.95
C GLY A 46 -21.88 -3.09 22.90
N CYS A 47 -20.74 -2.92 22.26
CA CYS A 47 -20.00 -4.09 21.84
C CYS A 47 -18.67 -4.26 22.54
N GLY A 48 -18.10 -3.15 23.00
CA GLY A 48 -16.81 -3.13 23.69
C GLY A 48 -15.56 -3.35 22.85
N ALA A 49 -15.68 -3.37 21.52
CA ALA A 49 -14.50 -3.58 20.68
C ALA A 49 -13.46 -2.51 20.89
N CYS A 50 -13.93 -1.32 21.31
CA CYS A 50 -13.14 -0.12 21.51
C CYS A 50 -12.68 0.03 22.97
N THR A 51 -12.73 -1.03 23.75
CA THR A 51 -12.49 -0.93 25.19
C THR A 51 -11.04 -0.59 25.46
N VAL A 52 -10.84 0.40 26.32
CA VAL A 52 -9.53 0.81 26.81
C VAL A 52 -9.60 0.86 28.32
N MET A 53 -8.43 0.94 28.96
CA MET A 53 -8.36 1.27 30.36
C MET A 53 -8.00 2.75 30.55
N LEU A 54 -8.74 3.46 31.41
CA LEU A 54 -8.35 4.80 31.84
C LEU A 54 -7.85 4.75 33.28
N SER A 55 -6.86 5.59 33.59
CA SER A 55 -6.33 5.69 34.93
C SER A 55 -6.22 7.15 35.27
N LYS A 56 -6.50 7.54 36.51
CA LYS A 56 -6.22 8.91 36.91
C LYS A 56 -5.97 9.01 38.40
N TYR A 57 -5.37 10.11 38.84
CA TYR A 57 -5.30 10.38 40.27
C TYR A 57 -6.58 11.12 40.60
N ASP A 58 -7.45 10.46 41.35
CA ASP A 58 -8.71 11.06 41.75
C ASP A 58 -8.45 11.93 42.97
N ARG A 59 -8.54 13.25 42.78
CA ARG A 59 -8.30 14.28 43.81
C ARG A 59 -9.37 14.36 44.91
N LEU A 60 -10.55 13.78 44.68
CA LEU A 60 -11.56 13.69 45.72
C LEU A 60 -11.41 12.40 46.54
N GLN A 61 -10.87 11.36 45.93
CA GLN A 61 -10.65 10.12 46.66
C GLN A 61 -9.25 10.07 47.24
N ASP A 62 -8.35 10.92 46.73
CA ASP A 62 -6.93 10.87 47.05
C ASP A 62 -6.34 9.48 46.74
N LYS A 63 -6.36 9.09 45.46
CA LYS A 63 -6.14 7.71 45.06
C LYS A 63 -5.91 7.63 43.55
N ILE A 64 -5.07 6.70 43.10
CA ILE A 64 -5.04 6.36 41.67
C ILE A 64 -6.18 5.36 41.42
N ILE A 65 -7.01 5.63 40.42
CA ILE A 65 -8.09 4.68 40.09
C ILE A 65 -7.96 4.20 38.63
N HIS A 66 -8.30 2.93 38.38
CA HIS A 66 -8.22 2.34 37.04
C HIS A 66 -9.60 1.84 36.67
N PHE A 67 -10.07 2.13 35.47
CA PHE A 67 -11.36 1.59 35.04
C PHE A 67 -11.41 1.45 33.51
N SER A 68 -12.36 0.64 33.00
CA SER A 68 -12.50 0.45 31.58
C SER A 68 -13.47 1.45 31.00
N ALA A 69 -13.37 1.71 29.71
CA ALA A 69 -14.26 2.66 29.08
C ALA A 69 -14.33 2.37 27.60
N ASN A 70 -15.44 2.79 26.99
CA ASN A 70 -15.62 2.70 25.55
C ASN A 70 -15.00 3.91 24.87
N ALA A 71 -13.94 3.70 24.10
CA ALA A 71 -13.24 4.79 23.42
C ALA A 71 -14.10 5.47 22.38
N CYS A 72 -15.05 4.73 21.81
CA CYS A 72 -15.97 5.30 20.80
C CYS A 72 -16.87 6.42 21.34
N LEU A 73 -17.06 6.46 22.66
CA LEU A 73 -17.96 7.45 23.26
C LEU A 73 -17.22 8.46 24.15
N ALA A 74 -15.97 8.18 24.47
CA ALA A 74 -15.19 9.07 25.32
C ALA A 74 -14.68 10.27 24.53
N PRO A 75 -15.17 11.49 24.85
CA PRO A 75 -14.63 12.64 24.11
C PRO A 75 -13.22 12.91 24.65
N ILE A 76 -12.24 13.22 23.79
CA ILE A 76 -10.88 13.48 24.29
C ILE A 76 -10.90 14.64 25.30
N CYS A 77 -11.79 15.59 25.09
CA CYS A 77 -11.91 16.74 26.00
C CYS A 77 -12.27 16.40 27.48
N THR A 78 -12.78 15.21 27.75
CA THR A 78 -12.94 14.76 29.15
C THR A 78 -11.65 14.23 29.77
N LEU A 79 -10.60 14.10 28.96
CA LEU A 79 -9.43 13.31 29.34
C LEU A 79 -8.21 14.13 29.78
N HIS A 80 -8.36 15.44 29.94
CA HIS A 80 -7.26 16.23 30.55
C HIS A 80 -6.76 15.57 31.84
N HIS A 81 -5.45 15.31 31.89
CA HIS A 81 -4.76 14.64 33.01
C HIS A 81 -5.19 13.18 33.26
N VAL A 82 -5.64 12.51 32.21
CA VAL A 82 -5.98 11.09 32.27
C VAL A 82 -4.98 10.24 31.48
N ALA A 83 -4.68 9.02 31.97
CA ALA A 83 -3.84 8.05 31.29
C ALA A 83 -4.64 6.91 30.59
N VAL A 84 -4.38 6.69 29.31
CA VAL A 84 -5.07 5.69 28.50
C VAL A 84 -4.11 4.52 28.31
N THR A 85 -4.61 3.32 28.55
CA THR A 85 -3.87 2.11 28.21
C THR A 85 -4.71 1.40 27.16
N THR A 86 -4.07 1.10 26.02
CA THR A 86 -4.69 0.32 24.97
C THR A 86 -4.05 -1.04 24.96
N VAL A 87 -4.56 -1.93 24.11
CA VAL A 87 -4.02 -3.31 24.03
C VAL A 87 -2.49 -3.31 23.76
N GLU A 88 -2.01 -2.33 23.00
CA GLU A 88 -0.57 -2.31 22.75
C GLU A 88 0.26 -1.82 23.95
N GLY A 89 -0.42 -1.26 24.95
CA GLY A 89 0.23 -0.78 26.20
C GLY A 89 0.66 -1.91 27.12
N ILE A 90 0.13 -3.11 26.88
CA ILE A 90 0.29 -4.16 27.86
C ILE A 90 1.17 -5.32 27.46
N GLY A 91 1.47 -5.45 26.17
CA GLY A 91 2.33 -6.56 25.71
C GLY A 91 2.23 -6.66 24.20
N SER A 92 3.17 -7.36 23.60
CA SER A 92 3.32 -7.44 22.15
C SER A 92 4.02 -8.73 21.80
N THR A 93 3.72 -9.28 20.63
CA THR A 93 4.50 -10.44 20.15
C THR A 93 5.94 -10.03 19.89
N LYS A 94 6.19 -8.72 19.74
CA LYS A 94 7.50 -8.20 19.45
C LYS A 94 8.35 -8.06 20.70
N THR A 95 7.71 -8.14 21.85
CA THR A 95 8.43 -8.13 23.11
C THR A 95 8.03 -9.37 23.92
N ARG A 96 6.97 -9.20 24.69
CA ARG A 96 6.40 -10.22 25.55
C ARG A 96 4.91 -9.99 25.62
N LEU A 97 4.11 -11.04 25.42
CA LEU A 97 2.66 -10.93 25.64
C LEU A 97 2.33 -10.88 27.12
N HIS A 98 1.40 -10.00 27.52
CA HIS A 98 0.80 -10.07 28.88
C HIS A 98 0.16 -11.44 29.09
N PRO A 99 0.20 -11.98 30.33
CA PRO A 99 -0.55 -13.24 30.55
C PRO A 99 -1.99 -13.22 30.04
N VAL A 100 -2.68 -12.08 30.10
CA VAL A 100 -4.06 -11.98 29.56
C VAL A 100 -4.13 -12.32 28.05
N GLN A 101 -3.20 -11.75 27.28
CA GLN A 101 -3.05 -12.02 25.85
C GLN A 101 -2.65 -13.48 25.58
N GLU A 102 -1.63 -13.95 26.29
CA GLU A 102 -1.21 -15.36 26.10
C GLU A 102 -2.36 -16.34 26.33
N ARG A 103 -3.11 -16.16 27.41
CA ARG A 103 -4.14 -17.18 27.77
C ARG A 103 -5.34 -17.18 26.82
N ILE A 104 -5.79 -16.01 26.39
CA ILE A 104 -6.91 -15.99 25.45
C ILE A 104 -6.48 -16.61 24.13
N ALA A 105 -5.25 -16.31 23.69
CA ALA A 105 -4.71 -16.90 22.46
C ALA A 105 -4.61 -18.39 22.55
N LYS A 106 -3.96 -18.87 23.61
CA LYS A 106 -3.74 -20.31 23.73
C LYS A 106 -4.95 -21.16 24.12
N SER A 107 -5.99 -20.52 24.66
CA SER A 107 -7.21 -21.23 25.04
C SER A 107 -8.23 -21.27 23.92
N HIS A 108 -7.86 -20.78 22.73
CA HIS A 108 -8.72 -20.80 21.56
C HIS A 108 -9.88 -19.81 21.72
N GLY A 109 -9.64 -18.72 22.46
CA GLY A 109 -10.65 -17.67 22.69
C GLY A 109 -10.66 -16.55 21.66
N SER A 110 -9.93 -16.76 20.57
CA SER A 110 -9.87 -15.79 19.47
C SER A 110 -10.02 -16.54 18.14
N GLN A 111 -11.04 -16.22 17.35
CA GLN A 111 -11.23 -16.79 16.00
C GLN A 111 -10.90 -15.68 15.02
N CYS A 112 -11.90 -14.89 14.67
CA CYS A 112 -11.62 -13.73 13.82
C CYS A 112 -10.69 -12.70 14.43
N GLY A 113 -10.73 -12.60 15.74
CA GLY A 113 -9.83 -11.73 16.49
C GLY A 113 -10.25 -10.27 16.64
N PHE A 114 -11.35 -9.87 16.01
CA PHE A 114 -11.71 -8.42 16.05
C PHE A 114 -12.15 -7.91 17.45
N CYS A 115 -12.78 -8.79 18.24
CA CYS A 115 -13.20 -8.49 19.62
C CYS A 115 -12.09 -8.70 20.67
N THR A 116 -11.00 -9.31 20.27
CA THR A 116 -10.01 -9.79 21.25
C THR A 116 -9.34 -8.66 22.03
N PRO A 117 -8.91 -7.57 21.35
CA PRO A 117 -8.35 -6.46 22.09
C PRO A 117 -9.30 -5.90 23.16
N GLY A 118 -10.59 -5.71 22.81
CA GLY A 118 -11.60 -5.16 23.72
C GLY A 118 -11.77 -6.09 24.91
N ILE A 119 -11.82 -7.39 24.65
CA ILE A 119 -11.92 -8.36 25.74
C ILE A 119 -10.67 -8.41 26.64
N VAL A 120 -9.49 -8.30 26.00
CA VAL A 120 -8.21 -8.29 26.74
C VAL A 120 -8.21 -7.12 27.69
N MET A 121 -8.70 -5.97 27.21
CA MET A 121 -8.65 -4.77 28.02
C MET A 121 -9.65 -4.78 29.18
N SER A 122 -10.81 -5.44 28.99
CA SER A 122 -11.77 -5.71 30.06
C SER A 122 -11.15 -6.66 31.12
N MET A 123 -10.47 -7.70 30.65
CA MET A 123 -9.82 -8.60 31.61
C MET A 123 -8.64 -7.91 32.35
N TYR A 124 -7.82 -7.20 31.60
CA TYR A 124 -6.69 -6.48 32.15
C TYR A 124 -7.16 -5.53 33.24
N THR A 125 -8.21 -4.79 32.95
CA THR A 125 -8.71 -3.81 33.91
C THR A 125 -9.20 -4.45 35.21
N LEU A 126 -9.87 -5.59 35.11
CA LEU A 126 -10.28 -6.31 36.27
C LEU A 126 -9.05 -6.65 37.13
N LEU A 127 -8.06 -7.28 36.50
CA LEU A 127 -6.84 -7.67 37.20
C LEU A 127 -6.06 -6.48 37.79
N ARG A 128 -6.13 -5.34 37.13
CA ARG A 128 -5.51 -4.16 37.69
C ARG A 128 -6.25 -3.65 38.94
N ASN A 129 -7.52 -4.01 39.05
CA ASN A 129 -8.34 -3.61 40.18
C ASN A 129 -8.33 -4.66 41.28
N GLN A 130 -8.37 -5.92 40.85
CA GLN A 130 -8.45 -7.07 41.74
C GLN A 130 -7.55 -8.17 41.17
N PRO A 131 -6.30 -8.20 41.66
CA PRO A 131 -5.27 -9.17 41.28
C PRO A 131 -5.66 -10.61 41.52
N GLU A 132 -6.67 -10.84 42.38
CA GLU A 132 -7.12 -12.19 42.71
C GLU A 132 -8.66 -12.18 42.67
N PRO A 133 -9.24 -12.18 41.46
CA PRO A 133 -10.68 -12.07 41.38
C PRO A 133 -11.37 -13.42 41.56
N THR A 134 -12.68 -13.41 41.77
CA THR A 134 -13.44 -14.65 41.74
C THR A 134 -13.92 -14.90 40.31
N VAL A 135 -14.31 -16.14 40.08
CA VAL A 135 -14.93 -16.59 38.86
C VAL A 135 -16.09 -15.69 38.53
N GLU A 136 -16.84 -15.28 39.55
CA GLU A 136 -18.04 -14.44 39.38
C GLU A 136 -17.69 -13.05 38.86
N GLU A 137 -16.71 -12.40 39.50
CA GLU A 137 -16.20 -11.13 39.01
C GLU A 137 -15.70 -11.24 37.56
N ILE A 138 -15.03 -12.35 37.26
CA ILE A 138 -14.54 -12.60 35.89
C ILE A 138 -15.71 -12.62 34.88
N GLU A 139 -16.77 -13.40 35.10
CA GLU A 139 -17.89 -13.36 34.13
C GLU A 139 -18.55 -11.96 34.01
N ASP A 140 -18.66 -11.26 35.15
CA ASP A 140 -19.20 -9.88 35.19
C ASP A 140 -18.42 -8.85 34.42
N ALA A 141 -17.11 -9.09 34.28
CA ALA A 141 -16.22 -8.14 33.63
C ALA A 141 -16.60 -7.88 32.19
N PHE A 142 -17.35 -8.82 31.59
CA PHE A 142 -17.56 -8.83 30.13
C PHE A 142 -18.99 -8.57 29.66
N GLN A 143 -19.83 -8.02 30.52
CA GLN A 143 -21.17 -7.65 30.12
C GLN A 143 -21.11 -6.68 28.95
N GLY A 144 -20.03 -5.92 28.87
CA GLY A 144 -19.89 -4.92 27.80
C GLY A 144 -19.19 -5.37 26.52
N ASN A 145 -18.84 -6.65 26.43
CA ASN A 145 -18.06 -7.11 25.26
C ASN A 145 -18.76 -8.22 24.50
N LEU A 146 -18.94 -8.04 23.21
CA LEU A 146 -19.62 -9.04 22.35
C LEU A 146 -18.62 -9.83 21.47
N CYS A 147 -18.81 -11.14 21.32
CA CYS A 147 -18.00 -11.93 20.40
C CYS A 147 -18.98 -12.74 19.54
N ARG A 148 -18.85 -12.64 18.22
CA ARG A 148 -19.74 -13.34 17.30
C ARG A 148 -19.25 -14.76 16.92
N CYS A 149 -17.97 -15.04 17.12
CA CYS A 149 -17.32 -16.25 16.59
C CYS A 149 -17.24 -17.41 17.56
N THR A 150 -16.96 -17.12 18.85
CA THR A 150 -16.40 -18.17 19.68
C THR A 150 -17.42 -18.88 20.55
N GLY A 151 -18.57 -18.24 20.72
CA GLY A 151 -19.57 -18.73 21.66
C GLY A 151 -19.13 -18.60 23.12
N TYR A 152 -18.09 -17.83 23.37
CA TYR A 152 -17.67 -17.39 24.71
C TYR A 152 -17.02 -18.42 25.68
N ARG A 153 -17.49 -19.66 25.64
CA ARG A 153 -16.92 -20.73 26.52
C ARG A 153 -15.39 -20.67 26.64
N PRO A 154 -14.64 -20.70 25.50
CA PRO A 154 -13.17 -20.82 25.63
C PRO A 154 -12.50 -19.60 26.24
N ILE A 155 -13.06 -18.41 25.99
CA ILE A 155 -12.60 -17.21 26.69
C ILE A 155 -12.73 -17.27 28.20
N LEU A 156 -13.91 -17.66 28.68
CA LEU A 156 -14.11 -17.78 30.12
C LEU A 156 -13.23 -18.88 30.73
N GLN A 157 -13.11 -19.98 30.01
CA GLN A 157 -12.26 -21.08 30.48
C GLN A 157 -10.77 -20.71 30.55
N GLY A 158 -10.29 -19.95 29.56
CA GLY A 158 -8.91 -19.50 29.64
C GLY A 158 -8.73 -18.56 30.81
N PHE A 159 -9.68 -17.66 30.99
CA PHE A 159 -9.58 -16.64 32.01
C PHE A 159 -9.87 -17.16 33.45
N ARG A 160 -10.66 -18.22 33.58
CA ARG A 160 -10.95 -18.85 34.88
C ARG A 160 -9.66 -19.20 35.68
N THR A 161 -8.59 -19.45 34.93
CA THR A 161 -7.29 -19.76 35.53
C THR A 161 -6.71 -18.61 36.37
N PHE A 162 -7.22 -17.39 36.15
CA PHE A 162 -6.80 -16.23 36.90
C PHE A 162 -7.51 -16.10 38.25
N ALA A 163 -8.51 -16.94 38.51
CA ALA A 163 -9.38 -16.71 39.67
C ALA A 163 -8.94 -17.44 40.93
N LYS A 164 -9.10 -16.75 42.06
CA LYS A 164 -9.58 -17.33 43.33
C LYS A 164 -9.45 -16.36 44.50
N LEU B 1 -7.49 -29.46 24.93
CA LEU B 1 -7.34 -28.48 23.81
C LEU B 1 -6.20 -27.48 24.04
N PHE B 2 -5.89 -27.26 25.32
CA PHE B 2 -4.78 -26.39 25.76
C PHE B 2 -4.28 -26.83 27.14
N ASN B 3 -3.08 -26.38 27.52
CA ASN B 3 -2.48 -26.78 28.80
C ASN B 3 -2.14 -25.62 29.73
N PRO B 4 -3.05 -25.31 30.68
CA PRO B 4 -2.93 -24.20 31.64
C PRO B 4 -1.61 -24.21 32.42
N GLU B 5 -1.07 -25.42 32.64
CA GLU B 5 0.16 -25.61 33.41
C GLU B 5 1.41 -24.96 32.81
N GLU B 6 1.34 -24.62 31.52
CA GLU B 6 2.45 -24.04 30.76
C GLU B 6 2.32 -22.50 30.65
N PHE B 7 1.17 -21.95 31.00
CA PHE B 7 0.98 -20.49 31.01
C PHE B 7 2.00 -19.72 31.87
N MET B 8 2.41 -18.55 31.38
CA MET B 8 3.20 -17.58 32.17
C MET B 8 2.40 -17.14 33.39
N PRO B 9 3.03 -17.17 34.58
CA PRO B 9 2.29 -16.72 35.76
C PRO B 9 2.11 -15.20 35.76
N LEU B 10 1.09 -14.75 36.47
CA LEU B 10 0.83 -13.32 36.67
C LEU B 10 1.82 -12.70 37.66
N ASP B 11 2.14 -11.42 37.47
CA ASP B 11 3.12 -10.70 38.30
C ASP B 11 2.63 -9.29 38.54
N PRO B 12 1.71 -9.11 39.50
CA PRO B 12 1.05 -7.82 39.75
C PRO B 12 2.02 -6.64 40.02
N THR B 13 3.25 -6.90 40.48
CA THR B 13 4.22 -5.81 40.70
C THR B 13 4.87 -5.29 39.42
N GLN B 14 4.78 -6.07 38.33
CA GLN B 14 5.45 -5.77 37.05
C GLN B 14 4.58 -5.04 36.01
N GLU B 15 3.44 -4.53 36.43
CA GLU B 15 2.52 -3.87 35.49
C GLU B 15 3.05 -2.50 35.00
N PRO B 16 2.70 -2.07 33.75
CA PRO B 16 2.96 -0.69 33.33
C PRO B 16 2.67 0.34 34.41
N ILE B 17 3.71 1.08 34.79
CA ILE B 17 3.65 2.11 35.84
C ILE B 17 2.64 3.22 35.51
N PHE B 18 1.99 3.80 36.53
CA PHE B 18 1.16 4.99 36.34
C PHE B 18 2.10 6.16 36.03
N PRO B 19 1.87 6.88 34.90
CA PRO B 19 2.84 7.90 34.43
C PRO B 19 3.27 8.88 35.53
N PRO B 20 4.55 8.83 35.95
CA PRO B 20 5.01 9.74 36.99
C PRO B 20 4.80 11.21 36.63
N GLU B 21 4.98 11.58 35.36
CA GLU B 21 4.75 12.96 35.00
C GLU B 21 3.32 13.36 35.35
N LEU B 22 2.35 12.52 34.98
CA LEU B 22 0.95 12.73 35.38
C LEU B 22 0.81 12.92 36.87
N LEU B 23 1.50 12.07 37.62
CA LEU B 23 1.45 12.17 39.05
C LEU B 23 1.90 13.56 39.50
N ARG B 24 3.01 14.07 38.96
CA ARG B 24 3.50 15.42 39.30
C ARG B 24 2.48 16.52 39.01
N LEU B 25 1.73 16.35 37.93
CA LEU B 25 0.73 17.34 37.50
C LEU B 25 -0.52 17.39 38.39
N LYS B 26 -0.66 16.45 39.33
CA LYS B 26 -1.82 16.43 40.25
C LYS B 26 -1.79 17.60 41.25
N ASP B 27 -0.64 18.23 41.37
CA ASP B 27 -0.46 19.34 42.29
C ASP B 27 -0.98 20.66 41.70
N VAL B 28 -0.81 20.82 40.38
CA VAL B 28 -1.44 21.89 39.59
C VAL B 28 -2.87 22.17 40.06
N PRO B 29 -3.13 23.40 40.53
CA PRO B 29 -4.50 23.75 40.91
C PRO B 29 -5.44 23.70 39.69
N PRO B 30 -6.55 22.96 39.81
CA PRO B 30 -7.52 22.86 38.72
C PRO B 30 -8.07 24.22 38.29
N LYS B 31 -8.18 24.42 36.99
CA LYS B 31 -8.79 25.64 36.49
C LYS B 31 -9.61 25.35 35.26
N GLN B 32 -10.60 26.21 35.02
CA GLN B 32 -11.43 26.18 33.82
C GLN B 32 -10.62 26.11 32.53
N LEU B 33 -11.01 25.20 31.63
CA LEU B 33 -10.36 25.06 30.33
C LEU B 33 -11.36 25.32 29.22
N ARG B 34 -10.85 25.84 28.09
CA ARG B 34 -11.67 26.13 26.94
C ARG B 34 -11.07 25.45 25.72
N PHE B 35 -11.89 24.67 25.03
CA PHE B 35 -11.51 24.00 23.80
C PHE B 35 -12.42 24.48 22.70
N GLU B 36 -11.87 24.69 21.50
CA GLU B 36 -12.66 25.23 20.42
C GLU B 36 -12.53 24.37 19.17
N GLY B 37 -13.67 23.96 18.64
CA GLY B 37 -13.68 23.08 17.50
C GLY B 37 -14.23 23.78 16.29
N GLU B 38 -14.41 23.01 15.24
CA GLU B 38 -14.94 23.50 14.00
C GLU B 38 -16.34 24.00 14.21
N ARG B 39 -17.04 23.36 15.16
CA ARG B 39 -18.44 23.61 15.41
C ARG B 39 -18.75 23.85 16.89
N VAL B 40 -17.95 23.27 17.79
CA VAL B 40 -18.30 23.27 19.20
C VAL B 40 -17.25 23.95 20.04
N THR B 41 -17.71 24.69 21.04
CA THR B 41 -16.84 25.17 22.12
C THR B 41 -17.13 24.43 23.44
N TRP B 42 -16.09 23.91 24.05
CA TRP B 42 -16.24 23.11 25.26
C TRP B 42 -15.61 23.87 26.40
N ILE B 43 -16.35 24.07 27.46
CA ILE B 43 -15.77 24.59 28.70
C ILE B 43 -15.72 23.53 29.78
N GLN B 44 -14.53 23.29 30.30
CA GLN B 44 -14.38 22.40 31.40
C GLN B 44 -14.41 23.21 32.70
N ALA B 45 -15.57 23.22 33.37
CA ALA B 45 -15.77 23.99 34.60
C ALA B 45 -15.04 23.33 35.76
N SER B 46 -14.36 24.12 36.57
CA SER B 46 -13.58 23.57 37.69
C SER B 46 -14.28 23.75 39.03
N THR B 47 -15.14 24.76 39.11
CA THR B 47 -15.89 25.06 40.31
C THR B 47 -17.38 25.14 40.03
N LEU B 48 -18.17 24.86 41.06
CA LEU B 48 -19.61 25.02 40.97
C LEU B 48 -20.01 26.45 40.64
N LYS B 49 -19.34 27.44 41.24
CA LYS B 49 -19.68 28.83 40.97
C LYS B 49 -19.54 29.10 39.49
N GLU B 50 -18.42 28.64 38.92
CA GLU B 50 -18.13 28.78 37.50
C GLU B 50 -19.24 28.19 36.64
N LEU B 51 -19.63 26.95 36.95
CA LEU B 51 -20.71 26.26 36.26
C LEU B 51 -21.98 27.10 36.25
N LEU B 52 -22.29 27.72 37.39
CA LEU B 52 -23.53 28.46 37.52
C LEU B 52 -23.48 29.80 36.80
N ASP B 53 -22.33 30.47 36.87
CA ASP B 53 -22.09 31.67 36.05
C ASP B 53 -22.20 31.34 34.57
N LEU B 54 -21.51 30.27 34.16
CA LEU B 54 -21.56 29.82 32.76
C LEU B 54 -22.97 29.51 32.32
N LYS B 55 -23.74 28.89 33.19
CA LYS B 55 -25.11 28.55 32.87
C LYS B 55 -26.02 29.78 32.74
N ALA B 56 -25.80 30.78 33.60
CA ALA B 56 -26.53 32.03 33.50
C ALA B 56 -26.14 32.80 32.24
N GLN B 57 -24.84 32.83 31.95
CA GLN B 57 -24.30 33.49 30.76
C GLN B 57 -24.76 32.84 29.44
N HIS B 58 -24.92 31.51 29.45
CA HIS B 58 -25.30 30.76 28.27
C HIS B 58 -26.25 29.64 28.70
N PRO B 59 -27.56 29.95 28.90
CA PRO B 59 -28.50 28.93 29.34
C PRO B 59 -28.69 27.81 28.31
N GLU B 60 -28.39 28.10 27.05
CA GLU B 60 -28.48 27.13 25.97
C GLU B 60 -27.34 26.09 26.02
N ALA B 61 -26.30 26.40 26.79
CA ALA B 61 -25.13 25.53 26.94
C ALA B 61 -25.53 24.12 27.37
N LYS B 62 -24.82 23.14 26.83
CA LYS B 62 -25.16 21.75 27.02
C LYS B 62 -24.21 21.10 28.02
N LEU B 63 -24.72 20.55 29.13
CA LEU B 63 -23.86 19.81 30.05
C LEU B 63 -23.51 18.48 29.41
N VAL B 64 -22.26 18.05 29.60
CA VAL B 64 -21.79 16.70 29.25
C VAL B 64 -20.93 16.14 30.40
N VAL B 65 -21.24 14.92 30.84
CA VAL B 65 -20.38 14.26 31.82
C VAL B 65 -19.80 13.03 31.12
N GLY B 66 -20.56 11.96 31.05
CA GLY B 66 -20.09 10.73 30.45
C GLY B 66 -20.26 10.68 28.94
N ASN B 67 -21.05 11.59 28.39
CA ASN B 67 -21.31 11.63 26.94
C ASN B 67 -21.99 10.36 26.39
N THR B 68 -22.42 9.44 27.25
CA THR B 68 -23.04 8.22 26.75
C THR B 68 -24.39 8.46 26.08
N GLU B 69 -24.95 9.65 26.25
CA GLU B 69 -26.21 9.98 25.62
C GLU B 69 -26.03 11.09 24.61
N ILE B 70 -25.36 12.16 25.01
CA ILE B 70 -25.00 13.24 24.11
C ILE B 70 -24.23 12.74 22.87
N GLY B 71 -23.30 11.79 23.07
CA GLY B 71 -22.56 11.22 21.95
C GLY B 71 -23.45 10.57 20.90
N ILE B 72 -24.48 9.88 21.38
CA ILE B 72 -25.47 9.20 20.55
C ILE B 72 -26.33 10.23 19.81
N GLU B 73 -26.79 11.24 20.55
CA GLU B 73 -27.54 12.35 20.00
C GLU B 73 -26.82 13.05 18.86
N MET B 74 -25.54 13.33 19.06
CA MET B 74 -24.75 13.99 18.02
C MET B 74 -24.49 13.08 16.82
N LYS B 75 -24.12 11.84 17.05
CA LYS B 75 -23.75 10.93 15.97
C LYS B 75 -24.96 10.47 15.16
N PHE B 76 -25.99 10.03 15.86
CA PHE B 76 -27.11 9.30 15.26
C PHE B 76 -28.39 10.11 15.07
N LYS B 77 -28.49 11.25 15.73
CA LYS B 77 -29.67 12.09 15.59
C LYS B 77 -29.29 13.44 15.01
N ASN B 78 -28.02 13.57 14.61
CA ASN B 78 -27.51 14.76 13.93
C ASN B 78 -27.73 16.08 14.70
N GLN B 79 -28.02 15.98 15.99
CA GLN B 79 -28.13 17.16 16.84
C GLN B 79 -26.73 17.74 17.09
N LEU B 80 -26.64 19.07 17.05
CA LEU B 80 -25.41 19.77 17.35
C LEU B 80 -25.65 20.80 18.45
N PHE B 81 -24.73 20.82 19.39
CA PHE B 81 -24.75 21.73 20.53
C PHE B 81 -23.48 22.56 20.45
N PRO B 82 -23.57 23.80 19.94
CA PRO B 82 -22.39 24.65 19.74
C PRO B 82 -21.61 25.01 21.02
N MET B 83 -22.23 24.90 22.18
CA MET B 83 -21.59 25.20 23.45
C MET B 83 -21.90 24.06 24.44
N ILE B 84 -20.85 23.43 24.95
CA ILE B 84 -20.94 22.32 25.91
C ILE B 84 -20.15 22.68 27.17
N ILE B 85 -20.70 22.41 28.34
CA ILE B 85 -19.94 22.60 29.58
C ILE B 85 -19.77 21.24 30.24
N CYS B 86 -18.54 20.88 30.58
CA CYS B 86 -18.30 19.64 31.33
C CYS B 86 -17.97 19.89 32.82
N PRO B 87 -18.89 19.52 33.72
CA PRO B 87 -18.75 19.75 35.15
C PRO B 87 -18.19 18.58 35.93
N ALA B 88 -17.65 17.57 35.23
CA ALA B 88 -17.17 16.36 35.88
C ALA B 88 -16.13 16.64 36.97
N TRP B 89 -15.42 17.75 36.85
CA TRP B 89 -14.37 18.05 37.82
C TRP B 89 -14.85 18.59 39.18
N ILE B 90 -16.09 19.09 39.20
CA ILE B 90 -16.61 19.86 40.34
C ILE B 90 -16.88 18.94 41.54
N PRO B 91 -16.25 19.21 42.71
CA PRO B 91 -16.33 18.30 43.86
C PRO B 91 -17.77 18.00 44.34
N GLU B 92 -18.64 19.01 44.30
CA GLU B 92 -20.01 18.89 44.78
C GLU B 92 -20.86 17.92 43.94
N LEU B 93 -20.55 17.82 42.64
CA LEU B 93 -21.31 16.99 41.73
C LEU B 93 -20.75 15.56 41.75
N ASN B 94 -19.73 15.33 42.57
CA ASN B 94 -19.15 13.99 42.77
C ASN B 94 -19.22 13.46 44.21
N ALA B 95 -19.78 14.26 45.10
CA ALA B 95 -19.78 13.93 46.52
C ALA B 95 -20.82 12.89 46.88
N VAL B 96 -20.39 11.89 47.66
CA VAL B 96 -21.24 10.83 48.18
C VAL B 96 -21.37 11.07 49.69
N GLU B 97 -22.57 11.47 50.15
CA GLU B 97 -22.79 11.93 51.53
C GLU B 97 -23.90 11.15 52.17
N HIS B 98 -23.58 10.44 53.25
CA HIS B 98 -24.56 9.76 54.09
C HIS B 98 -25.29 10.78 54.98
N GLY B 99 -26.60 10.57 55.17
CA GLY B 99 -27.44 11.52 55.91
C GLY B 99 -28.50 10.80 56.73
N PRO B 100 -29.32 11.56 57.49
CA PRO B 100 -30.35 10.89 58.32
C PRO B 100 -31.41 10.16 57.49
N GLU B 101 -31.81 10.75 56.38
CA GLU B 101 -32.90 10.19 55.57
C GLU B 101 -32.46 9.34 54.35
N GLY B 102 -31.19 9.40 53.98
CA GLY B 102 -30.69 8.55 52.87
C GLY B 102 -29.28 8.86 52.45
N ILE B 103 -28.90 8.37 51.27
CA ILE B 103 -27.55 8.52 50.75
C ILE B 103 -27.57 9.45 49.57
N SER B 104 -26.77 10.49 49.66
CA SER B 104 -26.76 11.47 48.60
C SER B 104 -25.57 11.26 47.66
N PHE B 105 -25.85 11.40 46.35
CA PHE B 105 -24.87 11.25 45.28
C PHE B 105 -24.87 12.53 44.47
N GLY B 106 -23.71 13.12 44.25
CA GLY B 106 -23.60 14.22 43.29
C GLY B 106 -24.05 13.76 41.90
N ALA B 107 -24.54 14.68 41.07
CA ALA B 107 -25.19 14.27 39.82
C ALA B 107 -24.20 13.66 38.82
N ALA B 108 -22.90 13.97 39.00
CA ALA B 108 -21.83 13.47 38.11
C ALA B 108 -21.33 12.08 38.48
N CYS B 109 -21.71 11.58 39.66
CA CYS B 109 -21.24 10.26 40.09
C CYS B 109 -21.57 9.18 39.05
N ALA B 110 -20.55 8.40 38.69
CA ALA B 110 -20.68 7.26 37.78
C ALA B 110 -21.58 6.19 38.37
N LEU B 111 -22.35 5.53 37.54
CA LEU B 111 -23.25 4.50 38.00
C LEU B 111 -22.48 3.42 38.76
N SER B 112 -21.21 3.17 38.40
CA SER B 112 -20.42 2.15 39.13
C SER B 112 -20.13 2.62 40.55
N SER B 113 -20.03 3.93 40.75
CA SER B 113 -19.79 4.49 42.10
C SER B 113 -21.05 4.38 42.96
N VAL B 114 -22.20 4.61 42.33
CA VAL B 114 -23.49 4.41 42.97
C VAL B 114 -23.65 2.94 43.35
N GLU B 115 -23.30 2.06 42.43
CA GLU B 115 -23.44 0.64 42.64
C GLU B 115 -22.52 0.17 43.76
N LYS B 116 -21.24 0.56 43.72
CA LYS B 116 -20.32 0.23 44.82
C LYS B 116 -20.89 0.69 46.16
N THR B 117 -21.31 1.97 46.23
CA THR B 117 -21.74 2.57 47.48
C THR B 117 -22.97 1.85 48.04
N LEU B 118 -23.90 1.52 47.13
CA LEU B 118 -25.14 0.86 47.55
C LEU B 118 -24.89 -0.57 47.96
N LEU B 119 -23.98 -1.27 47.31
CA LEU B 119 -23.66 -2.64 47.67
C LEU B 119 -23.07 -2.67 49.07
N GLU B 120 -22.28 -1.64 49.37
CA GLU B 120 -21.70 -1.48 50.69
C GLU B 120 -22.78 -1.28 51.77
N ALA B 121 -23.66 -0.29 51.53
CA ALA B 121 -24.83 -0.05 52.38
C ALA B 121 -25.68 -1.31 52.62
N VAL B 122 -26.02 -2.02 51.56
CA VAL B 122 -26.83 -3.21 51.68
C VAL B 122 -26.16 -4.29 52.55
N ALA B 123 -24.86 -4.51 52.36
CA ALA B 123 -24.16 -5.55 53.13
C ALA B 123 -24.04 -5.22 54.64
N LYS B 124 -24.14 -3.93 54.96
CA LYS B 124 -23.87 -3.41 56.30
C LYS B 124 -25.15 -3.03 57.08
N LEU B 125 -26.15 -2.52 56.37
CA LEU B 125 -27.36 -2.06 57.05
C LEU B 125 -28.40 -3.17 57.22
N PRO B 126 -29.34 -2.99 58.18
CA PRO B 126 -30.44 -3.94 58.28
C PRO B 126 -31.29 -3.91 57.01
N THR B 127 -31.75 -5.08 56.60
CA THR B 127 -32.62 -5.24 55.45
C THR B 127 -33.75 -4.19 55.39
N GLN B 128 -34.40 -3.92 56.52
CA GLN B 128 -35.54 -3.00 56.52
C GLN B 128 -35.20 -1.55 56.11
N LYS B 129 -33.91 -1.20 56.12
CA LYS B 129 -33.51 0.15 55.68
C LYS B 129 -33.02 0.18 54.22
N THR B 130 -32.78 -0.98 53.63
CA THR B 130 -32.17 -1.01 52.29
C THR B 130 -33.09 -1.36 51.12
N GLU B 131 -34.40 -1.35 51.35
CA GLU B 131 -35.37 -1.72 50.32
C GLU B 131 -35.22 -0.93 49.01
N VAL B 132 -35.10 0.39 49.09
CA VAL B 132 -34.96 1.21 47.87
C VAL B 132 -33.58 1.00 47.22
N PHE B 133 -32.52 0.90 48.04
CA PHE B 133 -31.17 0.59 47.56
C PHE B 133 -31.12 -0.71 46.77
N ARG B 134 -31.78 -1.76 47.28
CA ARG B 134 -31.77 -3.04 46.58
C ARG B 134 -32.54 -2.96 45.26
N GLY B 135 -33.59 -2.15 45.24
CA GLY B 135 -34.32 -1.84 44.00
C GLY B 135 -33.41 -1.23 42.95
N VAL B 136 -32.61 -0.23 43.35
CA VAL B 136 -31.69 0.43 42.43
C VAL B 136 -30.68 -0.59 41.90
N LEU B 137 -30.15 -1.41 42.79
CA LEU B 137 -29.16 -2.43 42.42
C LEU B 137 -29.72 -3.46 41.45
N GLU B 138 -30.97 -3.85 41.66
CA GLU B 138 -31.63 -4.79 40.74
C GLU B 138 -31.74 -4.18 39.36
N GLN B 139 -31.95 -2.87 39.29
CA GLN B 139 -32.03 -2.21 37.99
C GLN B 139 -30.66 -2.09 37.34
N LEU B 140 -29.65 -1.89 38.19
CA LEU B 140 -28.27 -1.82 37.72
C LEU B 140 -27.64 -3.18 37.39
N ARG B 141 -28.28 -4.30 37.73
CA ARG B 141 -27.64 -5.61 37.53
C ARG B 141 -27.27 -5.93 36.06
N TRP B 142 -28.27 -6.04 35.19
CA TRP B 142 -28.03 -6.35 33.77
C TRP B 142 -28.33 -5.09 32.97
N PHE B 143 -27.45 -4.13 33.16
CA PHE B 143 -27.59 -2.78 32.69
C PHE B 143 -26.27 -2.57 31.95
N ALA B 144 -26.31 -2.43 30.64
CA ALA B 144 -25.05 -2.12 29.93
C ALA B 144 -23.86 -3.05 30.29
N GLY B 145 -22.68 -2.48 30.42
CA GLY B 145 -21.47 -3.20 30.85
C GLY B 145 -20.61 -2.32 31.76
N LYS B 146 -19.47 -2.87 32.21
CA LYS B 146 -18.55 -2.17 33.11
C LYS B 146 -18.04 -0.85 32.49
N GLN B 147 -17.82 -0.87 31.18
CA GLN B 147 -17.34 0.31 30.44
C GLN B 147 -18.32 1.47 30.52
N VAL B 148 -19.60 1.20 30.30
CA VAL B 148 -20.61 2.26 30.29
C VAL B 148 -20.87 2.74 31.72
N LYS B 149 -20.93 1.78 32.63
CA LYS B 149 -21.22 2.11 34.03
C LYS B 149 -20.10 2.91 34.66
N SER B 150 -18.89 2.84 34.11
CA SER B 150 -17.76 3.56 34.73
C SER B 150 -17.80 5.03 34.37
N VAL B 151 -18.55 5.40 33.33
CA VAL B 151 -18.58 6.81 32.87
C VAL B 151 -19.96 7.46 32.85
N ALA B 152 -21.02 6.65 32.68
CA ALA B 152 -22.39 7.16 32.72
C ALA B 152 -22.71 7.70 34.10
N SER B 153 -23.16 8.96 34.16
CA SER B 153 -23.47 9.62 35.43
C SER B 153 -24.92 9.36 35.82
N LEU B 154 -25.13 9.41 37.14
CA LEU B 154 -26.45 9.24 37.72
C LEU B 154 -27.35 10.35 37.19
N GLY B 155 -26.91 11.61 37.30
CA GLY B 155 -27.68 12.75 36.82
C GLY B 155 -27.98 12.74 35.34
N GLY B 156 -27.04 12.26 34.56
CA GLY B 156 -27.27 12.08 33.12
C GLY B 156 -28.43 11.16 32.79
N ASN B 157 -28.59 10.03 33.51
CA ASN B 157 -29.75 9.14 33.30
C ASN B 157 -31.07 9.83 33.61
N ILE B 158 -31.10 10.50 34.74
CA ILE B 158 -32.31 11.16 35.19
C ILE B 158 -32.76 12.21 34.19
N ILE B 159 -31.84 13.09 33.81
CA ILE B 159 -32.19 14.25 33.00
C ILE B 159 -32.40 13.91 31.51
N THR B 160 -31.68 12.91 31.00
CA THR B 160 -31.98 12.39 29.66
C THR B 160 -33.48 12.12 29.55
N ALA B 161 -34.05 11.53 30.60
CA ALA B 161 -35.49 11.31 30.73
C ALA B 161 -36.04 10.45 29.60
N SER B 162 -35.35 9.34 29.34
CA SER B 162 -35.83 8.38 28.34
C SER B 162 -37.10 7.73 28.90
N PRO B 163 -38.13 7.51 28.03
CA PRO B 163 -39.29 6.77 28.46
C PRO B 163 -38.88 5.43 29.07
N ILE B 164 -37.78 4.84 28.62
CA ILE B 164 -37.39 3.49 29.08
C ILE B 164 -36.21 3.46 30.08
N SER B 165 -35.93 4.61 30.70
CA SER B 165 -34.95 4.67 31.80
C SER B 165 -35.36 3.68 32.88
N ASP B 166 -34.41 2.87 33.35
CA ASP B 166 -34.65 1.85 34.37
C ASP B 166 -34.55 2.45 35.76
N LEU B 167 -33.98 3.65 35.83
CA LEU B 167 -33.73 4.31 37.11
C LEU B 167 -34.84 5.27 37.51
N ASN B 168 -35.34 6.06 36.56
CA ASN B 168 -36.37 7.05 36.88
C ASN B 168 -37.65 6.52 37.52
N PRO B 169 -38.16 5.35 37.07
CA PRO B 169 -39.27 4.66 37.78
C PRO B 169 -39.02 4.32 39.25
N VAL B 170 -37.77 3.98 39.59
CA VAL B 170 -37.40 3.65 40.96
C VAL B 170 -37.29 4.94 41.79
N PHE B 171 -36.73 5.98 41.19
CA PHE B 171 -36.63 7.27 41.86
C PHE B 171 -37.98 7.92 42.05
N MET B 172 -38.89 7.73 41.09
CA MET B 172 -40.25 8.27 41.21
C MET B 172 -41.04 7.56 42.31
N ALA B 173 -41.04 6.23 42.28
CA ALA B 173 -41.78 5.44 43.27
C ALA B 173 -41.28 5.63 44.68
N SER B 174 -40.01 6.02 44.84
CA SER B 174 -39.45 6.17 46.18
C SER B 174 -39.37 7.64 46.59
N GLY B 175 -39.88 8.54 45.76
CA GLY B 175 -39.73 9.99 46.01
C GLY B 175 -38.29 10.38 46.38
N THR B 176 -37.31 9.82 45.65
CA THR B 176 -35.92 10.21 45.73
C THR B 176 -35.84 11.73 45.58
N LYS B 177 -35.04 12.38 46.46
CA LYS B 177 -34.94 13.86 46.45
C LYS B 177 -33.86 14.41 45.53
N LEU B 178 -34.25 15.41 44.72
CA LEU B 178 -33.36 16.03 43.77
C LEU B 178 -33.07 17.46 44.19
N THR B 179 -31.80 17.76 44.37
CA THR B 179 -31.37 19.14 44.66
C THR B 179 -30.94 19.82 43.38
N ILE B 180 -31.64 20.90 43.02
CA ILE B 180 -31.47 21.56 41.74
C ILE B 180 -31.08 23.02 41.95
N VAL B 181 -30.07 23.49 41.22
CA VAL B 181 -29.46 24.80 41.49
C VAL B 181 -29.30 25.62 40.21
N SER B 182 -29.43 26.94 40.33
CA SER B 182 -28.88 27.86 39.33
C SER B 182 -28.12 29.01 40.04
N ARG B 183 -27.58 29.97 39.27
CA ARG B 183 -27.01 31.17 39.89
C ARG B 183 -28.12 31.80 40.72
N GLY B 184 -28.00 31.67 42.03
CA GLY B 184 -29.03 32.10 42.95
C GLY B 184 -29.80 30.93 43.51
N THR B 185 -30.75 30.43 42.72
CA THR B 185 -31.73 29.43 43.13
C THR B 185 -31.12 28.14 43.67
N ARG B 186 -31.82 27.58 44.65
CA ARG B 186 -31.53 26.27 45.18
C ARG B 186 -32.83 25.69 45.66
N ARG B 187 -33.19 24.51 45.15
CA ARG B 187 -34.42 23.85 45.54
C ARG B 187 -34.31 22.32 45.52
N THR B 188 -34.78 21.68 46.59
CA THR B 188 -34.87 20.23 46.62
C THR B 188 -36.33 19.81 46.46
N VAL B 189 -36.57 18.86 45.55
CA VAL B 189 -37.92 18.35 45.32
C VAL B 189 -37.94 16.82 45.28
N PRO B 190 -38.96 16.18 45.90
CA PRO B 190 -39.02 14.73 45.68
C PRO B 190 -39.45 14.48 44.24
N MET B 191 -38.87 13.47 43.60
CA MET B 191 -39.31 13.12 42.25
C MET B 191 -40.71 12.51 42.31
N ASP B 192 -41.61 13.09 41.52
CA ASP B 192 -42.94 12.57 41.40
C ASP B 192 -43.38 12.70 39.98
N HIS B 193 -44.67 12.45 39.76
CA HIS B 193 -45.22 12.32 38.42
C HIS B 193 -45.05 13.61 37.61
N THR B 194 -45.02 14.77 38.28
CA THR B 194 -44.92 16.05 37.58
C THR B 194 -43.51 16.40 37.06
N PHE B 195 -42.48 15.67 37.49
CA PHE B 195 -41.10 15.98 37.12
C PHE B 195 -40.82 15.78 35.62
N PHE B 196 -41.63 14.95 34.96
CA PHE B 196 -41.47 14.64 33.55
C PHE B 196 -42.75 15.07 32.82
N PRO B 197 -42.81 16.33 32.40
CA PRO B 197 -44.05 16.85 31.80
C PRO B 197 -44.33 16.30 30.40
N SER B 198 -43.30 16.25 29.56
CA SER B 198 -43.42 15.71 28.20
C SER B 198 -42.21 14.89 27.76
N TYR B 199 -42.26 14.37 26.55
CA TYR B 199 -41.19 13.52 26.01
C TYR B 199 -39.83 14.18 26.17
N ARG B 200 -38.95 13.45 26.85
CA ARG B 200 -37.56 13.84 27.05
C ARG B 200 -37.35 15.19 27.75
N LYS B 201 -38.37 15.66 28.47
CA LYS B 201 -38.27 16.89 29.23
C LYS B 201 -38.40 16.62 30.72
N THR B 202 -37.72 17.44 31.52
CA THR B 202 -37.86 17.42 32.97
C THR B 202 -38.34 18.78 33.42
N LEU B 203 -38.76 18.87 34.68
CA LEU B 203 -39.18 20.14 35.21
C LEU B 203 -37.96 20.91 35.74
N LEU B 204 -37.14 21.39 34.80
CA LEU B 204 -36.00 22.28 35.10
C LEU B 204 -36.12 23.53 34.26
N GLY B 205 -35.68 24.67 34.79
CA GLY B 205 -35.51 25.87 33.97
C GLY B 205 -34.22 25.74 33.18
N PRO B 206 -34.11 26.42 32.02
CA PRO B 206 -32.96 26.32 31.12
C PRO B 206 -31.57 26.56 31.78
N GLU B 207 -31.55 27.26 32.91
CA GLU B 207 -30.30 27.59 33.60
C GLU B 207 -30.04 26.70 34.81
N GLU B 208 -30.93 25.77 35.09
CA GLU B 208 -30.75 24.92 36.27
C GLU B 208 -29.92 23.69 35.94
N ILE B 209 -29.20 23.21 36.93
CA ILE B 209 -28.45 21.96 36.81
C ILE B 209 -28.84 21.08 37.99
N LEU B 210 -28.87 19.77 37.79
CA LEU B 210 -29.13 18.88 38.88
C LEU B 210 -27.83 18.74 39.64
N LEU B 211 -27.85 19.05 40.94
CA LEU B 211 -26.63 18.95 41.77
C LEU B 211 -26.46 17.59 42.39
N SER B 212 -27.53 17.11 43.03
CA SER B 212 -27.41 15.90 43.83
C SER B 212 -28.75 15.18 43.96
N ILE B 213 -28.64 13.89 44.28
CA ILE B 213 -29.76 12.96 44.31
C ILE B 213 -29.68 12.17 45.60
N GLU B 214 -30.67 12.30 46.47
CA GLU B 214 -30.65 11.52 47.71
C GLU B 214 -31.61 10.35 47.65
N ILE B 215 -31.06 9.15 47.63
CA ILE B 215 -31.85 7.94 47.58
C ILE B 215 -32.20 7.56 49.00
N PRO B 216 -33.52 7.44 49.29
CA PRO B 216 -33.92 7.29 50.70
C PRO B 216 -33.68 5.93 51.33
N TYR B 217 -33.39 5.94 52.63
CA TYR B 217 -33.57 4.75 53.44
C TYR B 217 -35.05 4.37 53.42
N SER B 218 -35.33 3.09 53.54
CA SER B 218 -36.70 2.61 53.65
C SER B 218 -37.04 2.56 55.14
N ARG B 219 -38.33 2.76 55.46
CA ARG B 219 -38.77 2.82 56.87
C ARG B 219 -39.33 1.46 57.28
N GLU B 220 -39.69 1.35 58.55
CA GLU B 220 -40.47 0.19 59.01
C GLU B 220 -41.75 0.12 58.21
N ASP B 221 -42.23 -1.09 57.96
CA ASP B 221 -43.50 -1.30 57.25
C ASP B 221 -43.46 -0.77 55.79
N GLU B 222 -42.24 -0.64 55.24
CA GLU B 222 -42.04 -0.13 53.87
C GLU B 222 -41.32 -1.18 53.02
N PHE B 223 -41.83 -1.43 51.82
CA PHE B 223 -41.25 -2.45 50.94
C PHE B 223 -41.13 -1.95 49.51
N PHE B 224 -40.18 -2.50 48.75
CA PHE B 224 -39.85 -1.97 47.45
C PHE B 224 -39.41 -3.10 46.55
N SER B 225 -39.88 -3.05 45.31
CA SER B 225 -39.35 -3.90 44.25
C SER B 225 -39.18 -3.06 42.99
N ALA B 226 -38.32 -3.56 42.10
CA ALA B 226 -38.09 -2.97 40.78
C ALA B 226 -38.00 -4.14 39.84
N PHE B 227 -38.59 -4.02 38.66
CA PHE B 227 -38.53 -5.10 37.67
C PHE B 227 -38.28 -4.50 36.32
N LYS B 228 -37.78 -5.29 35.37
CA LYS B 228 -37.69 -4.86 33.97
C LYS B 228 -37.80 -5.99 32.94
N GLN B 229 -38.41 -5.62 31.82
CA GLN B 229 -38.43 -6.39 30.58
C GLN B 229 -37.00 -6.66 30.13
N ALA B 230 -36.71 -7.90 29.73
CA ALA B 230 -35.37 -8.27 29.30
C ALA B 230 -35.31 -8.40 27.78
N SER B 231 -36.05 -7.54 27.11
CA SER B 231 -36.03 -7.40 25.66
C SER B 231 -36.16 -5.91 25.35
N ARG B 232 -35.47 -5.44 24.32
CA ARG B 232 -35.63 -4.06 23.87
C ARG B 232 -35.50 -4.09 22.36
N ARG B 233 -36.48 -3.53 21.65
CA ARG B 233 -36.58 -3.65 20.19
C ARG B 233 -36.66 -2.29 19.45
N GLU B 234 -36.76 -1.22 20.23
CA GLU B 234 -36.87 0.14 19.70
C GLU B 234 -35.94 1.05 20.51
N ASP B 235 -35.51 2.12 19.86
CA ASP B 235 -34.50 2.99 20.42
C ASP B 235 -34.81 3.46 21.83
N ASP B 236 -35.95 4.11 22.04
CA ASP B 236 -36.25 4.62 23.38
C ASP B 236 -37.69 4.51 23.86
N ILE B 237 -38.43 3.52 23.36
CA ILE B 237 -39.79 3.27 23.83
C ILE B 237 -40.06 1.78 24.07
N ALA B 238 -41.13 1.50 24.81
CA ALA B 238 -41.77 0.17 24.78
C ALA B 238 -40.93 -0.95 25.37
N LYS B 239 -40.17 -0.60 26.40
CA LYS B 239 -39.50 -1.57 27.23
C LYS B 239 -40.02 -1.31 28.66
N VAL B 240 -40.77 -2.27 29.19
CA VAL B 240 -41.43 -2.12 30.48
C VAL B 240 -40.42 -2.26 31.63
N THR B 241 -40.46 -1.28 32.53
CA THR B 241 -39.57 -1.21 33.66
C THR B 241 -40.28 -0.45 34.77
N CYS B 242 -40.05 -0.84 36.01
CA CYS B 242 -40.82 -0.25 37.08
C CYS B 242 -40.15 -0.20 38.45
N GLY B 243 -40.63 0.75 39.26
CA GLY B 243 -40.34 0.80 40.67
C GLY B 243 -41.68 0.70 41.36
N MET B 244 -41.73 -0.17 42.39
CA MET B 244 -42.95 -0.35 43.17
C MET B 244 -42.68 -0.25 44.68
N ARG B 245 -43.48 0.58 45.34
CA ARG B 245 -43.33 0.87 46.79
C ARG B 245 -44.67 0.78 47.54
N VAL B 246 -44.65 0.20 48.72
CA VAL B 246 -45.82 0.23 49.59
C VAL B 246 -45.39 0.57 51.02
N LEU B 247 -46.13 1.46 51.65
CA LEU B 247 -46.01 1.69 53.09
C LEU B 247 -47.30 1.26 53.79
N PHE B 248 -47.14 0.47 54.85
CA PHE B 248 -48.26 0.07 55.66
C PHE B 248 -48.42 0.97 56.91
N GLN B 249 -49.61 1.01 57.49
CA GLN B 249 -49.84 1.57 58.82
C GLN B 249 -49.09 0.64 59.80
N PRO B 250 -48.48 1.20 60.87
CA PRO B 250 -47.54 0.43 61.72
C PRO B 250 -48.00 -0.95 62.15
N GLY B 251 -47.12 -1.93 62.02
CA GLY B 251 -47.41 -3.35 62.31
C GLY B 251 -48.54 -4.01 61.53
N SER B 252 -49.09 -3.35 60.50
CA SER B 252 -50.28 -3.88 59.80
C SER B 252 -50.06 -4.19 58.32
N MET B 253 -51.09 -4.75 57.69
CA MET B 253 -51.13 -4.98 56.25
C MET B 253 -52.11 -4.03 55.61
N GLN B 254 -52.27 -2.87 56.23
CA GLN B 254 -53.18 -1.88 55.72
C GLN B 254 -52.40 -0.75 55.07
N VAL B 255 -52.73 -0.53 53.80
CA VAL B 255 -52.00 0.36 52.92
C VAL B 255 -52.12 1.79 53.39
N LYS B 256 -50.98 2.44 53.60
CA LYS B 256 -50.91 3.88 53.87
C LYS B 256 -50.49 4.67 52.64
N GLU B 257 -49.51 4.14 51.92
CA GLU B 257 -49.01 4.75 50.70
C GLU B 257 -48.73 3.66 49.67
N LEU B 258 -48.96 3.93 48.38
CA LEU B 258 -48.62 2.94 47.33
C LEU B 258 -48.21 3.67 46.06
N ALA B 259 -47.11 3.23 45.46
CA ALA B 259 -46.57 3.87 44.25
C ALA B 259 -46.17 2.81 43.25
N LEU B 260 -46.75 2.88 42.07
CA LEU B 260 -46.37 2.02 40.98
C LEU B 260 -46.01 2.95 39.85
N CYS B 261 -44.71 2.99 39.53
CA CYS B 261 -44.22 3.85 38.50
C CYS B 261 -43.66 2.99 37.36
N TYR B 262 -43.89 3.44 36.12
CA TYR B 262 -43.55 2.61 34.97
C TYR B 262 -42.87 3.39 33.87
N GLY B 263 -41.80 2.77 33.35
CA GLY B 263 -41.23 3.14 32.06
C GLY B 263 -41.81 2.26 30.95
N GLY B 264 -41.66 2.69 29.70
CA GLY B 264 -42.03 1.87 28.54
C GLY B 264 -43.50 1.69 28.22
N MET B 265 -44.35 2.52 28.84
CA MET B 265 -45.80 2.45 28.70
C MET B 265 -46.40 3.76 28.18
N ALA B 266 -45.54 4.72 27.89
CA ALA B 266 -45.94 6.07 27.44
C ALA B 266 -44.67 6.75 26.95
N ASP B 267 -44.77 8.02 26.57
CA ASP B 267 -43.59 8.76 26.11
C ASP B 267 -42.76 9.38 27.26
N ARG B 268 -43.00 8.89 28.48
CA ARG B 268 -42.22 9.28 29.64
C ARG B 268 -42.51 8.31 30.78
N THR B 269 -41.72 8.44 31.85
CA THR B 269 -42.00 7.71 33.09
C THR B 269 -43.28 8.21 33.73
N ILE B 270 -44.14 7.29 34.13
CA ILE B 270 -45.47 7.64 34.66
C ILE B 270 -45.81 6.85 35.94
N SER B 271 -46.73 7.41 36.74
CA SER B 271 -47.24 6.77 37.95
C SER B 271 -48.71 6.31 37.74
N ALA B 272 -49.06 5.11 38.19
CA ALA B 272 -50.44 4.63 38.14
C ALA B 272 -51.26 5.24 39.32
N LEU B 273 -51.34 6.57 39.33
CA LEU B 273 -51.91 7.32 40.44
C LEU B 273 -53.38 7.01 40.73
N LYS B 274 -54.20 6.97 39.68
CA LYS B 274 -55.64 6.67 39.85
C LYS B 274 -55.79 5.34 40.59
N THR B 275 -55.13 4.31 40.06
CA THR B 275 -55.13 2.97 40.65
C THR B 275 -54.66 2.91 42.10
N THR B 276 -53.53 3.54 42.40
CA THR B 276 -52.93 3.40 43.74
C THR B 276 -53.68 4.22 44.78
N GLN B 277 -54.23 5.37 44.36
CA GLN B 277 -55.02 6.19 45.27
C GLN B 277 -56.24 5.42 45.78
N LYS B 278 -56.77 4.50 44.99
CA LYS B 278 -57.96 3.77 45.45
C LYS B 278 -57.68 2.57 46.38
N GLN B 279 -56.41 2.22 46.59
CA GLN B 279 -56.08 1.14 47.52
C GLN B 279 -55.69 1.64 48.92
N LEU B 280 -55.73 2.95 49.14
CA LEU B 280 -55.33 3.49 50.44
C LEU B 280 -56.33 3.10 51.55
N SER B 281 -55.80 2.64 52.68
CA SER B 281 -56.54 1.97 53.77
C SER B 281 -57.02 0.52 53.52
N LYS B 282 -56.86 0.03 52.29
CA LYS B 282 -57.18 -1.37 51.94
C LYS B 282 -56.16 -2.37 52.48
N PHE B 283 -56.56 -3.62 52.58
CA PHE B 283 -55.66 -4.65 53.09
C PHE B 283 -54.95 -5.42 51.98
N TRP B 284 -53.73 -5.89 52.26
CA TRP B 284 -52.89 -6.57 51.24
C TRP B 284 -53.36 -7.98 50.98
N ASN B 285 -54.35 -8.12 50.09
CA ASN B 285 -54.94 -9.44 49.82
C ASN B 285 -55.41 -9.66 48.39
N GLU B 286 -56.05 -10.80 48.13
CA GLU B 286 -56.51 -11.14 46.77
C GLU B 286 -57.43 -10.09 46.17
N LYS B 287 -58.19 -9.41 47.00
CA LYS B 287 -59.10 -8.38 46.52
C LYS B 287 -58.32 -7.14 46.04
N LEU B 288 -57.29 -6.76 46.80
CA LEU B 288 -56.40 -5.69 46.37
C LEU B 288 -55.66 -6.05 45.06
N LEU B 289 -55.19 -7.29 44.96
CA LEU B 289 -54.54 -7.78 43.74
C LEU B 289 -55.45 -7.61 42.53
N GLN B 290 -56.69 -8.12 42.64
CA GLN B 290 -57.70 -7.99 41.57
C GLN B 290 -57.92 -6.52 41.19
N ASP B 291 -58.03 -5.67 42.20
CA ASP B 291 -58.42 -4.29 41.97
C ASP B 291 -57.28 -3.51 41.37
N VAL B 292 -56.05 -3.79 41.81
CA VAL B 292 -54.89 -3.11 41.24
C VAL B 292 -54.71 -3.59 39.81
N CYS B 293 -54.77 -4.89 39.60
CA CYS B 293 -54.72 -5.43 38.23
C CYS B 293 -55.82 -4.83 37.30
N ALA B 294 -57.04 -4.65 37.80
CA ALA B 294 -58.08 -3.97 37.00
C ALA B 294 -57.76 -2.51 36.71
N GLY B 295 -57.19 -1.81 37.69
CA GLY B 295 -56.85 -0.40 37.50
C GLY B 295 -55.69 -0.26 36.55
N LEU B 296 -54.70 -1.16 36.68
CA LEU B 296 -53.55 -1.14 35.79
C LEU B 296 -53.94 -1.41 34.35
N ALA B 297 -54.77 -2.42 34.14
CA ALA B 297 -55.26 -2.76 32.81
C ALA B 297 -55.91 -1.54 32.17
N GLU B 298 -56.66 -0.76 32.95
CA GLU B 298 -57.37 0.41 32.41
C GLU B 298 -56.46 1.63 32.27
N GLU B 299 -55.84 2.05 33.36
CA GLU B 299 -55.01 3.25 33.37
C GLU B 299 -53.81 3.21 32.41
N LEU B 300 -53.17 2.05 32.28
CA LEU B 300 -52.01 1.94 31.39
C LEU B 300 -52.35 1.30 30.03
N SER B 301 -53.65 1.25 29.69
CA SER B 301 -54.07 0.63 28.42
C SER B 301 -53.45 1.35 27.24
N LEU B 302 -53.06 0.56 26.24
CA LEU B 302 -52.37 1.05 25.07
C LEU B 302 -53.28 0.89 23.88
N SER B 303 -53.36 1.90 23.01
CA SER B 303 -54.11 1.76 21.77
C SER B 303 -53.39 0.75 20.88
N PRO B 304 -54.14 0.03 20.02
CA PRO B 304 -53.54 -1.00 19.15
C PRO B 304 -52.36 -0.48 18.33
N ASP B 305 -52.37 0.82 18.05
CA ASP B 305 -51.33 1.47 17.25
C ASP B 305 -50.26 2.15 18.09
N ALA B 306 -50.16 1.79 19.37
CA ALA B 306 -49.22 2.47 20.28
C ALA B 306 -47.81 2.31 19.71
N PRO B 307 -46.98 3.36 19.83
CA PRO B 307 -45.60 3.29 19.33
C PRO B 307 -44.87 2.18 20.09
N GLY B 308 -44.19 1.31 19.36
CA GLY B 308 -43.44 0.22 19.98
C GLY B 308 -44.12 -1.14 19.93
N GLY B 309 -45.42 -1.17 19.63
CA GLY B 309 -46.18 -2.43 19.50
C GLY B 309 -46.05 -3.27 20.78
N MET B 310 -46.00 -4.59 20.63
CA MET B 310 -45.95 -5.50 21.81
C MET B 310 -47.05 -5.18 22.83
N ILE B 311 -48.23 -4.82 22.34
CA ILE B 311 -49.31 -4.25 23.14
C ILE B 311 -49.75 -5.20 24.25
N GLU B 312 -50.04 -6.45 23.87
CA GLU B 312 -50.46 -7.50 24.82
C GLU B 312 -49.38 -7.84 25.86
N PHE B 313 -48.19 -8.19 25.38
CA PHE B 313 -47.03 -8.46 26.23
C PHE B 313 -46.79 -7.32 27.23
N ARG B 314 -46.88 -6.07 26.79
CA ARG B 314 -46.59 -4.98 27.72
C ARG B 314 -47.67 -4.87 28.81
N ARG B 315 -48.94 -4.91 28.43
CA ARG B 315 -49.99 -4.94 29.44
C ARG B 315 -49.78 -6.12 30.40
N THR B 316 -49.49 -7.29 29.84
CA THR B 316 -49.29 -8.47 30.68
C THR B 316 -48.16 -8.25 31.67
N LEU B 317 -47.06 -7.62 31.22
CA LEU B 317 -45.92 -7.38 32.12
C LEU B 317 -46.29 -6.42 33.24
N THR B 318 -47.03 -5.34 32.93
CA THR B 318 -47.41 -4.42 34.02
C THR B 318 -48.16 -5.16 35.10
N LEU B 319 -49.03 -6.09 34.69
CA LEU B 319 -49.75 -6.85 35.68
C LEU B 319 -48.89 -7.93 36.35
N SER B 320 -48.08 -8.62 35.56
CA SER B 320 -47.27 -9.75 36.07
C SER B 320 -46.21 -9.24 37.05
N PHE B 321 -45.67 -8.06 36.77
CA PHE B 321 -44.71 -7.39 37.69
C PHE B 321 -45.38 -7.03 39.02
N PHE B 322 -46.55 -6.40 38.97
CA PHE B 322 -47.27 -6.17 40.21
C PHE B 322 -47.53 -7.48 40.96
N PHE B 323 -47.84 -8.55 40.25
CA PHE B 323 -48.06 -9.82 40.91
C PHE B 323 -46.81 -10.28 41.67
N LYS B 324 -45.64 -10.16 41.03
CA LYS B 324 -44.37 -10.48 41.71
C LYS B 324 -44.18 -9.61 42.97
N PHE B 325 -44.40 -8.30 42.84
CA PHE B 325 -44.36 -7.37 43.97
C PHE B 325 -45.32 -7.79 45.11
N TYR B 326 -46.59 -8.03 44.76
CA TYR B 326 -47.61 -8.55 45.71
C TYR B 326 -47.16 -9.80 46.51
N LEU B 327 -46.62 -10.80 45.83
CA LEU B 327 -46.15 -12.01 46.48
C LEU B 327 -44.90 -11.74 47.32
N THR B 328 -44.06 -10.81 46.87
CA THR B 328 -42.80 -10.56 47.55
C THR B 328 -43.12 -9.86 48.87
N VAL B 329 -43.99 -8.87 48.81
CA VAL B 329 -44.50 -8.11 49.96
C VAL B 329 -45.15 -9.02 50.99
N LEU B 330 -45.99 -9.95 50.55
CA LEU B 330 -46.55 -10.99 51.43
C LEU B 330 -45.49 -11.83 52.13
N LYS B 331 -44.43 -12.20 51.39
CA LYS B 331 -43.31 -12.94 51.95
C LYS B 331 -42.53 -12.09 52.94
N LYS B 332 -42.40 -10.80 52.66
CA LYS B 332 -41.69 -9.89 53.58
C LYS B 332 -42.54 -9.58 54.81
N LEU B 333 -43.85 -9.44 54.62
CA LEU B 333 -44.82 -9.30 55.71
C LEU B 333 -44.92 -10.60 56.52
N GLY B 334 -45.54 -11.62 55.95
CA GLY B 334 -45.82 -12.88 56.67
C GLY B 334 -44.58 -13.73 56.74
N ASP C 1 4.19 -33.64 12.19
CA ASP C 1 2.82 -33.84 11.63
C ASP C 1 1.77 -33.31 12.61
N THR C 2 1.18 -32.14 12.34
CA THR C 2 0.28 -31.54 13.30
C THR C 2 -1.19 -31.84 13.00
N VAL C 3 -1.47 -32.57 11.91
CA VAL C 3 -2.86 -32.88 11.56
C VAL C 3 -3.50 -33.72 12.67
N GLY C 4 -4.63 -33.24 13.18
CA GLY C 4 -5.31 -33.89 14.29
C GLY C 4 -4.91 -33.34 15.64
N ARG C 5 -3.97 -32.37 15.65
CA ARG C 5 -3.51 -31.72 16.87
C ARG C 5 -4.25 -30.38 17.05
N PRO C 6 -4.54 -30.00 18.31
CA PRO C 6 -5.26 -28.74 18.63
C PRO C 6 -4.40 -27.48 18.53
N LEU C 7 -3.86 -27.24 17.34
CA LEU C 7 -2.97 -26.11 17.13
C LEU C 7 -3.76 -24.80 17.21
N PRO C 8 -3.33 -23.83 18.05
CA PRO C 8 -4.03 -22.56 17.98
C PRO C 8 -4.01 -21.89 16.61
N HIS C 9 -5.11 -21.21 16.29
CA HIS C 9 -5.18 -20.27 15.18
C HIS C 9 -3.85 -19.51 15.08
N LEU C 10 -3.25 -19.52 13.90
CA LEU C 10 -1.90 -19.00 13.76
C LEU C 10 -1.79 -17.53 14.04
N ALA C 11 -2.90 -16.80 13.85
CA ALA C 11 -2.89 -15.33 14.08
C ALA C 11 -3.35 -14.97 15.48
N ALA C 12 -3.60 -15.96 16.34
CA ALA C 12 -4.29 -15.71 17.61
C ALA C 12 -3.50 -14.80 18.56
N ALA C 13 -2.18 -15.00 18.65
CA ALA C 13 -1.34 -14.17 19.51
C ALA C 13 -1.36 -12.71 19.01
N MET C 14 -1.33 -12.56 17.70
CA MET C 14 -1.37 -11.23 17.09
C MET C 14 -2.72 -10.56 17.20
N GLN C 15 -3.78 -11.35 17.16
CA GLN C 15 -5.11 -10.80 17.44
C GLN C 15 -5.27 -10.33 18.86
N ALA C 16 -4.74 -11.08 19.80
CA ALA C 16 -4.80 -10.68 21.21
C ALA C 16 -3.92 -9.47 21.54
N SER C 17 -2.87 -9.22 20.75
CA SER C 17 -1.96 -8.07 20.98
C SER C 17 -2.40 -6.85 20.21
N GLY C 18 -3.43 -6.99 19.38
CA GLY C 18 -3.86 -5.82 18.55
C GLY C 18 -2.91 -5.55 17.39
N GLU C 19 -2.12 -6.54 17.03
CA GLU C 19 -1.11 -6.43 15.97
C GLU C 19 -1.60 -6.95 14.61
N ALA C 20 -2.61 -7.81 14.63
CA ALA C 20 -3.23 -8.34 13.42
C ALA C 20 -3.91 -7.19 12.70
N VAL C 21 -3.65 -7.07 11.40
CA VAL C 21 -4.14 -5.93 10.62
C VAL C 21 -5.44 -6.37 9.91
N TYR C 22 -6.51 -5.60 10.14
CA TYR C 22 -7.76 -5.71 9.38
C TYR C 22 -7.74 -4.50 8.43
N CYS C 23 -8.64 -4.50 7.49
CA CYS C 23 -8.66 -3.56 6.41
C CYS C 23 -8.49 -2.10 6.86
N ASP C 24 -9.30 -1.64 7.81
CA ASP C 24 -9.24 -0.19 8.20
C ASP C 24 -8.01 0.13 9.03
N ASP C 25 -7.33 -0.92 9.48
CA ASP C 25 -6.06 -0.76 10.20
C ASP C 25 -4.89 -0.44 9.29
N ILE C 26 -5.01 -0.77 8.00
CA ILE C 26 -3.99 -0.40 7.03
C ILE C 26 -3.76 1.13 7.11
N PRO C 27 -2.50 1.60 7.09
CA PRO C 27 -2.22 3.04 7.13
C PRO C 27 -2.80 3.74 5.92
N ARG C 28 -3.18 4.99 6.08
CA ARG C 28 -3.76 5.77 5.02
C ARG C 28 -2.65 6.44 4.19
N TYR C 29 -2.84 6.52 2.88
CA TYR C 29 -1.96 7.34 2.08
C TYR C 29 -2.14 8.79 2.48
N GLU C 30 -1.08 9.58 2.39
CA GLU C 30 -1.15 11.04 2.63
C GLU C 30 -2.36 11.72 1.98
N ASN C 31 -2.75 11.25 0.81
CA ASN C 31 -3.81 11.92 0.06
C ASN C 31 -5.13 11.15 0.12
N GLU C 32 -5.25 10.18 1.03
CA GLU C 32 -6.38 9.24 0.99
C GLU C 32 -7.69 9.92 1.42
N LEU C 33 -8.73 9.71 0.63
CA LEU C 33 -10.06 10.25 0.93
C LEU C 33 -11.00 9.20 1.56
N PHE C 34 -12.15 9.66 2.04
CA PHE C 34 -13.14 8.83 2.72
C PHE C 34 -14.49 8.96 2.07
N LEU C 35 -15.17 7.84 1.93
CA LEU C 35 -16.52 7.88 1.34
C LEU C 35 -17.61 7.51 2.34
N ARG C 36 -18.78 8.12 2.17
CA ARG C 36 -19.96 7.77 2.95
C ARG C 36 -21.11 7.59 1.99
N LEU C 37 -21.77 6.44 2.04
CA LEU C 37 -22.94 6.17 1.19
C LEU C 37 -24.12 7.07 1.52
N VAL C 38 -24.82 7.52 0.49
CA VAL C 38 -26.12 8.15 0.68
C VAL C 38 -27.20 7.19 0.23
N THR C 39 -28.18 7.04 1.11
CA THR C 39 -29.11 5.91 1.09
C THR C 39 -30.58 6.36 1.21
N SER C 40 -31.46 5.61 0.55
CA SER C 40 -32.92 5.84 0.64
C SER C 40 -33.52 5.77 2.02
N THR C 41 -34.43 6.69 2.31
CA THR C 41 -35.22 6.64 3.53
C THR C 41 -36.66 6.18 3.25
N ARG C 42 -36.95 5.77 2.00
CA ARG C 42 -38.26 5.27 1.61
C ARG C 42 -38.16 3.85 1.08
N ALA C 43 -39.17 3.04 1.39
CA ALA C 43 -39.24 1.66 0.94
C ALA C 43 -39.38 1.60 -0.58
N HIS C 44 -40.11 2.53 -1.16
CA HIS C 44 -40.38 2.45 -2.57
C HIS C 44 -40.85 3.80 -3.06
N ALA C 45 -40.02 4.47 -3.84
CA ALA C 45 -40.36 5.83 -4.30
C ALA C 45 -39.61 6.23 -5.56
N LYS C 46 -40.10 7.29 -6.20
CA LYS C 46 -39.42 7.94 -7.29
C LYS C 46 -38.52 8.96 -6.67
N ILE C 47 -37.30 9.07 -7.17
CA ILE C 47 -36.38 10.11 -6.73
C ILE C 47 -36.65 11.34 -7.58
N LYS C 48 -37.04 12.42 -6.93
CA LYS C 48 -37.39 13.67 -7.61
C LYS C 48 -36.26 14.68 -7.55
N SER C 49 -35.41 14.61 -6.53
CA SER C 49 -34.25 15.49 -6.50
C SER C 49 -33.28 15.09 -5.42
N ILE C 50 -32.01 15.34 -5.69
CA ILE C 50 -30.97 15.21 -4.68
C ILE C 50 -30.29 16.57 -4.58
N ASP C 51 -30.24 17.11 -3.37
CA ASP C 51 -29.73 18.44 -3.14
C ASP C 51 -28.49 18.39 -2.23
N VAL C 52 -27.38 18.85 -2.78
CA VAL C 52 -26.06 18.68 -2.20
C VAL C 52 -25.51 20.03 -1.74
N SER C 53 -26.35 21.07 -1.80
CA SER C 53 -25.93 22.44 -1.49
C SER C 53 -25.41 22.63 -0.07
N GLU C 54 -26.09 22.03 0.90
CA GLU C 54 -25.62 22.12 2.28
C GLU C 54 -24.41 21.23 2.53
N ALA C 55 -24.28 20.12 1.80
CA ALA C 55 -23.14 19.20 1.98
C ALA C 55 -21.87 19.83 1.43
N GLN C 56 -22.01 20.55 0.32
CA GLN C 56 -20.92 21.32 -0.26
C GLN C 56 -20.33 22.35 0.69
N LYS C 57 -21.05 22.70 1.74
CA LYS C 57 -20.56 23.69 2.69
C LYS C 57 -19.75 23.07 3.80
N VAL C 58 -19.73 21.75 3.86
CA VAL C 58 -18.99 21.05 4.93
C VAL C 58 -17.48 21.09 4.66
N PRO C 59 -16.68 21.49 5.68
CA PRO C 59 -15.25 21.58 5.51
C PRO C 59 -14.78 20.22 5.08
N GLY C 60 -13.89 20.16 4.08
CA GLY C 60 -13.32 18.89 3.62
C GLY C 60 -14.18 18.17 2.58
N PHE C 61 -15.31 18.74 2.21
CA PHE C 61 -16.13 18.10 1.19
C PHE C 61 -15.35 18.05 -0.14
N VAL C 62 -15.39 16.91 -0.83
CA VAL C 62 -14.66 16.73 -2.08
C VAL C 62 -15.69 16.65 -3.22
N CYS C 63 -16.57 15.65 -3.20
CA CYS C 63 -17.64 15.52 -4.21
C CYS C 63 -18.80 14.63 -3.77
N PHE C 64 -19.93 14.76 -4.47
CA PHE C 64 -21.02 13.81 -4.36
C PHE C 64 -20.98 12.97 -5.62
N LEU C 65 -21.05 11.65 -5.47
CA LEU C 65 -21.08 10.72 -6.60
C LEU C 65 -22.47 10.14 -6.74
N SER C 66 -22.92 9.98 -7.98
CA SER C 66 -24.15 9.26 -8.27
C SER C 66 -23.99 8.51 -9.59
N ALA C 67 -25.11 7.96 -10.06
CA ALA C 67 -25.12 7.12 -11.26
C ALA C 67 -24.54 7.80 -12.49
N ASP C 68 -24.76 9.11 -12.66
CA ASP C 68 -24.16 9.86 -13.77
C ASP C 68 -22.63 9.84 -13.84
N ASP C 69 -21.95 9.56 -12.72
CA ASP C 69 -20.49 9.59 -12.66
C ASP C 69 -19.81 8.30 -13.15
N ILE C 70 -20.59 7.23 -13.22
CA ILE C 70 -20.06 5.92 -13.55
C ILE C 70 -19.63 5.85 -15.03
N PRO C 71 -18.34 5.55 -15.29
CA PRO C 71 -17.80 5.44 -16.67
C PRO C 71 -18.17 4.19 -17.43
N GLY C 72 -18.43 3.09 -16.72
CA GLY C 72 -18.74 1.85 -17.41
C GLY C 72 -20.19 1.46 -17.34
N SER C 73 -20.59 0.76 -16.29
CA SER C 73 -21.94 0.24 -16.20
C SER C 73 -22.51 0.49 -14.79
N ASN C 74 -23.78 0.89 -14.73
CA ASN C 74 -24.54 1.01 -13.46
C ASN C 74 -25.35 -0.26 -13.13
N GLU C 75 -25.20 -1.32 -13.92
CA GLU C 75 -25.95 -2.56 -13.69
C GLU C 75 -25.01 -3.53 -12.98
N THR C 76 -25.43 -4.00 -11.81
CA THR C 76 -24.57 -4.86 -10.97
C THR C 76 -25.39 -5.96 -10.27
N GLY C 77 -24.76 -6.69 -9.36
CA GLY C 77 -25.44 -7.75 -8.60
C GLY C 77 -25.22 -9.06 -9.30
N LEU C 78 -25.42 -10.16 -8.56
CA LEU C 78 -25.16 -11.50 -9.08
C LEU C 78 -25.97 -11.83 -10.32
N PHE C 79 -27.23 -11.38 -10.36
CA PHE C 79 -28.09 -11.59 -11.56
C PHE C 79 -28.34 -10.29 -12.29
N ASN C 80 -27.45 -9.34 -12.10
CA ASN C 80 -27.52 -8.11 -12.88
C ASN C 80 -28.83 -7.33 -12.80
N ASP C 81 -29.48 -7.40 -11.63
CA ASP C 81 -30.78 -6.78 -11.42
C ASP C 81 -30.69 -5.69 -10.38
N GLU C 82 -29.46 -5.23 -10.09
CA GLU C 82 -29.24 -4.11 -9.17
C GLU C 82 -28.62 -2.91 -9.89
N THR C 83 -28.64 -1.75 -9.25
CA THR C 83 -27.88 -0.64 -9.74
C THR C 83 -26.73 -0.47 -8.79
N VAL C 84 -25.62 0.11 -9.25
CA VAL C 84 -24.58 0.57 -8.31
C VAL C 84 -25.16 1.71 -7.51
N PHE C 85 -25.69 2.70 -8.22
CA PHE C 85 -26.38 3.83 -7.65
C PHE C 85 -27.75 3.92 -8.30
N ALA C 86 -28.81 3.99 -7.48
CA ALA C 86 -30.22 4.08 -7.94
C ALA C 86 -30.39 5.36 -8.76
N LYS C 87 -31.14 5.32 -9.86
CA LYS C 87 -31.25 6.52 -10.68
C LYS C 87 -32.57 7.29 -10.54
N ASP C 88 -33.67 6.67 -10.92
CA ASP C 88 -34.98 7.33 -10.93
C ASP C 88 -35.87 6.85 -9.78
N THR C 89 -35.56 5.66 -9.27
CA THR C 89 -36.45 5.02 -8.29
C THR C 89 -35.68 4.25 -7.24
N VAL C 90 -36.11 4.33 -5.98
CA VAL C 90 -35.56 3.52 -4.90
C VAL C 90 -36.53 2.40 -4.55
N THR C 91 -36.01 1.26 -4.13
CA THR C 91 -36.85 0.08 -3.90
C THR C 91 -36.64 -0.57 -2.55
N CYS C 92 -35.90 0.10 -1.65
CA CYS C 92 -35.90 -0.28 -0.23
C CYS C 92 -35.35 0.89 0.58
N VAL C 93 -35.68 0.95 1.85
CA VAL C 93 -34.99 1.86 2.79
C VAL C 93 -33.44 1.73 2.74
N GLY C 94 -32.80 0.60 2.82
CA GLY C 94 -31.33 0.98 2.68
C GLY C 94 -30.70 1.27 1.29
N HIS C 95 -31.52 1.60 0.28
CA HIS C 95 -31.08 1.53 -1.13
C HIS C 95 -30.11 2.64 -1.51
N ILE C 96 -28.95 2.26 -2.07
CA ILE C 96 -27.85 3.23 -2.26
C ILE C 96 -28.15 4.16 -3.43
N ILE C 97 -28.15 5.46 -3.13
CA ILE C 97 -28.49 6.52 -4.09
C ILE C 97 -27.24 7.22 -4.65
N GLY C 98 -26.24 7.42 -3.80
CA GLY C 98 -24.99 8.05 -4.18
C GLY C 98 -23.98 7.94 -3.06
N ALA C 99 -22.94 8.76 -3.11
CA ALA C 99 -21.94 8.73 -2.05
C ALA C 99 -21.29 10.10 -1.93
N VAL C 100 -20.94 10.46 -0.71
CA VAL C 100 -20.15 11.65 -0.45
C VAL C 100 -18.66 11.26 -0.26
N VAL C 101 -17.78 12.08 -0.83
CA VAL C 101 -16.33 11.91 -0.64
C VAL C 101 -15.82 13.12 0.13
N ALA C 102 -15.02 12.87 1.15
CA ALA C 102 -14.46 13.98 1.94
C ALA C 102 -13.07 13.67 2.44
N ASP C 103 -12.47 14.61 3.17
CA ASP C 103 -11.07 14.45 3.56
C ASP C 103 -10.88 13.71 4.88
N THR C 104 -11.95 13.57 5.66
CA THR C 104 -11.94 12.75 6.89
C THR C 104 -13.24 11.96 6.91
N PRO C 105 -13.29 10.81 7.63
CA PRO C 105 -14.56 10.10 7.75
C PRO C 105 -15.64 10.88 8.55
N GLU C 106 -15.22 11.72 9.50
CA GLU C 106 -16.13 12.61 10.23
C GLU C 106 -16.80 13.63 9.30
N HIS C 107 -16.01 14.18 8.36
CA HIS C 107 -16.56 15.14 7.38
C HIS C 107 -17.45 14.43 6.34
N ALA C 108 -17.10 13.20 5.97
CA ALA C 108 -17.96 12.44 5.02
C ALA C 108 -19.33 12.22 5.66
N GLU C 109 -19.31 11.84 6.94
CA GLU C 109 -20.52 11.59 7.74
C GLU C 109 -21.40 12.84 7.84
N ARG C 110 -20.77 13.94 8.24
CA ARG C 110 -21.44 15.24 8.38
C ARG C 110 -22.14 15.60 7.04
N ALA C 111 -21.44 15.42 5.92
CA ALA C 111 -21.96 15.92 4.65
C ALA C 111 -23.07 15.03 4.16
N ALA C 112 -22.90 13.73 4.35
CA ALA C 112 -23.94 12.77 3.94
C ALA C 112 -25.26 13.05 4.66
N HIS C 113 -25.20 13.39 5.96
CA HIS C 113 -26.42 13.66 6.75
C HIS C 113 -27.24 14.77 6.15
N VAL C 114 -26.56 15.68 5.50
CA VAL C 114 -27.17 16.93 5.11
C VAL C 114 -27.49 16.96 3.62
N VAL C 115 -27.28 15.83 2.96
CA VAL C 115 -27.75 15.63 1.57
C VAL C 115 -29.27 15.43 1.61
N LYS C 116 -30.02 16.26 0.90
CA LYS C 116 -31.47 16.21 0.98
C LYS C 116 -32.05 15.53 -0.24
N VAL C 117 -32.96 14.59 0.00
CA VAL C 117 -33.62 13.85 -1.05
C VAL C 117 -35.15 14.06 -0.98
N THR C 118 -35.73 14.25 -2.18
CA THR C 118 -37.15 14.41 -2.41
C THR C 118 -37.63 13.20 -3.17
N TYR C 119 -38.75 12.65 -2.74
CA TYR C 119 -39.31 11.42 -3.27
C TYR C 119 -40.78 11.59 -3.58
N GLU C 120 -41.30 10.70 -4.42
CA GLU C 120 -42.74 10.52 -4.56
C GLU C 120 -42.96 9.04 -4.32
N ASP C 121 -43.67 8.73 -3.23
CA ASP C 121 -43.91 7.37 -2.82
C ASP C 121 -44.70 6.55 -3.83
N LEU C 122 -44.34 5.29 -3.88
CA LEU C 122 -45.02 4.29 -4.65
C LEU C 122 -45.46 3.19 -3.69
N PRO C 123 -46.54 2.46 -4.04
CA PRO C 123 -47.00 1.24 -3.38
C PRO C 123 -45.86 0.28 -3.04
N ALA C 124 -45.67 0.04 -1.74
CA ALA C 124 -44.61 -0.87 -1.26
C ALA C 124 -45.13 -2.24 -0.83
N ILE C 125 -44.26 -3.23 -0.90
CA ILE C 125 -44.55 -4.59 -0.49
C ILE C 125 -43.44 -4.96 0.47
N ILE C 126 -43.78 -5.22 1.73
CA ILE C 126 -42.77 -5.48 2.74
C ILE C 126 -42.80 -6.94 3.24
N THR C 127 -43.99 -7.46 3.55
CA THR C 127 -44.11 -8.76 4.19
C THR C 127 -44.26 -9.84 3.14
N ILE C 128 -43.95 -11.07 3.55
CA ILE C 128 -44.23 -12.25 2.73
C ILE C 128 -45.71 -12.32 2.31
N GLU C 129 -46.60 -11.99 3.26
CA GLU C 129 -48.04 -12.03 3.00
C GLU C 129 -48.41 -10.93 2.00
N ASP C 130 -47.82 -9.74 2.12
CA ASP C 130 -47.94 -8.67 1.07
C ASP C 130 -47.59 -9.23 -0.33
N ALA C 131 -46.44 -9.90 -0.40
CA ALA C 131 -45.87 -10.40 -1.65
C ALA C 131 -46.70 -11.54 -2.25
N ILE C 132 -47.19 -12.44 -1.41
CA ILE C 132 -48.09 -13.53 -1.83
C ILE C 132 -49.39 -12.94 -2.40
N LYS C 133 -49.98 -11.96 -1.69
CA LYS C 133 -51.23 -11.28 -2.10
C LYS C 133 -51.10 -10.55 -3.41
N ASN C 134 -49.91 -10.05 -3.69
CA ASN C 134 -49.64 -9.26 -4.89
C ASN C 134 -48.92 -10.05 -5.96
N ASN C 135 -48.72 -11.34 -5.74
CA ASN C 135 -47.97 -12.15 -6.71
C ASN C 135 -46.54 -11.67 -6.98
N SER C 136 -45.87 -11.15 -5.95
CA SER C 136 -44.56 -10.52 -6.14
C SER C 136 -43.44 -11.52 -5.82
N PHE C 137 -43.01 -12.24 -6.84
CA PHE C 137 -41.98 -13.28 -6.73
C PHE C 137 -40.82 -13.12 -7.71
N TYR C 138 -39.65 -13.67 -7.38
CA TYR C 138 -38.57 -13.84 -8.34
C TYR C 138 -38.66 -15.26 -8.88
N GLY C 139 -38.90 -15.37 -10.17
CA GLY C 139 -38.82 -16.65 -10.85
C GLY C 139 -40.07 -17.45 -10.59
N SER C 140 -39.98 -18.75 -10.87
CA SER C 140 -41.13 -19.63 -10.67
C SER C 140 -40.87 -20.56 -9.49
N GLU C 141 -41.85 -21.38 -9.18
CA GLU C 141 -41.79 -22.26 -8.04
C GLU C 141 -40.70 -23.34 -8.17
N LEU C 142 -39.91 -23.53 -7.12
CA LEU C 142 -38.99 -24.66 -7.01
C LEU C 142 -39.69 -25.85 -6.37
N LYS C 143 -39.31 -27.09 -6.71
CA LYS C 143 -40.03 -28.22 -6.16
C LYS C 143 -39.19 -29.49 -6.15
N ILE C 144 -39.34 -30.27 -5.08
CA ILE C 144 -38.83 -31.64 -5.06
C ILE C 144 -40.01 -32.46 -4.57
N GLU C 145 -40.29 -33.54 -5.31
CA GLU C 145 -41.39 -34.45 -5.00
C GLU C 145 -40.94 -35.91 -5.14
N LYS C 146 -41.36 -36.74 -4.23
CA LYS C 146 -41.05 -38.17 -4.27
C LYS C 146 -42.25 -38.93 -3.72
N GLY C 147 -42.50 -40.12 -4.25
CA GLY C 147 -43.62 -40.93 -3.77
C GLY C 147 -44.95 -40.40 -4.23
N ASP C 148 -45.99 -40.67 -3.44
CA ASP C 148 -47.37 -40.48 -3.88
C ASP C 148 -48.15 -39.85 -2.72
N LEU C 149 -48.32 -38.53 -2.78
CA LEU C 149 -48.89 -37.77 -1.66
C LEU C 149 -50.34 -38.15 -1.32
N LYS C 150 -51.19 -38.19 -2.34
CA LYS C 150 -52.58 -38.62 -2.15
C LYS C 150 -52.64 -39.99 -1.49
N LYS C 151 -51.81 -40.93 -1.94
CA LYS C 151 -51.74 -42.25 -1.34
C LYS C 151 -51.29 -42.17 0.11
N GLY C 152 -50.27 -41.33 0.36
CA GLY C 152 -49.76 -41.16 1.70
C GLY C 152 -50.77 -40.58 2.64
N PHE C 153 -51.44 -39.50 2.21
CA PHE C 153 -52.44 -38.87 3.06
C PHE C 153 -53.66 -39.78 3.39
N SER C 154 -53.98 -40.70 2.49
CA SER C 154 -55.03 -41.69 2.71
C SER C 154 -54.66 -42.74 3.72
N GLU C 155 -53.39 -43.12 3.78
CA GLU C 155 -52.97 -44.16 4.71
C GLU C 155 -52.70 -43.62 6.10
N ALA C 156 -52.71 -42.29 6.24
CA ALA C 156 -52.38 -41.65 7.51
C ALA C 156 -53.54 -41.83 8.52
N ASP C 157 -53.20 -42.14 9.77
CA ASP C 157 -54.18 -42.11 10.87
C ASP C 157 -54.52 -40.69 11.26
N ASN C 158 -53.52 -39.82 11.16
CA ASN C 158 -53.64 -38.42 11.60
C ASN C 158 -53.00 -37.49 10.60
N VAL C 159 -53.57 -36.29 10.51
CA VAL C 159 -53.03 -35.22 9.67
C VAL C 159 -52.96 -33.94 10.56
N VAL C 160 -51.89 -33.16 10.41
CA VAL C 160 -51.74 -31.91 11.14
C VAL C 160 -51.35 -30.90 10.07
N SER C 161 -52.04 -29.78 10.00
CA SER C 161 -51.56 -28.76 9.11
C SER C 161 -51.34 -27.50 9.91
N GLY C 162 -50.62 -26.56 9.31
CA GLY C 162 -50.34 -25.29 9.99
C GLY C 162 -49.46 -24.34 9.19
N GLU C 163 -49.09 -23.25 9.85
CA GLU C 163 -48.26 -22.22 9.24
C GLU C 163 -47.22 -21.85 10.29
N LEU C 164 -46.04 -21.46 9.83
CA LEU C 164 -44.91 -21.18 10.73
C LEU C 164 -44.06 -20.08 10.12
N TYR C 165 -43.58 -19.15 10.94
CA TYR C 165 -42.70 -18.10 10.46
C TYR C 165 -41.37 -18.12 11.21
N ILE C 166 -40.27 -17.95 10.49
CA ILE C 166 -38.93 -17.81 11.13
C ILE C 166 -38.39 -16.44 10.68
N GLY C 167 -38.10 -15.59 11.65
CA GLY C 167 -37.53 -14.26 11.37
C GLY C 167 -36.11 -14.32 10.84
N GLY C 168 -35.65 -13.22 10.30
CA GLY C 168 -34.34 -13.19 9.62
C GLY C 168 -33.28 -12.96 10.66
N GLN C 169 -32.09 -12.51 10.25
CA GLN C 169 -30.96 -12.41 11.19
C GLN C 169 -29.92 -11.45 10.58
N ASP C 170 -29.29 -10.60 11.40
CA ASP C 170 -28.22 -9.76 10.94
C ASP C 170 -26.92 -10.44 11.28
N HIS C 171 -25.97 -10.41 10.35
CA HIS C 171 -24.71 -11.12 10.49
C HIS C 171 -23.98 -10.69 11.75
N PHE C 172 -23.96 -9.40 12.00
CA PHE C 172 -23.23 -8.88 13.15
C PHE C 172 -21.78 -9.40 13.28
N TYR C 173 -21.07 -9.46 12.16
CA TYR C 173 -19.61 -9.62 12.18
C TYR C 173 -19.08 -8.42 12.94
N LEU C 174 -18.12 -8.65 13.83
CA LEU C 174 -17.65 -7.50 14.64
C LEU C 174 -16.99 -6.41 13.78
N GLU C 175 -16.33 -6.85 12.70
CA GLU C 175 -15.81 -5.91 11.71
C GLU C 175 -16.85 -5.75 10.64
N THR C 176 -17.33 -4.53 10.44
CA THR C 176 -18.24 -4.20 9.36
C THR C 176 -17.56 -4.23 7.93
N HIS C 177 -18.37 -4.00 6.89
CA HIS C 177 -17.84 -3.96 5.54
C HIS C 177 -16.84 -2.84 5.44
N CYS C 178 -15.76 -3.09 4.72
CA CYS C 178 -14.64 -2.16 4.55
C CYS C 178 -13.88 -2.46 3.25
N THR C 179 -13.64 -1.41 2.45
CA THR C 179 -12.76 -1.43 1.27
C THR C 179 -11.84 -0.21 1.24
N ILE C 180 -10.58 -0.44 0.86
CA ILE C 180 -9.70 0.63 0.40
C ILE C 180 -9.42 0.37 -1.08
N ALA C 181 -9.54 1.40 -1.91
CA ALA C 181 -9.28 1.27 -3.34
C ALA C 181 -8.14 2.23 -3.71
N ILE C 182 -7.09 1.69 -4.34
CA ILE C 182 -5.91 2.48 -4.72
C ILE C 182 -5.80 2.53 -6.23
N PRO C 183 -6.13 3.69 -6.83
CA PRO C 183 -6.00 3.85 -8.28
C PRO C 183 -4.50 4.08 -8.69
N LYS C 184 -3.99 3.31 -9.64
CA LYS C 184 -2.58 3.49 -9.98
C LYS C 184 -2.38 4.64 -11.00
N GLY C 185 -3.41 4.97 -11.76
CA GLY C 185 -3.31 6.11 -12.70
C GLY C 185 -2.74 5.72 -14.06
N GLU C 186 -2.31 4.46 -14.21
CA GLU C 186 -1.93 3.85 -15.51
C GLU C 186 -2.90 2.78 -15.88
N GLU C 187 -3.43 2.88 -17.10
CA GLU C 187 -4.12 1.77 -17.73
C GLU C 187 -5.38 1.27 -17.04
N GLY C 188 -6.01 2.11 -16.24
CA GLY C 188 -7.16 1.66 -15.45
C GLY C 188 -6.82 0.75 -14.26
N GLU C 189 -5.54 0.55 -13.96
CA GLU C 189 -5.11 -0.34 -12.84
C GLU C 189 -5.63 0.14 -11.48
N MET C 190 -6.11 -0.81 -10.68
CA MET C 190 -6.60 -0.50 -9.33
C MET C 190 -6.28 -1.67 -8.42
N GLU C 191 -5.84 -1.35 -7.20
CA GLU C 191 -5.57 -2.37 -6.18
C GLU C 191 -6.48 -2.05 -4.99
N LEU C 192 -7.25 -3.06 -4.58
CA LEU C 192 -8.24 -2.92 -3.52
C LEU C 192 -7.92 -3.85 -2.38
N PHE C 193 -8.01 -3.31 -1.17
CA PHE C 193 -7.93 -4.13 0.06
C PHE C 193 -9.33 -4.17 0.64
N VAL C 194 -9.86 -5.38 0.81
CA VAL C 194 -11.32 -5.56 1.04
C VAL C 194 -11.57 -6.61 2.09
N SER C 195 -12.48 -6.33 3.03
CA SER C 195 -13.06 -7.35 3.89
C SER C 195 -14.15 -8.12 3.11
N THR C 196 -13.78 -9.13 2.31
CA THR C 196 -14.76 -9.88 1.51
C THR C 196 -14.42 -11.37 1.46
N GLN C 197 -15.45 -12.20 1.36
CA GLN C 197 -15.27 -13.64 1.14
C GLN C 197 -15.17 -13.94 -0.36
N ASN C 198 -15.35 -12.93 -1.21
CA ASN C 198 -15.45 -13.18 -2.65
C ASN C 198 -14.64 -12.16 -3.42
N ALA C 199 -13.31 -12.32 -3.38
CA ALA C 199 -12.40 -11.49 -4.18
C ALA C 199 -12.68 -11.56 -5.71
N MET C 200 -13.04 -12.73 -6.21
CA MET C 200 -13.36 -12.87 -7.65
C MET C 200 -14.49 -11.95 -8.08
N LYS C 201 -15.62 -11.99 -7.37
CA LYS C 201 -16.76 -11.13 -7.76
C LYS C 201 -16.48 -9.70 -7.52
N THR C 202 -15.84 -9.37 -6.41
CA THR C 202 -15.41 -7.99 -6.19
C THR C 202 -14.64 -7.46 -7.41
N GLN C 203 -13.63 -8.23 -7.84
CA GLN C 203 -12.76 -7.84 -8.95
C GLN C 203 -13.61 -7.64 -10.24
N SER C 204 -14.48 -8.61 -10.54
CA SER C 204 -15.39 -8.53 -11.70
C SER C 204 -16.33 -7.35 -11.68
N PHE C 205 -17.03 -7.14 -10.55
CA PHE C 205 -18.00 -6.07 -10.41
C PHE C 205 -17.34 -4.70 -10.49
N VAL C 206 -16.15 -4.56 -9.92
CA VAL C 206 -15.43 -3.29 -10.02
C VAL C 206 -15.04 -3.02 -11.49
N ALA C 207 -14.47 -4.04 -12.09
CA ALA C 207 -14.07 -3.96 -13.53
C ALA C 207 -15.23 -3.55 -14.42
N LYS C 208 -16.36 -4.20 -14.16
CA LYS C 208 -17.60 -3.98 -14.90
C LYS C 208 -18.11 -2.54 -14.76
N MET C 209 -18.03 -2.02 -13.53
CA MET C 209 -18.50 -0.69 -13.26
C MET C 209 -17.55 0.31 -13.93
N LEU C 210 -16.24 0.08 -13.80
CA LEU C 210 -15.26 0.94 -14.45
C LEU C 210 -15.19 0.80 -15.99
N GLY C 211 -15.72 -0.29 -16.54
CA GLY C 211 -15.59 -0.56 -17.99
C GLY C 211 -14.18 -0.92 -18.44
N VAL C 212 -13.44 -1.63 -17.59
CA VAL C 212 -12.06 -1.98 -17.89
C VAL C 212 -11.92 -3.53 -17.75
N PRO C 213 -10.95 -4.15 -18.46
CA PRO C 213 -10.77 -5.59 -18.31
C PRO C 213 -10.49 -6.01 -16.88
N VAL C 214 -10.83 -7.25 -16.57
CA VAL C 214 -10.66 -7.76 -15.22
C VAL C 214 -9.19 -7.81 -14.81
N ASN C 215 -8.31 -8.00 -15.79
CA ASN C 215 -6.87 -8.12 -15.51
C ASN C 215 -6.23 -6.83 -14.94
N ARG C 216 -6.96 -5.72 -15.00
CA ARG C 216 -6.47 -4.46 -14.44
C ARG C 216 -6.73 -4.31 -12.94
N ILE C 217 -7.64 -5.14 -12.43
CA ILE C 217 -8.13 -4.99 -11.06
C ILE C 217 -7.47 -6.08 -10.19
N LEU C 218 -6.81 -5.69 -9.10
CA LEU C 218 -6.19 -6.65 -8.20
C LEU C 218 -6.96 -6.51 -6.90
N VAL C 219 -7.42 -7.63 -6.32
CA VAL C 219 -8.14 -7.58 -5.04
C VAL C 219 -7.39 -8.46 -4.07
N ARG C 220 -7.08 -7.89 -2.90
CA ARG C 220 -6.32 -8.58 -1.83
C ARG C 220 -7.11 -8.64 -0.53
N VAL C 221 -7.09 -9.79 0.12
CA VAL C 221 -7.79 -10.02 1.36
C VAL C 221 -6.85 -10.70 2.34
N LYS C 222 -6.43 -9.96 3.36
CA LYS C 222 -5.62 -10.56 4.40
C LYS C 222 -6.48 -11.43 5.31
N ARG C 223 -7.51 -10.77 5.87
CA ARG C 223 -8.42 -11.42 6.84
C ARG C 223 -9.68 -10.59 7.00
N MET C 224 -10.75 -11.27 7.44
CA MET C 224 -11.97 -10.55 7.83
C MET C 224 -12.19 -10.67 9.30
N GLY C 225 -12.72 -9.63 9.91
CA GLY C 225 -13.18 -9.76 11.30
C GLY C 225 -14.59 -10.37 11.32
N GLY C 226 -14.73 -11.58 10.78
CA GLY C 226 -16.04 -12.24 10.62
C GLY C 226 -16.63 -11.99 9.27
N GLY C 227 -17.33 -12.99 8.73
CA GLY C 227 -17.97 -12.94 7.42
C GLY C 227 -19.37 -13.54 7.52
N PHE C 228 -19.42 -14.82 7.89
CA PHE C 228 -20.71 -15.53 8.16
C PHE C 228 -21.68 -15.52 6.94
N GLY C 229 -21.13 -15.28 5.74
CA GLY C 229 -21.95 -15.24 4.50
C GLY C 229 -22.27 -13.83 4.09
N GLY C 230 -22.15 -12.91 5.02
CA GLY C 230 -22.61 -11.52 4.69
C GLY C 230 -21.61 -10.76 3.86
N LYS C 231 -20.44 -11.38 3.69
CA LYS C 231 -19.36 -10.79 2.89
C LYS C 231 -19.09 -11.63 1.63
N GLU C 232 -20.05 -12.50 1.30
CA GLU C 232 -19.93 -13.35 0.13
C GLU C 232 -20.33 -12.57 -1.12
N THR C 233 -21.34 -11.72 -1.06
CA THR C 233 -21.67 -10.87 -2.22
C THR C 233 -21.94 -9.43 -1.89
N ARG C 234 -22.43 -9.17 -0.68
CA ARG C 234 -22.93 -7.81 -0.38
C ARG C 234 -21.80 -6.82 -0.11
N SER C 235 -20.58 -7.36 0.03
CA SER C 235 -19.38 -6.56 0.19
C SER C 235 -19.18 -5.59 -0.99
N THR C 236 -19.65 -6.01 -2.17
CA THR C 236 -19.47 -5.23 -3.41
C THR C 236 -20.28 -3.94 -3.41
N LEU C 237 -21.30 -3.83 -2.55
CA LEU C 237 -22.06 -2.56 -2.42
C LEU C 237 -21.13 -1.45 -1.97
N VAL C 238 -20.18 -1.78 -1.08
CA VAL C 238 -19.21 -0.79 -0.62
C VAL C 238 -17.99 -0.73 -1.58
N SER C 239 -17.47 -1.88 -1.98
CA SER C 239 -16.26 -1.93 -2.84
C SER C 239 -16.43 -1.14 -4.13
N VAL C 240 -17.61 -1.25 -4.74
CA VAL C 240 -17.76 -0.71 -6.09
C VAL C 240 -17.88 0.80 -5.98
N ALA C 241 -18.55 1.26 -4.92
CA ALA C 241 -18.68 2.70 -4.68
C ALA C 241 -17.32 3.32 -4.42
N VAL C 242 -16.50 2.62 -3.64
CA VAL C 242 -15.16 3.17 -3.26
C VAL C 242 -14.25 3.21 -4.50
N ALA C 243 -14.31 2.15 -5.31
CA ALA C 243 -13.58 2.09 -6.59
C ALA C 243 -13.96 3.28 -7.47
N LEU C 244 -15.25 3.55 -7.58
CA LEU C 244 -15.70 4.70 -8.35
C LEU C 244 -15.11 6.02 -7.82
N ALA C 245 -15.12 6.21 -6.50
CA ALA C 245 -14.56 7.42 -5.92
C ALA C 245 -13.07 7.50 -6.21
N ALA C 246 -12.38 6.35 -6.14
CA ALA C 246 -10.98 6.29 -6.49
C ALA C 246 -10.73 6.63 -7.97
N TYR C 247 -11.54 6.05 -8.85
CA TYR C 247 -11.47 6.32 -10.28
C TYR C 247 -11.65 7.83 -10.54
N LYS C 248 -12.69 8.39 -9.92
CA LYS C 248 -13.12 9.76 -10.23
C LYS C 248 -12.14 10.77 -9.71
N THR C 249 -11.65 10.56 -8.47
CA THR C 249 -10.75 11.53 -7.83
C THR C 249 -9.28 11.30 -8.15
N GLY C 250 -8.92 10.09 -8.55
CA GLY C 250 -7.52 9.75 -8.69
C GLY C 250 -6.77 9.63 -7.38
N HIS C 251 -7.47 9.73 -6.24
CA HIS C 251 -6.85 9.48 -4.94
C HIS C 251 -7.21 8.08 -4.41
N PRO C 252 -6.37 7.51 -3.51
CA PRO C 252 -6.84 6.36 -2.72
C PRO C 252 -8.08 6.78 -1.89
N VAL C 253 -9.06 5.89 -1.80
CA VAL C 253 -10.33 6.17 -1.10
C VAL C 253 -10.65 4.95 -0.24
N ARG C 254 -11.18 5.19 0.96
CA ARG C 254 -11.73 4.07 1.75
C ARG C 254 -13.09 4.34 2.35
N CYS C 255 -13.75 3.25 2.74
CA CYS C 255 -14.98 3.29 3.46
C CYS C 255 -15.05 2.09 4.38
N MET C 256 -15.27 2.37 5.67
CA MET C 256 -15.71 1.34 6.63
C MET C 256 -17.12 1.73 7.14
N LEU C 257 -18.11 0.84 7.04
CA LEU C 257 -19.48 1.20 7.47
C LEU C 257 -19.61 1.31 8.96
N ASP C 258 -20.40 2.28 9.43
CA ASP C 258 -20.85 2.25 10.81
C ASP C 258 -21.86 1.09 10.92
N ARG C 259 -21.94 0.50 12.10
CA ARG C 259 -22.89 -0.61 12.36
C ARG C 259 -24.30 -0.32 11.84
N ASN C 260 -24.80 0.90 12.10
CA ASN C 260 -26.18 1.21 11.67
C ASN C 260 -26.42 1.15 10.14
N GLU C 261 -25.42 1.59 9.37
CA GLU C 261 -25.41 1.52 7.91
C GLU C 261 -25.38 0.07 7.47
N ASP C 262 -24.48 -0.69 8.08
CA ASP C 262 -24.28 -2.09 7.70
C ASP C 262 -25.58 -2.89 7.87
N MET C 263 -26.25 -2.76 9.02
CA MET C 263 -27.47 -3.53 9.32
C MET C 263 -28.59 -3.14 8.39
N LEU C 264 -28.64 -1.83 8.04
CA LEU C 264 -29.66 -1.32 7.13
C LEU C 264 -29.46 -1.78 5.67
N ILE C 265 -28.24 -1.68 5.16
CA ILE C 265 -27.97 -1.77 3.68
C ILE C 265 -27.64 -3.17 3.17
N THR C 266 -26.90 -3.93 3.96
CA THR C 266 -26.20 -5.09 3.42
C THR C 266 -26.96 -6.41 3.47
N GLY C 267 -28.18 -6.41 4.03
CA GLY C 267 -29.01 -7.62 3.98
C GLY C 267 -28.66 -8.63 5.09
N GLY C 268 -29.55 -9.58 5.34
CA GLY C 268 -29.37 -10.56 6.39
C GLY C 268 -29.78 -11.95 5.93
N ARG C 269 -30.10 -12.80 6.90
CA ARG C 269 -30.68 -14.10 6.62
C ARG C 269 -32.10 -13.90 6.13
N HIS C 270 -32.54 -14.78 5.22
CA HIS C 270 -33.90 -14.83 4.73
C HIS C 270 -34.92 -15.26 5.81
N PRO C 271 -35.87 -14.36 6.15
CA PRO C 271 -37.05 -14.84 6.87
C PRO C 271 -37.78 -15.89 5.99
N PHE C 272 -38.33 -16.94 6.60
CA PHE C 272 -39.14 -17.90 5.82
C PHE C 272 -40.55 -17.96 6.40
N LEU C 273 -41.55 -18.14 5.55
CA LEU C 273 -42.91 -18.51 5.98
C LEU C 273 -43.16 -19.87 5.39
N ALA C 274 -43.68 -20.83 6.17
CA ALA C 274 -43.95 -22.17 5.68
C ALA C 274 -45.40 -22.53 5.94
N ARG C 275 -46.01 -23.14 4.94
CA ARG C 275 -47.33 -23.76 5.14
C ARG C 275 -47.13 -25.24 4.97
N TYR C 276 -47.50 -26.01 5.98
CA TYR C 276 -47.18 -27.44 5.97
C TYR C 276 -48.40 -28.33 6.26
N LYS C 277 -48.33 -29.60 5.82
CA LYS C 277 -49.30 -30.64 6.19
C LYS C 277 -48.54 -31.98 6.32
N VAL C 278 -48.63 -32.64 7.47
CA VAL C 278 -47.97 -33.94 7.67
C VAL C 278 -49.01 -35.00 7.92
N GLY C 279 -48.78 -36.19 7.36
CA GLY C 279 -49.60 -37.36 7.62
C GLY C 279 -48.78 -38.39 8.34
N PHE C 280 -49.32 -38.90 9.44
CA PHE C 280 -48.59 -39.86 10.26
C PHE C 280 -49.54 -40.91 10.85
N MET C 281 -48.92 -41.98 11.35
CA MET C 281 -49.57 -43.08 12.02
C MET C 281 -49.67 -42.81 13.53
N LYS C 282 -50.59 -43.51 14.18
CA LYS C 282 -50.76 -43.34 15.61
C LYS C 282 -49.46 -43.69 16.36
N THR C 283 -48.59 -44.42 15.67
CA THR C 283 -47.22 -44.73 16.16
C THR C 283 -46.23 -43.54 16.11
N GLY C 284 -46.58 -42.48 15.41
CA GLY C 284 -45.62 -41.41 15.14
C GLY C 284 -44.87 -41.52 13.80
N THR C 285 -45.06 -42.61 13.05
CA THR C 285 -44.38 -42.83 11.78
C THR C 285 -44.92 -41.90 10.72
N ILE C 286 -44.05 -41.20 10.01
CA ILE C 286 -44.47 -40.23 8.98
C ILE C 286 -44.74 -40.96 7.67
N VAL C 287 -45.85 -40.63 7.01
CA VAL C 287 -46.22 -41.22 5.72
C VAL C 287 -46.40 -40.21 4.58
N ALA C 288 -46.62 -38.95 4.92
CA ALA C 288 -46.83 -37.90 3.93
C ALA C 288 -46.44 -36.56 4.52
N LEU C 289 -45.78 -35.77 3.72
CA LEU C 289 -45.37 -34.43 4.08
C LEU C 289 -45.51 -33.50 2.89
N GLU C 290 -46.16 -32.37 3.10
CA GLU C 290 -46.26 -31.34 2.11
C GLU C 290 -45.86 -30.01 2.76
N VAL C 291 -44.80 -29.38 2.20
CA VAL C 291 -44.40 -28.03 2.66
C VAL C 291 -44.21 -27.04 1.52
N ASP C 292 -44.88 -25.89 1.66
CA ASP C 292 -44.64 -24.76 0.79
C ASP C 292 -43.84 -23.72 1.58
N HIS C 293 -42.62 -23.44 1.12
CA HIS C 293 -41.74 -22.44 1.73
C HIS C 293 -41.82 -21.13 0.94
N TYR C 294 -41.76 -20.01 1.64
CA TYR C 294 -41.70 -18.69 1.01
C TYR C 294 -40.61 -17.90 1.72
N SER C 295 -39.61 -17.40 0.99
CA SER C 295 -38.60 -16.60 1.65
C SER C 295 -38.79 -15.12 1.33
N ASN C 296 -38.43 -14.25 2.26
CA ASN C 296 -38.40 -12.82 1.96
C ASN C 296 -37.05 -12.46 1.37
N ALA C 297 -36.97 -12.38 0.03
CA ALA C 297 -35.68 -12.13 -0.70
C ALA C 297 -35.26 -10.67 -0.76
N GLY C 298 -36.19 -9.75 -0.55
CA GLY C 298 -35.83 -8.35 -0.64
C GLY C 298 -35.72 -7.89 -2.07
N ASN C 299 -34.93 -6.84 -2.29
CA ASN C 299 -35.09 -6.10 -3.54
C ASN C 299 -34.14 -6.48 -4.66
N SER C 300 -33.51 -7.67 -4.57
CA SER C 300 -32.88 -8.27 -5.72
C SER C 300 -32.76 -9.75 -5.49
N ARG C 301 -32.40 -10.47 -6.53
CA ARG C 301 -32.27 -11.91 -6.47
C ARG C 301 -31.09 -12.31 -5.56
N ASP C 302 -29.88 -11.79 -5.80
CA ASP C 302 -28.66 -12.18 -5.06
C ASP C 302 -28.59 -13.71 -5.00
N LEU C 303 -28.31 -14.28 -3.83
CA LEU C 303 -28.24 -15.77 -3.66
C LEU C 303 -29.53 -16.49 -3.31
N SER C 304 -30.66 -15.78 -3.41
CA SER C 304 -31.95 -16.28 -2.90
C SER C 304 -32.36 -17.61 -3.51
N HIS C 305 -32.11 -17.81 -4.80
CA HIS C 305 -32.54 -19.04 -5.44
C HIS C 305 -31.78 -20.21 -4.85
N SER C 306 -30.47 -20.05 -4.72
CA SER C 306 -29.64 -21.15 -4.22
C SER C 306 -29.92 -21.48 -2.76
N ILE C 307 -30.30 -20.44 -2.02
CA ILE C 307 -30.66 -20.56 -0.60
C ILE C 307 -31.97 -21.36 -0.51
N MET C 308 -32.88 -21.08 -1.42
CA MET C 308 -34.13 -21.86 -1.43
C MET C 308 -33.90 -23.31 -1.85
N GLU C 309 -33.01 -23.54 -2.82
CA GLU C 309 -32.68 -24.92 -3.24
C GLU C 309 -32.11 -25.69 -2.05
N ARG C 310 -31.18 -25.08 -1.33
CA ARG C 310 -30.60 -25.71 -0.14
C ARG C 310 -31.70 -25.96 0.91
N ALA C 311 -32.60 -25.01 1.12
CA ALA C 311 -33.73 -25.30 2.04
C ALA C 311 -34.52 -26.58 1.61
N LEU C 312 -34.85 -26.72 0.32
CA LEU C 312 -35.60 -27.91 -0.10
C LEU C 312 -34.79 -29.17 0.13
N PHE C 313 -33.46 -29.06 -0.07
CA PHE C 313 -32.58 -30.22 0.15
C PHE C 313 -32.56 -30.67 1.60
N HIS C 314 -32.97 -29.80 2.52
CA HIS C 314 -32.93 -30.10 3.96
C HIS C 314 -34.30 -30.17 4.65
N MET C 315 -35.38 -30.20 3.87
CA MET C 315 -36.71 -30.26 4.47
C MET C 315 -36.99 -31.60 5.20
N ASP C 316 -36.10 -32.58 5.04
CA ASP C 316 -36.24 -33.93 5.65
C ASP C 316 -35.51 -34.06 6.98
N ASN C 317 -34.67 -33.07 7.28
CA ASN C 317 -33.65 -33.23 8.29
C ASN C 317 -33.12 -34.65 8.28
N CYS C 318 -33.32 -35.40 9.36
CA CYS C 318 -32.77 -36.78 9.43
C CYS C 318 -33.82 -37.86 9.28
N TYR C 319 -34.95 -37.50 8.68
CA TYR C 319 -36.11 -38.37 8.67
C TYR C 319 -36.52 -38.95 7.31
N LYS C 320 -36.76 -40.26 7.31
CA LYS C 320 -37.25 -41.00 6.15
C LYS C 320 -38.77 -40.75 6.02
N ILE C 321 -39.18 -40.20 4.89
CA ILE C 321 -40.54 -39.75 4.59
C ILE C 321 -40.87 -40.24 3.18
N PRO C 322 -41.66 -41.30 3.05
CA PRO C 322 -41.90 -41.96 1.77
C PRO C 322 -42.59 -41.15 0.72
N ASN C 323 -43.47 -40.25 1.14
CA ASN C 323 -44.28 -39.45 0.24
C ASN C 323 -44.10 -38.01 0.67
N ILE C 324 -43.51 -37.19 -0.21
CA ILE C 324 -43.02 -35.86 0.16
C ILE C 324 -43.11 -34.92 -1.04
N ARG C 325 -43.53 -33.68 -0.78
CA ARG C 325 -43.51 -32.63 -1.79
C ARG C 325 -43.15 -31.33 -1.09
N GLY C 326 -42.05 -30.71 -1.51
CA GLY C 326 -41.64 -29.42 -0.95
C GLY C 326 -41.58 -28.44 -2.07
N THR C 327 -42.16 -27.26 -1.89
CA THR C 327 -42.01 -26.20 -2.87
C THR C 327 -41.39 -24.97 -2.20
N GLY C 328 -40.82 -24.09 -3.02
CA GLY C 328 -40.26 -22.86 -2.58
C GLY C 328 -40.54 -21.76 -3.57
N ARG C 329 -40.86 -20.60 -3.03
CA ARG C 329 -41.02 -19.38 -3.83
C ARG C 329 -40.20 -18.27 -3.17
N LEU C 330 -39.60 -17.41 -3.99
CA LEU C 330 -38.84 -16.26 -3.49
C LEU C 330 -39.66 -15.00 -3.57
N CYS C 331 -39.88 -14.34 -2.44
CA CYS C 331 -40.70 -13.13 -2.43
C CYS C 331 -39.90 -11.91 -2.76
N LYS C 332 -40.40 -11.15 -3.74
CA LYS C 332 -39.79 -9.90 -4.20
C LYS C 332 -40.38 -8.72 -3.43
N THR C 333 -39.54 -8.10 -2.61
CA THR C 333 -40.03 -7.10 -1.66
C THR C 333 -39.15 -5.85 -1.57
N ASN C 334 -39.73 -4.80 -1.03
CA ASN C 334 -39.03 -3.52 -0.83
C ASN C 334 -38.31 -3.48 0.50
N LEU C 335 -37.48 -4.51 0.70
CA LEU C 335 -36.48 -4.52 1.78
C LEU C 335 -35.08 -4.75 1.16
N SER C 336 -34.03 -4.36 1.90
CA SER C 336 -32.64 -4.69 1.48
C SER C 336 -32.59 -6.15 1.10
N SER C 337 -31.86 -6.45 0.04
CA SER C 337 -31.77 -7.77 -0.53
C SER C 337 -31.10 -8.72 0.49
N ASN C 338 -31.75 -9.84 0.76
CA ASN C 338 -31.21 -10.79 1.76
C ASN C 338 -30.23 -11.70 1.15
N THR C 339 -29.35 -12.34 1.96
CA THR C 339 -28.22 -12.98 1.35
C THR C 339 -27.82 -14.27 2.06
N ALA C 340 -26.62 -14.77 1.77
CA ALA C 340 -26.04 -15.90 2.52
C ALA C 340 -25.88 -15.51 3.98
N PHE C 341 -26.19 -16.45 4.86
CA PHE C 341 -25.93 -16.35 6.29
C PHE C 341 -25.72 -17.83 6.68
N ARG C 342 -24.60 -18.09 7.31
CA ARG C 342 -24.23 -19.42 7.82
C ARG C 342 -25.34 -20.43 7.91
N GLY C 343 -25.32 -21.44 7.05
CA GLY C 343 -26.44 -22.36 6.99
C GLY C 343 -27.19 -22.28 5.65
N PHE C 344 -27.37 -21.07 5.12
CA PHE C 344 -27.70 -20.84 3.69
C PHE C 344 -29.01 -21.51 3.34
N GLY C 345 -30.02 -21.27 4.18
CA GLY C 345 -31.39 -21.74 3.97
C GLY C 345 -31.65 -23.04 4.67
N GLY C 346 -30.58 -23.76 5.00
CA GLY C 346 -30.64 -25.07 5.73
C GLY C 346 -31.33 -24.95 7.10
N PRO C 347 -30.88 -24.01 7.94
CA PRO C 347 -31.52 -23.84 9.27
C PRO C 347 -33.01 -23.53 9.23
N GLN C 348 -33.45 -22.69 8.29
CA GLN C 348 -34.88 -22.39 8.12
C GLN C 348 -35.68 -23.67 7.82
N ALA C 349 -35.20 -24.50 6.92
CA ALA C 349 -35.99 -25.66 6.49
C ALA C 349 -35.91 -26.78 7.53
N LEU C 350 -34.77 -26.82 8.23
CA LEU C 350 -34.57 -27.80 9.29
C LEU C 350 -35.45 -27.44 10.50
N PHE C 351 -35.62 -26.15 10.74
CA PHE C 351 -36.51 -25.63 11.79
C PHE C 351 -37.98 -26.01 11.50
N ILE C 352 -38.42 -25.71 10.28
CA ILE C 352 -39.74 -26.13 9.83
C ILE C 352 -39.94 -27.60 10.05
N ALA C 353 -38.94 -28.40 9.71
CA ALA C 353 -39.02 -29.87 9.85
C ALA C 353 -39.17 -30.28 11.33
N GLU C 354 -38.34 -29.72 12.20
CA GLU C 354 -38.43 -30.07 13.63
C GLU C 354 -39.73 -29.60 14.21
N ASN C 355 -40.27 -28.50 13.70
CA ASN C 355 -41.56 -28.04 14.17
C ASN C 355 -42.70 -29.02 13.90
N TRP C 356 -42.92 -29.46 12.66
CA TRP C 356 -43.99 -30.43 12.45
C TRP C 356 -43.64 -31.75 13.18
N MET C 357 -42.36 -32.13 13.25
CA MET C 357 -42.00 -33.36 14.00
C MET C 357 -42.39 -33.23 15.48
N SER C 358 -42.23 -32.04 16.05
CA SER C 358 -42.53 -31.84 17.47
C SER C 358 -44.06 -32.01 17.69
N GLU C 359 -44.84 -31.56 16.72
CA GLU C 359 -46.29 -31.65 16.78
C GLU C 359 -46.81 -33.08 16.56
N VAL C 360 -46.14 -33.85 15.69
CA VAL C 360 -46.42 -35.29 15.53
C VAL C 360 -46.32 -36.00 16.87
N ALA C 361 -45.27 -35.72 17.62
CA ALA C 361 -45.04 -36.43 18.89
C ALA C 361 -46.09 -36.05 19.94
N VAL C 362 -46.48 -34.77 19.93
CA VAL C 362 -47.53 -34.28 20.82
C VAL C 362 -48.90 -34.86 20.44
N THR C 363 -49.19 -34.93 19.14
CA THR C 363 -50.46 -35.47 18.70
C THR C 363 -50.59 -36.93 19.07
N CYS C 364 -49.51 -37.70 18.94
CA CYS C 364 -49.51 -39.11 19.25
C CYS C 364 -49.39 -39.34 20.75
N GLY C 365 -49.09 -38.28 21.49
CA GLY C 365 -48.84 -38.38 22.92
C GLY C 365 -47.70 -39.34 23.19
N LEU C 366 -46.65 -39.27 22.38
CA LEU C 366 -45.47 -40.13 22.56
C LEU C 366 -44.21 -39.31 22.90
N PRO C 367 -43.21 -39.92 23.56
CA PRO C 367 -42.05 -39.10 23.86
C PRO C 367 -41.34 -38.67 22.56
N ALA C 368 -40.93 -37.42 22.49
CA ALA C 368 -40.37 -36.86 21.25
C ALA C 368 -39.14 -37.60 20.76
N GLU C 369 -38.25 -38.05 21.67
CA GLU C 369 -37.02 -38.79 21.28
C GLU C 369 -37.40 -40.03 20.53
N GLU C 370 -38.49 -40.66 20.96
CA GLU C 370 -38.92 -41.94 20.42
C GLU C 370 -39.45 -41.78 19.02
N VAL C 371 -40.19 -40.69 18.81
CA VAL C 371 -40.76 -40.37 17.52
C VAL C 371 -39.65 -39.99 16.54
N ARG C 372 -38.70 -39.19 17.00
CA ARG C 372 -37.53 -38.86 16.15
C ARG C 372 -36.77 -40.11 15.75
N TRP C 373 -36.35 -40.89 16.74
CA TRP C 373 -35.59 -42.12 16.49
C TRP C 373 -36.27 -43.06 15.48
N LYS C 374 -37.55 -43.38 15.74
CA LYS C 374 -38.42 -44.21 14.86
C LYS C 374 -38.40 -43.79 13.41
N ASN C 375 -38.31 -42.47 13.19
CA ASN C 375 -38.46 -41.90 11.84
C ASN C 375 -37.11 -41.62 11.14
N MET C 376 -36.04 -41.91 11.85
CA MET C 376 -34.70 -41.58 11.43
C MET C 376 -34.27 -42.46 10.28
N TYR C 377 -33.65 -41.86 9.27
CA TYR C 377 -33.02 -42.61 8.18
C TYR C 377 -32.14 -43.73 8.77
N LYS C 378 -31.85 -44.74 7.97
CA LYS C 378 -30.85 -45.76 8.25
C LYS C 378 -29.76 -45.64 7.19
N GLU C 379 -28.62 -46.23 7.51
CA GLU C 379 -27.46 -46.30 6.63
C GLU C 379 -27.86 -46.84 5.28
N GLY C 380 -27.55 -46.08 4.22
CA GLY C 380 -27.82 -46.53 2.88
C GLY C 380 -29.18 -46.15 2.35
N ASP C 381 -30.05 -45.58 3.20
CA ASP C 381 -31.30 -45.00 2.70
C ASP C 381 -31.03 -43.90 1.68
N LEU C 382 -31.97 -43.67 0.76
CA LEU C 382 -32.00 -42.46 -0.09
C LEU C 382 -32.79 -41.32 0.53
N THR C 383 -32.35 -40.08 0.27
CA THR C 383 -33.10 -38.89 0.63
C THR C 383 -34.30 -38.68 -0.33
N HIS C 384 -35.08 -37.62 -0.06
CA HIS C 384 -36.18 -37.21 -0.93
C HIS C 384 -35.71 -36.82 -2.34
N PHE C 385 -34.44 -36.40 -2.42
CA PHE C 385 -33.79 -36.10 -3.70
C PHE C 385 -32.91 -37.26 -4.16
N ASN C 386 -33.17 -38.45 -3.63
CA ASN C 386 -32.60 -39.70 -4.09
C ASN C 386 -31.08 -39.81 -3.95
N GLN C 387 -30.50 -39.10 -2.99
CA GLN C 387 -29.10 -39.35 -2.66
C GLN C 387 -28.99 -40.38 -1.57
N ARG C 388 -28.06 -41.30 -1.76
CA ARG C 388 -27.72 -42.34 -0.78
C ARG C 388 -26.94 -41.80 0.45
N LEU C 389 -27.42 -42.08 1.64
CA LEU C 389 -26.70 -41.69 2.85
C LEU C 389 -25.68 -42.76 3.21
N GLU C 390 -24.44 -42.55 2.79
CA GLU C 390 -23.36 -43.45 3.09
C GLU C 390 -22.58 -42.92 4.26
N GLY C 391 -22.30 -43.79 5.24
CA GLY C 391 -21.65 -43.35 6.47
C GLY C 391 -22.53 -42.45 7.34
N PHE C 392 -23.82 -42.80 7.43
CA PHE C 392 -24.86 -42.04 8.15
C PHE C 392 -24.66 -42.19 9.67
N SER C 393 -24.12 -41.17 10.33
CA SER C 393 -23.62 -41.42 11.69
C SER C 393 -24.56 -40.90 12.76
N VAL C 394 -25.68 -40.29 12.35
CA VAL C 394 -26.62 -39.72 13.35
C VAL C 394 -26.98 -40.75 14.44
N PRO C 395 -27.29 -42.02 14.06
CA PRO C 395 -27.52 -43.05 15.09
C PRO C 395 -26.49 -43.08 16.22
N ARG C 396 -25.20 -43.12 15.86
CA ARG C 396 -24.07 -43.00 16.80
C ARG C 396 -24.00 -41.70 17.62
N CYS C 397 -24.18 -40.56 16.95
CA CYS C 397 -24.20 -39.27 17.63
C CYS C 397 -25.32 -39.24 18.67
N TRP C 398 -26.47 -39.82 18.31
CA TRP C 398 -27.71 -39.81 19.09
C TRP C 398 -27.52 -40.62 20.37
N ASP C 399 -27.08 -41.85 20.22
CA ASP C 399 -26.78 -42.71 21.34
C ASP C 399 -25.78 -42.09 22.30
N GLU C 400 -24.66 -41.59 21.78
CA GLU C 400 -23.63 -41.04 22.67
C GLU C 400 -24.09 -39.77 23.34
N CYS C 401 -24.86 -38.95 22.63
CA CYS C 401 -25.39 -37.73 23.25
C CYS C 401 -26.43 -38.05 24.37
N LEU C 402 -27.37 -38.96 24.09
CA LEU C 402 -28.29 -39.45 25.14
C LEU C 402 -27.54 -39.91 26.39
N LYS C 403 -26.44 -40.63 26.17
CA LYS C 403 -25.73 -41.21 27.29
C LYS C 403 -24.94 -40.19 28.05
N SER C 404 -24.22 -39.35 27.33
CA SER C 404 -23.27 -38.45 27.95
C SER C 404 -24.01 -37.26 28.58
N SER C 405 -25.15 -36.88 27.99
CA SER C 405 -26.00 -35.80 28.51
C SER C 405 -26.90 -36.23 29.63
N GLN C 406 -26.88 -37.55 29.94
CA GLN C 406 -27.80 -38.20 30.89
C GLN C 406 -29.25 -37.76 30.71
N TYR C 407 -29.70 -37.74 29.44
CA TYR C 407 -31.00 -37.29 28.98
C TYR C 407 -32.16 -37.84 29.80
N TYR C 408 -32.25 -39.18 29.90
CA TYR C 408 -33.37 -39.83 30.59
C TYR C 408 -33.47 -39.52 32.09
N ALA C 409 -32.35 -39.42 32.81
CA ALA C 409 -32.40 -39.04 34.22
C ALA C 409 -32.80 -37.58 34.36
N ARG C 410 -32.39 -36.77 33.39
CA ARG C 410 -32.64 -35.34 33.44
C ARG C 410 -34.05 -35.00 33.07
N LYS C 411 -34.61 -35.81 32.19
CA LYS C 411 -36.01 -35.76 31.85
C LYS C 411 -36.89 -35.93 33.10
N SER C 412 -36.55 -36.89 33.97
CA SER C 412 -37.24 -37.06 35.26
C SER C 412 -37.15 -35.83 36.13
N GLU C 413 -35.96 -35.22 36.21
CA GLU C 413 -35.74 -34.05 37.06
C GLU C 413 -36.49 -32.82 36.59
N VAL C 414 -36.66 -32.72 35.26
CA VAL C 414 -37.42 -31.63 34.65
C VAL C 414 -38.90 -31.82 34.99
N ASP C 415 -39.37 -33.06 34.95
CA ASP C 415 -40.77 -33.36 35.30
C ASP C 415 -41.03 -33.02 36.77
N LYS C 416 -40.12 -33.42 37.64
CA LYS C 416 -40.17 -33.11 39.07
C LYS C 416 -40.11 -31.59 39.33
N PHE C 417 -39.29 -30.86 38.58
CA PHE C 417 -39.26 -29.39 38.70
C PHE C 417 -40.63 -28.79 38.32
N ASN C 418 -41.20 -29.28 37.24
CA ASN C 418 -42.45 -28.75 36.73
C ASN C 418 -43.65 -29.08 37.64
N LYS C 419 -43.56 -30.21 38.32
CA LYS C 419 -44.54 -30.63 39.31
C LYS C 419 -44.47 -29.76 40.56
N GLU C 420 -43.28 -29.28 40.90
CA GLU C 420 -43.07 -28.47 42.11
C GLU C 420 -43.18 -26.96 41.92
N ASN C 421 -43.16 -26.50 40.66
CA ASN C 421 -43.16 -25.05 40.37
C ASN C 421 -44.31 -24.58 39.52
N CYS C 422 -44.90 -23.46 39.94
CA CYS C 422 -46.08 -22.91 39.31
C CYS C 422 -45.80 -21.87 38.27
N TRP C 423 -44.85 -20.98 38.57
CA TRP C 423 -44.64 -19.82 37.71
C TRP C 423 -43.29 -19.85 36.94
N LYS C 424 -42.62 -20.99 37.03
CA LYS C 424 -41.39 -21.29 36.30
C LYS C 424 -41.46 -22.74 35.85
N LYS C 425 -40.92 -23.04 34.67
CA LYS C 425 -40.95 -24.41 34.14
C LYS C 425 -39.66 -24.73 33.40
N ARG C 426 -39.27 -26.00 33.43
CA ARG C 426 -38.09 -26.46 32.70
C ARG C 426 -38.50 -27.26 31.47
N GLY C 427 -37.64 -27.23 30.46
CA GLY C 427 -37.86 -27.99 29.25
C GLY C 427 -36.55 -28.58 28.80
N LEU C 428 -36.62 -29.68 28.07
CA LEU C 428 -35.49 -30.45 27.65
C LEU C 428 -35.82 -31.04 26.28
N CYS C 429 -34.91 -30.89 25.33
CA CYS C 429 -35.12 -31.46 24.01
C CYS C 429 -33.81 -31.99 23.42
N ILE C 430 -33.91 -33.09 22.67
CA ILE C 430 -32.76 -33.56 21.91
C ILE C 430 -33.11 -33.62 20.41
N ILE C 431 -32.17 -33.11 19.58
CA ILE C 431 -32.44 -32.89 18.18
C ILE C 431 -31.20 -33.28 17.39
N PRO C 432 -31.41 -33.94 16.24
CA PRO C 432 -30.34 -34.29 15.29
C PRO C 432 -30.25 -33.26 14.15
N THR C 433 -29.16 -33.30 13.38
CA THR C 433 -29.09 -32.56 12.13
C THR C 433 -28.20 -33.30 11.13
N LYS C 434 -28.51 -33.11 9.86
CA LYS C 434 -27.63 -33.48 8.77
C LYS C 434 -27.49 -32.26 7.90
N PHE C 435 -26.32 -32.08 7.28
CA PHE C 435 -26.08 -30.87 6.47
C PHE C 435 -25.26 -31.28 5.28
N GLY C 436 -25.80 -31.08 4.09
CA GLY C 436 -25.10 -31.44 2.85
C GLY C 436 -23.90 -30.59 2.54
N ILE C 437 -22.79 -31.26 2.21
CA ILE C 437 -21.51 -30.60 1.90
C ILE C 437 -21.15 -30.55 0.38
N SER C 438 -21.25 -29.34 -0.16
CA SER C 438 -20.87 -28.96 -1.52
C SER C 438 -21.66 -27.71 -1.86
N PHE C 439 -21.23 -26.98 -2.87
CA PHE C 439 -22.08 -25.92 -3.42
C PHE C 439 -23.11 -26.64 -4.26
N THR C 440 -24.36 -26.21 -4.17
CA THR C 440 -25.40 -26.90 -4.96
C THR C 440 -25.40 -26.44 -6.37
N VAL C 441 -24.64 -25.38 -6.66
CA VAL C 441 -24.25 -25.00 -8.02
C VAL C 441 -22.93 -25.76 -8.34
N PRO C 442 -23.00 -26.76 -9.26
CA PRO C 442 -21.80 -27.61 -9.46
C PRO C 442 -20.53 -26.83 -9.79
N PHE C 443 -20.60 -25.77 -10.63
CA PHE C 443 -19.36 -25.11 -11.07
C PHE C 443 -18.56 -24.40 -9.98
N LEU C 444 -19.14 -24.18 -8.80
CA LEU C 444 -18.40 -23.50 -7.73
C LEU C 444 -17.50 -24.47 -6.98
N ASN C 445 -17.68 -25.75 -7.24
CA ASN C 445 -16.89 -26.76 -6.53
C ASN C 445 -15.56 -27.01 -7.26
N GLN C 446 -14.74 -25.95 -7.23
CA GLN C 446 -13.42 -25.95 -7.80
C GLN C 446 -12.56 -25.06 -6.93
N ALA C 447 -11.29 -25.43 -6.79
CA ALA C 447 -10.35 -24.71 -5.95
C ALA C 447 -8.94 -24.73 -6.53
N GLY C 448 -8.26 -23.59 -6.42
CA GLY C 448 -6.82 -23.52 -6.76
C GLY C 448 -5.90 -23.16 -5.63
N ALA C 449 -4.64 -23.54 -5.79
CA ALA C 449 -3.58 -23.13 -4.90
C ALA C 449 -2.34 -22.82 -5.77
N LEU C 450 -1.41 -22.06 -5.20
CA LEU C 450 -0.14 -21.77 -5.85
C LEU C 450 0.90 -21.86 -4.77
N ILE C 451 1.94 -22.68 -4.97
CA ILE C 451 2.91 -22.85 -3.88
C ILE C 451 4.28 -22.54 -4.46
N HIS C 452 5.07 -21.79 -3.70
CA HIS C 452 6.47 -21.49 -4.03
C HIS C 452 7.35 -22.01 -2.90
N VAL C 453 8.43 -22.71 -3.25
CA VAL C 453 9.47 -22.99 -2.27
C VAL C 453 10.65 -22.05 -2.61
N TYR C 454 11.06 -21.22 -1.65
CA TYR C 454 12.22 -20.34 -1.86
C TYR C 454 13.51 -21.08 -1.51
N THR C 455 14.65 -20.49 -1.87
CA THR C 455 15.95 -21.18 -1.84
C THR C 455 16.45 -21.41 -0.43
N ASP C 456 15.85 -20.72 0.55
CA ASP C 456 16.16 -21.01 1.94
C ASP C 456 15.29 -22.18 2.45
N GLY C 457 14.46 -22.73 1.55
CA GLY C 457 13.56 -23.82 1.93
C GLY C 457 12.24 -23.39 2.54
N SER C 458 12.06 -22.09 2.77
CA SER C 458 10.79 -21.61 3.26
C SER C 458 9.75 -21.67 2.16
N VAL C 459 8.50 -21.90 2.56
CA VAL C 459 7.42 -22.18 1.61
C VAL C 459 6.32 -21.12 1.74
N LEU C 460 5.87 -20.59 0.60
CA LEU C 460 4.76 -19.65 0.57
C LEU C 460 3.60 -20.32 -0.12
N VAL C 461 2.50 -20.46 0.63
CA VAL C 461 1.25 -21.04 0.14
C VAL C 461 0.23 -19.95 -0.14
N SER C 462 -0.40 -20.06 -1.29
CA SER C 462 -1.52 -19.20 -1.62
C SER C 462 -2.63 -20.12 -2.07
N HIS C 463 -3.86 -19.85 -1.64
CA HIS C 463 -5.01 -20.61 -2.14
C HIS C 463 -6.21 -19.66 -2.33
N GLY C 464 -7.27 -20.12 -2.98
CA GLY C 464 -8.47 -19.28 -3.28
C GLY C 464 -9.29 -18.86 -2.06
N GLY C 465 -9.09 -19.54 -0.93
CA GLY C 465 -9.88 -19.29 0.29
C GLY C 465 -9.42 -18.10 1.08
N THR C 466 -10.36 -17.49 1.83
CA THR C 466 -10.16 -16.33 2.69
C THR C 466 -10.38 -16.69 4.16
N GLU C 467 -9.62 -16.05 5.03
CA GLU C 467 -9.71 -16.29 6.49
C GLU C 467 -10.68 -15.28 7.12
N MET C 468 -11.69 -15.78 7.83
CA MET C 468 -12.66 -14.89 8.44
C MET C 468 -12.77 -15.25 9.92
N GLY C 469 -11.80 -16.05 10.40
CA GLY C 469 -11.80 -16.46 11.79
C GLY C 469 -11.91 -17.95 11.97
N GLN C 470 -12.36 -18.64 10.91
CA GLN C 470 -12.63 -20.10 10.95
C GLN C 470 -11.35 -20.94 10.98
N GLY C 471 -10.19 -20.28 10.88
CA GLY C 471 -8.87 -20.93 10.87
C GLY C 471 -8.58 -21.78 9.62
N LEU C 472 -9.07 -21.31 8.46
CA LEU C 472 -8.76 -21.93 7.17
C LEU C 472 -7.23 -21.95 6.90
N HIS C 473 -6.58 -20.80 7.01
CA HIS C 473 -5.09 -20.75 6.80
C HIS C 473 -4.34 -21.67 7.76
N THR C 474 -4.73 -21.65 9.04
CA THR C 474 -4.17 -22.59 9.99
C THR C 474 -4.24 -24.03 9.49
N LYS C 475 -5.44 -24.49 9.13
CA LYS C 475 -5.64 -25.81 8.55
C LYS C 475 -4.86 -26.08 7.27
N MET C 476 -4.79 -25.10 6.38
CA MET C 476 -4.00 -25.26 5.13
C MET C 476 -2.47 -25.43 5.37
N VAL C 477 -1.92 -24.73 6.39
CA VAL C 477 -0.52 -24.93 6.80
C VAL C 477 -0.32 -26.33 7.41
N GLN C 478 -1.25 -26.77 8.25
CA GLN C 478 -1.16 -28.10 8.88
C GLN C 478 -1.15 -29.14 7.80
N VAL C 479 -2.01 -28.96 6.80
CA VAL C 479 -2.09 -29.87 5.60
C VAL C 479 -0.79 -29.89 4.78
N ALA C 480 -0.31 -28.70 4.42
CA ALA C 480 0.93 -28.54 3.65
C ALA C 480 2.14 -29.16 4.36
N SER C 481 2.27 -28.90 5.66
CA SER C 481 3.30 -29.49 6.51
C SER C 481 3.24 -31.01 6.51
N LYS C 482 2.03 -31.59 6.62
CA LYS C 482 1.93 -33.07 6.67
C LYS C 482 2.30 -33.60 5.29
N ALA C 483 1.78 -32.96 4.26
CA ALA C 483 1.99 -33.39 2.86
C ALA C 483 3.49 -33.33 2.50
N LEU C 484 4.11 -32.17 2.74
CA LEU C 484 5.56 -31.98 2.48
C LEU C 484 6.51 -32.65 3.49
N LYS C 485 5.97 -33.07 4.62
CA LYS C 485 6.77 -33.68 5.71
C LYS C 485 7.82 -32.71 6.26
N ILE C 486 7.41 -31.45 6.42
CA ILE C 486 8.28 -30.44 7.04
C ILE C 486 7.50 -29.79 8.22
N PRO C 487 8.22 -29.13 9.16
CA PRO C 487 7.51 -28.44 10.24
C PRO C 487 6.65 -27.29 9.72
N ILE C 488 5.58 -26.94 10.45
CA ILE C 488 4.72 -25.82 10.08
C ILE C 488 5.44 -24.49 10.07
N SER C 489 6.52 -24.41 10.85
CA SER C 489 7.31 -23.19 10.98
C SER C 489 8.02 -22.83 9.67
N LYS C 490 8.07 -23.74 8.72
CA LYS C 490 8.66 -23.49 7.42
C LYS C 490 7.67 -22.94 6.41
N ILE C 491 6.38 -22.91 6.76
CA ILE C 491 5.32 -22.58 5.81
C ILE C 491 4.63 -21.30 6.25
N TYR C 492 4.22 -20.51 5.27
CA TYR C 492 3.53 -19.26 5.56
C TYR C 492 2.43 -18.97 4.53
N ILE C 493 1.30 -18.46 5.01
CA ILE C 493 0.29 -17.93 4.12
C ILE C 493 0.14 -16.50 4.53
N SER C 494 0.27 -15.60 3.57
CA SER C 494 0.16 -14.17 3.78
C SER C 494 -1.25 -13.60 3.62
N GLU C 495 -1.91 -13.92 2.51
CA GLU C 495 -3.19 -13.34 2.20
C GLU C 495 -3.76 -14.07 0.99
N THR C 496 -4.97 -13.68 0.58
CA THR C 496 -5.62 -14.21 -0.60
C THR C 496 -5.63 -13.09 -1.63
N SER C 497 -5.28 -13.36 -2.88
CA SER C 497 -5.28 -12.29 -3.89
C SER C 497 -5.60 -12.84 -5.27
N THR C 498 -6.18 -12.00 -6.12
CA THR C 498 -6.65 -12.45 -7.41
C THR C 498 -5.52 -12.62 -8.42
N ASN C 499 -4.32 -12.15 -8.08
CA ASN C 499 -3.19 -12.31 -9.01
C ASN C 499 -2.34 -13.52 -8.69
N THR C 500 -2.71 -14.24 -7.64
CA THR C 500 -2.01 -15.49 -7.32
C THR C 500 -2.89 -16.68 -7.67
N VAL C 501 -4.15 -16.65 -7.24
CA VAL C 501 -5.13 -17.64 -7.67
C VAL C 501 -6.37 -16.95 -8.22
N PRO C 502 -6.62 -17.10 -9.53
CA PRO C 502 -7.71 -16.44 -10.18
C PRO C 502 -9.03 -17.25 -10.14
N ASN C 503 -10.14 -16.55 -10.36
CA ASN C 503 -11.43 -17.21 -10.57
C ASN C 503 -11.83 -18.07 -9.38
N SER C 504 -11.51 -17.61 -8.18
CA SER C 504 -11.87 -18.38 -7.01
C SER C 504 -13.37 -18.31 -6.69
N SER C 505 -13.92 -19.44 -6.28
CA SER C 505 -15.26 -19.45 -5.72
C SER C 505 -15.26 -18.65 -4.40
N PRO C 506 -16.42 -18.14 -3.97
CA PRO C 506 -16.41 -17.48 -2.65
C PRO C 506 -16.07 -18.49 -1.54
N THR C 507 -15.50 -18.01 -0.44
CA THR C 507 -15.25 -18.82 0.72
C THR C 507 -16.59 -19.04 1.43
N ALA C 508 -17.19 -20.19 1.17
CA ALA C 508 -18.58 -20.43 1.54
C ALA C 508 -18.91 -21.93 1.44
N ALA C 509 -20.13 -22.31 1.83
CA ALA C 509 -20.66 -23.67 1.74
C ALA C 509 -19.95 -24.65 2.67
N SER C 510 -19.19 -24.11 3.62
CA SER C 510 -18.36 -24.94 4.51
C SER C 510 -17.30 -25.84 3.84
N VAL C 511 -17.06 -25.67 2.55
CA VAL C 511 -16.27 -26.67 1.84
C VAL C 511 -14.80 -26.26 1.66
N SER C 512 -14.42 -25.09 2.18
CA SER C 512 -13.09 -24.51 1.91
C SER C 512 -11.93 -25.41 2.33
N THR C 513 -12.03 -25.92 3.55
CA THR C 513 -11.02 -26.84 4.04
C THR C 513 -10.88 -27.97 3.05
N ASP C 514 -12.01 -28.54 2.67
CA ASP C 514 -12.07 -29.69 1.79
C ASP C 514 -11.44 -29.38 0.43
N ILE C 515 -11.84 -28.26 -0.18
CA ILE C 515 -11.44 -28.06 -1.56
C ILE C 515 -10.06 -27.40 -1.71
N TYR C 516 -9.77 -26.34 -0.93
CA TYR C 516 -8.42 -25.81 -0.86
C TYR C 516 -7.43 -26.81 -0.25
N GLY C 517 -7.89 -27.65 0.66
CA GLY C 517 -7.03 -28.74 1.23
C GLY C 517 -6.47 -29.61 0.14
N GLN C 518 -7.35 -30.05 -0.74
CA GLN C 518 -6.98 -30.85 -1.89
C GLN C 518 -6.09 -30.16 -2.91
N ALA C 519 -6.42 -28.88 -3.27
CA ALA C 519 -5.57 -28.12 -4.15
C ALA C 519 -4.18 -27.93 -3.59
N VAL C 520 -4.08 -27.63 -2.30
CA VAL C 520 -2.78 -27.49 -1.61
C VAL C 520 -2.02 -28.80 -1.62
N TYR C 521 -2.70 -29.88 -1.23
CA TYR C 521 -2.14 -31.22 -1.23
C TYR C 521 -1.60 -31.61 -2.61
N GLU C 522 -2.37 -31.37 -3.67
CA GLU C 522 -1.88 -31.65 -5.01
C GLU C 522 -0.64 -30.82 -5.42
N ALA C 523 -0.65 -29.51 -5.15
CA ALA C 523 0.55 -28.69 -5.36
C ALA C 523 1.75 -29.29 -4.60
N CYS C 524 1.51 -29.74 -3.37
CA CYS C 524 2.58 -30.30 -2.54
C CYS C 524 3.13 -31.60 -3.14
N GLN C 525 2.26 -32.37 -3.78
CA GLN C 525 2.69 -33.64 -4.42
C GLN C 525 3.57 -33.37 -5.60
N THR C 526 3.19 -32.34 -6.35
CA THR C 526 3.98 -31.89 -7.48
C THR C 526 5.39 -31.50 -7.03
N ILE C 527 5.48 -30.69 -5.97
CA ILE C 527 6.79 -30.32 -5.41
C ILE C 527 7.57 -31.55 -4.97
N LEU C 528 6.92 -32.46 -4.25
CA LEU C 528 7.54 -33.72 -3.84
C LEU C 528 8.11 -34.52 -5.01
N LYS C 529 7.33 -34.62 -6.11
CA LYS C 529 7.77 -35.37 -7.29
C LYS C 529 9.05 -34.75 -7.87
N ARG C 530 9.11 -33.42 -8.00
CA ARG C 530 10.30 -32.73 -8.51
C ARG C 530 11.51 -32.82 -7.60
N LEU C 531 11.31 -32.90 -6.30
CA LEU C 531 12.42 -33.02 -5.39
C LEU C 531 12.88 -34.45 -5.27
N GLU C 532 12.07 -35.41 -5.72
CA GLU C 532 12.39 -36.84 -5.47
C GLU C 532 13.80 -37.29 -5.92
N PRO C 533 14.25 -36.87 -7.12
CA PRO C 533 15.59 -37.27 -7.55
C PRO C 533 16.71 -36.77 -6.63
N PHE C 534 16.51 -35.61 -6.01
CA PHE C 534 17.53 -35.01 -5.12
C PHE C 534 17.57 -35.68 -3.78
N LYS C 535 16.38 -36.04 -3.31
CA LYS C 535 16.22 -36.79 -2.11
C LYS C 535 16.90 -38.16 -2.28
N LYS C 536 16.71 -38.77 -3.46
CA LYS C 536 17.35 -40.07 -3.78
C LYS C 536 18.88 -39.99 -3.81
N LYS C 537 19.41 -38.88 -4.32
CA LYS C 537 20.85 -38.64 -4.37
C LYS C 537 21.43 -38.33 -2.99
N ASN C 538 20.61 -37.76 -2.11
CA ASN C 538 21.04 -37.30 -0.79
C ASN C 538 19.98 -37.65 0.26
N PRO C 539 19.79 -38.97 0.53
CA PRO C 539 18.68 -39.37 1.40
C PRO C 539 18.84 -38.98 2.87
N ASP C 540 20.08 -38.69 3.29
CA ASP C 540 20.31 -38.21 4.65
C ASP C 540 20.51 -36.69 4.74
N GLY C 541 20.25 -35.98 3.66
CA GLY C 541 20.40 -34.54 3.69
C GLY C 541 19.17 -33.86 4.26
N SER C 542 19.18 -32.54 4.28
CA SER C 542 18.03 -31.82 4.80
C SER C 542 17.08 -31.37 3.68
N TRP C 543 15.85 -31.05 4.06
CA TRP C 543 14.94 -30.34 3.20
C TRP C 543 15.67 -29.19 2.49
N GLU C 544 16.43 -28.41 3.24
CA GLU C 544 17.12 -27.22 2.69
C GLU C 544 18.13 -27.64 1.64
N ASP C 545 18.78 -28.79 1.86
CA ASP C 545 19.79 -29.31 0.94
C ASP C 545 19.10 -29.70 -0.35
N TRP C 546 17.99 -30.41 -0.26
CA TRP C 546 17.29 -30.89 -1.46
C TRP C 546 16.77 -29.72 -2.32
N VAL C 547 16.21 -28.73 -1.63
CA VAL C 547 15.71 -27.51 -2.28
C VAL C 547 16.83 -26.77 -3.02
N MET C 548 17.96 -26.53 -2.35
CA MET C 548 19.08 -25.87 -3.04
C MET C 548 19.63 -26.66 -4.23
N ALA C 549 19.68 -28.00 -4.11
CA ALA C 549 20.17 -28.80 -5.22
C ALA C 549 19.20 -28.73 -6.40
N ALA C 550 17.92 -28.72 -6.09
CA ALA C 550 16.95 -28.61 -7.13
C ALA C 550 17.05 -27.24 -7.80
N TYR C 551 17.22 -26.18 -7.00
CA TYR C 551 17.37 -24.83 -7.61
C TYR C 551 18.58 -24.78 -8.56
N GLN C 552 19.68 -25.37 -8.13
CA GLN C 552 20.97 -25.32 -8.84
C GLN C 552 20.98 -26.18 -10.07
N ASP C 553 20.05 -27.14 -10.10
CA ASP C 553 19.79 -27.99 -11.26
C ASP C 553 18.68 -27.49 -12.18
N ARG C 554 18.15 -26.30 -11.86
CA ARG C 554 17.16 -25.62 -12.69
C ARG C 554 15.87 -26.42 -12.80
N VAL C 555 15.47 -26.96 -11.65
CA VAL C 555 14.14 -27.58 -11.47
C VAL C 555 13.25 -26.56 -10.78
N SER C 556 12.05 -26.30 -11.34
CA SER C 556 11.15 -25.25 -10.82
C SER C 556 10.59 -25.69 -9.47
N LEU C 557 10.64 -24.75 -8.52
CA LEU C 557 10.07 -24.96 -7.21
C LEU C 557 8.75 -24.16 -7.03
N SER C 558 8.02 -23.99 -8.12
CA SER C 558 6.77 -23.27 -8.08
C SER C 558 5.71 -24.02 -8.84
N THR C 559 4.54 -24.20 -8.24
CA THR C 559 3.47 -24.88 -8.97
C THR C 559 2.08 -24.50 -8.48
N THR C 560 1.11 -24.74 -9.36
CA THR C 560 -0.30 -24.68 -9.05
C THR C 560 -0.76 -26.04 -8.54
N GLY C 561 -1.87 -26.04 -7.82
CA GLY C 561 -2.64 -27.26 -7.55
C GLY C 561 -4.09 -26.88 -7.83
N PHE C 562 -4.90 -27.86 -8.19
CA PHE C 562 -6.31 -27.57 -8.47
C PHE C 562 -7.06 -28.83 -8.07
N TYR C 563 -8.29 -28.63 -7.58
CA TYR C 563 -9.22 -29.72 -7.26
C TYR C 563 -10.61 -29.34 -7.74
N ARG C 564 -11.31 -30.34 -8.22
CA ARG C 564 -12.65 -30.25 -8.76
C ARG C 564 -13.42 -31.40 -8.11
N THR C 565 -14.40 -31.11 -7.25
CA THR C 565 -15.17 -32.18 -6.56
C THR C 565 -15.88 -33.15 -7.53
N PRO C 566 -15.60 -34.47 -7.42
CA PRO C 566 -16.09 -35.37 -8.47
C PRO C 566 -17.54 -35.75 -8.27
N ASN C 567 -18.19 -36.18 -9.36
CA ASN C 567 -19.49 -36.87 -9.32
C ASN C 567 -20.65 -36.04 -8.80
N LEU C 568 -20.61 -34.73 -9.02
CA LEU C 568 -21.67 -33.82 -8.57
C LEU C 568 -22.54 -33.39 -9.73
N GLY C 569 -23.84 -33.26 -9.47
CA GLY C 569 -24.75 -32.74 -10.49
C GLY C 569 -26.15 -33.28 -10.32
N TYR C 570 -26.94 -32.58 -9.51
CA TYR C 570 -28.29 -32.99 -9.22
C TYR C 570 -29.18 -32.38 -10.24
N SER C 571 -30.17 -33.15 -10.68
CA SER C 571 -31.14 -32.62 -11.67
C SER C 571 -32.55 -32.57 -11.07
N PHE C 572 -33.15 -31.39 -11.07
CA PHE C 572 -34.54 -31.25 -10.61
C PHE C 572 -35.56 -31.94 -11.57
N GLU C 573 -35.20 -32.07 -12.85
CA GLU C 573 -36.04 -32.74 -13.86
C GLU C 573 -36.10 -34.24 -13.68
N THR C 574 -35.02 -34.84 -13.20
CA THR C 574 -35.02 -36.30 -13.02
C THR C 574 -35.07 -36.67 -11.54
N ASN C 575 -34.99 -35.67 -10.66
CA ASN C 575 -34.80 -35.89 -9.23
C ASN C 575 -33.71 -36.90 -9.03
N SER C 576 -32.53 -36.61 -9.55
CA SER C 576 -31.45 -37.60 -9.57
C SER C 576 -30.07 -36.94 -9.68
N GLY C 577 -29.02 -37.72 -9.37
CA GLY C 577 -27.61 -37.25 -9.33
C GLY C 577 -27.29 -36.60 -8.00
N ASN C 578 -26.03 -36.68 -7.56
CA ASN C 578 -25.59 -36.16 -6.26
C ASN C 578 -25.57 -34.65 -6.15
N ALA C 579 -26.28 -34.13 -5.15
CA ALA C 579 -26.29 -32.72 -4.87
C ALA C 579 -25.11 -32.39 -3.97
N PHE C 580 -24.69 -33.39 -3.18
CA PHE C 580 -23.67 -33.20 -2.17
C PHE C 580 -22.65 -34.29 -2.25
N HIS C 581 -21.46 -34.00 -1.76
CA HIS C 581 -20.37 -34.94 -1.73
C HIS C 581 -20.54 -35.91 -0.59
N TYR C 582 -20.98 -35.40 0.55
CA TYR C 582 -21.28 -36.21 1.73
C TYR C 582 -22.05 -35.29 2.68
N PHE C 583 -22.37 -35.79 3.86
CA PHE C 583 -23.15 -35.01 4.84
C PHE C 583 -22.39 -34.91 6.16
N THR C 584 -22.49 -33.75 6.84
CA THR C 584 -21.96 -33.64 8.22
C THR C 584 -23.15 -33.79 9.18
N TYR C 585 -22.97 -34.53 10.28
CA TYR C 585 -24.06 -34.84 11.22
C TYR C 585 -23.73 -34.42 12.64
N GLY C 586 -24.76 -34.27 13.45
CA GLY C 586 -24.59 -33.87 14.84
C GLY C 586 -25.91 -34.00 15.59
N VAL C 587 -25.81 -33.97 16.92
CA VAL C 587 -26.97 -34.06 17.81
C VAL C 587 -26.67 -33.17 18.99
N ALA C 588 -27.70 -32.44 19.43
CA ALA C 588 -27.60 -31.56 20.59
C ALA C 588 -28.79 -31.80 21.51
N CYS C 589 -28.50 -31.81 22.80
CA CYS C 589 -29.51 -31.89 23.80
C CYS C 589 -29.42 -30.59 24.60
N SER C 590 -30.53 -29.88 24.79
CA SER C 590 -30.51 -28.63 25.57
C SER C 590 -31.63 -28.56 26.61
N GLU C 591 -31.33 -27.93 27.73
CA GLU C 591 -32.25 -27.75 28.85
C GLU C 591 -32.34 -26.27 29.22
N VAL C 592 -33.57 -25.79 29.42
CA VAL C 592 -33.82 -24.37 29.71
C VAL C 592 -34.74 -24.20 30.94
N GLU C 593 -34.74 -23.06 31.58
CA GLU C 593 -35.84 -22.74 32.49
C GLU C 593 -36.45 -21.42 32.05
N ILE C 594 -37.78 -21.37 31.88
CA ILE C 594 -38.48 -20.11 31.56
C ILE C 594 -39.10 -19.48 32.82
N ASP C 595 -39.20 -18.16 32.81
CA ASP C 595 -39.99 -17.48 33.83
C ASP C 595 -41.31 -17.21 33.16
N CYS C 596 -42.33 -18.01 33.52
CA CYS C 596 -43.68 -17.88 32.93
C CYS C 596 -44.32 -16.53 33.14
N LEU C 597 -43.84 -15.77 34.14
CA LEU C 597 -44.40 -14.46 34.43
C LEU C 597 -43.80 -13.32 33.63
N THR C 598 -42.57 -13.49 33.13
CA THR C 598 -41.89 -12.41 32.44
C THR C 598 -41.50 -12.79 31.02
N GLY C 599 -41.36 -14.09 30.75
CA GLY C 599 -40.91 -14.53 29.42
C GLY C 599 -39.39 -14.70 29.28
N ASP C 600 -38.65 -14.24 30.29
CA ASP C 600 -37.20 -14.42 30.37
C ASP C 600 -36.92 -15.94 30.52
N HIS C 601 -35.76 -16.38 30.08
CA HIS C 601 -35.40 -17.79 30.27
C HIS C 601 -33.91 -17.91 30.48
N LYS C 602 -33.51 -19.05 31.04
CA LYS C 602 -32.13 -19.34 31.29
C LYS C 602 -31.77 -20.66 30.59
N ASN C 603 -30.63 -20.64 29.89
CA ASN C 603 -30.05 -21.80 29.25
C ASN C 603 -29.22 -22.56 30.27
N LEU C 604 -29.67 -23.75 30.64
CA LEU C 604 -29.09 -24.44 31.79
C LEU C 604 -27.95 -25.35 31.39
N ARG C 605 -28.15 -26.10 30.31
CA ARG C 605 -27.17 -27.07 29.93
C ARG C 605 -27.40 -27.48 28.50
N THR C 606 -26.29 -27.61 27.76
CA THR C 606 -26.35 -28.10 26.40
C THR C 606 -25.20 -29.12 26.25
N ASP C 607 -25.51 -30.24 25.61
CA ASP C 607 -24.53 -31.25 25.25
C ASP C 607 -24.61 -31.44 23.74
N ILE C 608 -23.46 -31.46 23.07
CA ILE C 608 -23.42 -31.66 21.63
C ILE C 608 -22.44 -32.78 21.28
N VAL C 609 -22.83 -33.64 20.35
CA VAL C 609 -21.89 -34.64 19.78
C VAL C 609 -21.93 -34.41 18.27
N MET C 610 -20.77 -34.12 17.70
CA MET C 610 -20.65 -33.78 16.27
C MET C 610 -19.70 -34.72 15.52
N ASP C 611 -20.16 -35.16 14.35
CA ASP C 611 -19.40 -36.00 13.46
C ASP C 611 -18.62 -35.14 12.49
N VAL C 612 -17.34 -34.93 12.77
CA VAL C 612 -16.56 -34.10 11.87
C VAL C 612 -15.46 -34.96 11.25
N GLY C 613 -15.76 -36.25 11.06
CA GLY C 613 -14.80 -37.23 10.55
C GLY C 613 -13.57 -37.17 11.42
N SER C 614 -12.39 -37.35 10.83
CA SER C 614 -11.15 -37.26 11.58
C SER C 614 -10.72 -35.81 11.51
N SER C 615 -10.92 -35.08 12.61
CA SER C 615 -10.65 -33.64 12.64
C SER C 615 -9.20 -33.32 12.24
N LEU C 616 -9.02 -32.32 11.41
CA LEU C 616 -7.67 -31.80 11.12
C LEU C 616 -7.12 -31.04 12.35
N ASN C 617 -8.02 -30.50 13.15
CA ASN C 617 -7.67 -29.65 14.29
C ASN C 617 -8.88 -29.57 15.21
N PRO C 618 -8.93 -30.44 16.23
CA PRO C 618 -10.05 -30.55 17.16
C PRO C 618 -10.33 -29.26 17.89
N ALA C 619 -9.30 -28.43 18.12
CA ALA C 619 -9.54 -27.16 18.79
C ALA C 619 -10.31 -26.16 17.93
N ILE C 620 -9.92 -26.06 16.66
CA ILE C 620 -10.63 -25.23 15.70
C ILE C 620 -12.07 -25.77 15.46
N ASP C 621 -12.21 -27.07 15.25
CA ASP C 621 -13.54 -27.68 14.97
C ASP C 621 -14.51 -27.58 16.16
N ILE C 622 -14.00 -27.80 17.36
CA ILE C 622 -14.80 -27.57 18.55
C ILE C 622 -15.22 -26.09 18.65
N GLY C 623 -14.28 -25.19 18.38
CA GLY C 623 -14.57 -23.76 18.25
C GLY C 623 -15.68 -23.44 17.25
N GLN C 624 -15.63 -24.08 16.10
CA GLN C 624 -16.68 -23.89 15.11
C GLN C 624 -18.05 -24.42 15.57
N VAL C 625 -18.06 -25.59 16.18
CA VAL C 625 -19.34 -26.11 16.71
C VAL C 625 -19.92 -25.15 17.74
N GLU C 626 -19.11 -24.76 18.73
CA GLU C 626 -19.57 -23.83 19.75
C GLU C 626 -20.03 -22.49 19.13
N GLY C 627 -19.25 -21.93 18.19
CA GLY C 627 -19.60 -20.63 17.61
C GLY C 627 -20.86 -20.68 16.76
N ALA C 628 -20.99 -21.73 15.98
CA ALA C 628 -22.16 -21.91 15.12
C ALA C 628 -23.39 -22.16 15.98
N PHE C 629 -23.29 -23.06 16.96
CA PHE C 629 -24.40 -23.26 17.90
C PHE C 629 -24.92 -21.99 18.54
N VAL C 630 -24.02 -21.15 19.04
CA VAL C 630 -24.42 -19.89 19.67
C VAL C 630 -25.09 -18.88 18.71
N GLN C 631 -24.66 -18.84 17.47
CA GLN C 631 -25.38 -18.09 16.41
C GLN C 631 -26.80 -18.58 16.13
N GLY C 632 -26.99 -19.89 16.26
CA GLY C 632 -28.30 -20.53 16.11
C GLY C 632 -29.16 -20.27 17.33
N LEU C 633 -28.59 -20.40 18.53
CA LEU C 633 -29.25 -19.94 19.73
C LEU C 633 -29.70 -18.47 19.57
N GLY C 634 -28.86 -17.63 18.98
CA GLY C 634 -29.27 -16.25 18.66
C GLY C 634 -30.42 -16.23 17.66
N LEU C 635 -30.26 -16.87 16.50
CA LEU C 635 -31.34 -16.93 15.49
C LEU C 635 -32.73 -17.32 16.10
N PHE C 636 -32.75 -18.38 16.89
CA PHE C 636 -34.00 -18.98 17.38
C PHE C 636 -34.64 -18.39 18.65
N THR C 637 -33.85 -17.62 19.43
CA THR C 637 -34.28 -17.10 20.74
C THR C 637 -34.07 -15.59 20.92
N LEU C 638 -32.93 -15.05 20.53
CA LEU C 638 -32.58 -13.72 21.00
C LEU C 638 -32.78 -12.65 19.95
N GLU C 639 -32.40 -12.99 18.73
CA GLU C 639 -32.16 -11.97 17.72
C GLU C 639 -33.43 -11.73 16.95
N GLU C 640 -33.85 -10.47 16.91
CA GLU C 640 -35.11 -10.15 16.27
C GLU C 640 -35.01 -8.84 15.52
N LEU C 641 -35.20 -8.87 14.20
CA LEU C 641 -35.18 -7.62 13.42
C LEU C 641 -36.59 -7.09 13.36
N HIS C 642 -36.74 -5.77 13.39
CA HIS C 642 -38.05 -5.17 13.51
C HIS C 642 -38.14 -3.92 12.62
N TYR C 643 -39.22 -3.84 11.85
CA TYR C 643 -39.40 -2.79 10.87
C TYR C 643 -40.66 -1.98 11.15
N SER C 644 -40.63 -0.70 10.80
CA SER C 644 -41.82 0.13 10.78
C SER C 644 -42.83 -0.42 9.76
N PRO C 645 -44.14 -0.06 9.89
CA PRO C 645 -45.10 -0.45 8.85
C PRO C 645 -44.70 0.03 7.46
N GLU C 646 -43.97 1.15 7.39
CA GLU C 646 -43.43 1.68 6.14
C GLU C 646 -42.15 0.98 5.67
N GLY C 647 -41.73 -0.09 6.33
CA GLY C 647 -40.57 -0.84 5.85
C GLY C 647 -39.21 -0.32 6.31
N SER C 648 -39.18 0.50 7.36
CA SER C 648 -37.91 1.05 7.88
C SER C 648 -37.36 0.27 9.08
N LEU C 649 -36.14 -0.25 8.97
CA LEU C 649 -35.55 -1.02 10.05
C LEU C 649 -35.39 -0.18 11.32
N HIS C 650 -35.95 -0.65 12.42
CA HIS C 650 -35.81 0.01 13.71
C HIS C 650 -34.58 -0.47 14.44
N THR C 651 -34.23 -1.76 14.26
CA THR C 651 -33.18 -2.38 15.06
C THR C 651 -31.84 -2.32 14.32
N ARG C 652 -31.03 -1.31 14.64
CA ARG C 652 -29.82 -1.00 13.89
C ARG C 652 -28.55 -0.87 14.74
N GLY C 653 -28.51 -1.50 15.91
CA GLY C 653 -27.30 -1.47 16.70
C GLY C 653 -27.46 -2.44 17.87
N PRO C 654 -26.39 -2.68 18.63
CA PRO C 654 -26.48 -3.62 19.76
C PRO C 654 -27.46 -3.20 20.86
N SER C 655 -27.94 -1.94 20.90
CA SER C 655 -28.93 -1.52 21.93
C SER C 655 -30.34 -2.05 21.66
N THR C 656 -30.62 -2.31 20.38
CA THR C 656 -31.94 -2.79 19.98
C THR C 656 -31.91 -4.13 19.24
N TYR C 657 -30.72 -4.69 18.99
CA TYR C 657 -30.61 -6.01 18.37
C TYR C 657 -29.69 -6.86 19.23
N LYS C 658 -30.18 -7.95 19.79
CA LYS C 658 -29.40 -8.57 20.84
C LYS C 658 -28.78 -9.87 20.40
N ILE C 659 -27.47 -9.89 20.18
CA ILE C 659 -26.83 -11.14 19.78
C ILE C 659 -26.45 -11.82 21.10
N PRO C 660 -26.15 -13.12 21.09
CA PRO C 660 -25.76 -13.71 22.36
C PRO C 660 -24.59 -12.98 23.01
N ALA C 661 -24.69 -12.87 24.33
CA ALA C 661 -23.68 -12.28 25.21
C ALA C 661 -23.00 -13.35 26.06
N PHE C 662 -21.94 -12.98 26.81
CA PHE C 662 -21.22 -13.93 27.69
C PHE C 662 -22.21 -14.62 28.58
N GLY C 663 -23.11 -13.82 29.16
CA GLY C 663 -24.19 -14.31 30.01
C GLY C 663 -25.31 -15.09 29.33
N SER C 664 -25.26 -15.27 28.01
CA SER C 664 -26.33 -15.99 27.29
C SER C 664 -26.16 -17.49 27.13
N ILE C 665 -24.93 -17.95 27.30
CA ILE C 665 -24.60 -19.29 26.85
C ILE C 665 -25.00 -20.26 27.96
N PRO C 666 -25.21 -21.54 27.60
CA PRO C 666 -25.67 -22.49 28.60
C PRO C 666 -24.68 -22.57 29.72
N THR C 667 -25.18 -22.66 30.95
CA THR C 667 -24.30 -22.75 32.11
C THR C 667 -23.30 -23.91 32.05
N GLU C 668 -23.77 -25.09 31.66
CA GLU C 668 -22.92 -26.23 31.38
C GLU C 668 -23.00 -26.46 29.87
N PHE C 669 -21.86 -26.31 29.18
CA PHE C 669 -21.84 -26.26 27.70
C PHE C 669 -20.78 -27.28 27.27
N ARG C 670 -21.22 -28.46 26.81
CA ARG C 670 -20.30 -29.57 26.52
C ARG C 670 -20.36 -29.97 25.07
N VAL C 671 -19.19 -30.10 24.43
CA VAL C 671 -19.13 -30.46 23.01
C VAL C 671 -18.12 -31.60 22.88
N SER C 672 -18.47 -32.63 22.12
CA SER C 672 -17.61 -33.78 21.85
C SER C 672 -17.63 -34.02 20.35
N LEU C 673 -16.48 -34.38 19.78
CA LEU C 673 -16.41 -34.78 18.40
C LEU C 673 -16.46 -36.29 18.44
N LEU C 674 -17.25 -36.87 17.54
CA LEU C 674 -17.40 -38.29 17.47
C LEU C 674 -16.05 -38.93 17.12
N ARG C 675 -15.74 -40.06 17.78
CA ARG C 675 -14.46 -40.76 17.60
C ARG C 675 -14.57 -41.85 16.56
N ASP C 676 -13.46 -42.15 15.89
CA ASP C 676 -13.36 -43.26 14.91
C ASP C 676 -14.42 -43.26 13.84
N CYS C 677 -14.56 -42.14 13.13
CA CYS C 677 -15.44 -42.07 11.98
C CYS C 677 -14.76 -41.31 10.81
N PRO C 678 -13.61 -41.83 10.33
CA PRO C 678 -12.90 -41.22 9.22
C PRO C 678 -13.81 -41.01 8.02
N ASN C 679 -13.71 -39.89 7.35
CA ASN C 679 -14.47 -39.60 6.14
C ASN C 679 -13.63 -39.83 4.87
N LYS C 680 -13.89 -40.92 4.16
CA LYS C 680 -13.07 -41.24 3.00
C LYS C 680 -13.12 -40.16 1.91
N LYS C 681 -14.14 -39.33 1.93
CA LYS C 681 -14.39 -38.39 0.82
C LYS C 681 -13.68 -37.06 0.92
N ALA C 682 -13.02 -36.77 2.03
CA ALA C 682 -12.39 -35.46 2.08
C ALA C 682 -10.97 -35.54 2.64
N ILE C 683 -10.28 -34.42 2.54
CA ILE C 683 -8.84 -34.27 2.91
C ILE C 683 -8.50 -34.85 4.28
N TYR C 684 -7.59 -35.83 4.29
CA TYR C 684 -7.13 -36.48 5.53
C TYR C 684 -8.29 -36.98 6.44
N ALA C 685 -9.34 -37.48 5.79
CA ALA C 685 -10.52 -38.07 6.45
C ALA C 685 -11.40 -37.12 7.28
N SER C 686 -11.22 -35.81 7.10
CA SER C 686 -11.98 -34.78 7.80
C SER C 686 -13.33 -34.48 7.19
N LYS C 687 -14.14 -33.69 7.89
CA LYS C 687 -15.41 -33.22 7.31
C LYS C 687 -15.54 -31.75 7.58
N ALA C 688 -16.30 -31.11 6.72
CA ALA C 688 -16.69 -29.70 6.90
C ALA C 688 -17.42 -29.47 8.23
N VAL C 689 -17.15 -28.32 8.87
CA VAL C 689 -17.73 -28.01 10.18
C VAL C 689 -18.37 -26.62 10.29
N GLY C 690 -18.11 -25.73 9.34
CA GLY C 690 -18.51 -24.31 9.47
C GLY C 690 -19.96 -24.09 9.88
N GLU C 691 -20.84 -24.59 9.02
CA GLU C 691 -22.26 -24.31 9.04
C GLU C 691 -23.10 -25.41 9.67
N PRO C 692 -22.72 -26.70 9.47
CA PRO C 692 -23.53 -27.79 10.01
C PRO C 692 -24.04 -27.68 11.45
N PRO C 693 -23.23 -27.14 12.41
CA PRO C 693 -23.76 -27.15 13.76
C PRO C 693 -24.73 -26.03 14.08
N LEU C 694 -24.96 -25.07 13.18
CA LEU C 694 -25.70 -23.90 13.60
C LEU C 694 -27.15 -24.30 13.91
N PHE C 695 -27.71 -25.17 13.10
CA PHE C 695 -29.07 -25.58 13.38
C PHE C 695 -29.24 -26.24 14.77
N LEU C 696 -28.17 -26.76 15.34
CA LEU C 696 -28.29 -27.42 16.65
C LEU C 696 -28.76 -26.42 17.75
N GLY C 697 -28.59 -25.12 17.50
CA GLY C 697 -29.06 -24.09 18.44
C GLY C 697 -30.57 -24.16 18.61
N ALA C 698 -31.28 -24.71 17.62
CA ALA C 698 -32.73 -24.96 17.78
C ALA C 698 -33.11 -25.90 18.94
N SER C 699 -32.18 -26.76 19.38
CA SER C 699 -32.46 -27.57 20.59
C SER C 699 -32.91 -26.67 21.74
N VAL C 700 -32.40 -25.45 21.78
CA VAL C 700 -32.81 -24.48 22.80
C VAL C 700 -34.25 -24.03 22.56
N PHE C 701 -34.60 -23.76 21.30
CA PHE C 701 -35.96 -23.35 20.94
C PHE C 701 -36.95 -24.43 21.35
N PHE C 702 -36.67 -25.66 20.97
CA PHE C 702 -37.58 -26.76 21.31
C PHE C 702 -37.61 -27.15 22.80
N ALA C 703 -36.52 -26.93 23.54
CA ALA C 703 -36.59 -27.02 25.01
C ALA C 703 -37.53 -25.93 25.54
N ILE C 704 -37.44 -24.72 24.98
CA ILE C 704 -38.34 -23.65 25.40
C ILE C 704 -39.81 -24.00 25.13
N LYS C 705 -40.09 -24.55 23.94
CA LYS C 705 -41.43 -24.97 23.57
C LYS C 705 -41.98 -26.02 24.56
N ASP C 706 -41.13 -26.96 24.94
CA ASP C 706 -41.43 -27.98 25.94
C ASP C 706 -41.83 -27.32 27.26
N ALA C 707 -41.03 -26.36 27.71
CA ALA C 707 -41.31 -25.62 28.93
C ALA C 707 -42.66 -24.88 28.84
N ILE C 708 -42.91 -24.22 27.70
CA ILE C 708 -44.19 -23.54 27.50
C ILE C 708 -45.37 -24.51 27.60
N ARG C 709 -45.23 -25.68 26.98
CA ARG C 709 -46.25 -26.72 27.07
C ARG C 709 -46.58 -27.03 28.52
N ALA C 710 -45.55 -27.10 29.34
CA ALA C 710 -45.74 -27.30 30.79
C ALA C 710 -46.49 -26.13 31.41
N ALA C 711 -46.09 -24.92 31.05
CA ALA C 711 -46.77 -23.74 31.58
C ALA C 711 -48.25 -23.78 31.21
N ARG C 712 -48.54 -24.21 30.01
CA ARG C 712 -49.92 -24.27 29.50
C ARG C 712 -50.78 -25.37 30.14
N ALA C 713 -50.18 -26.55 30.41
CA ALA C 713 -50.82 -27.58 31.22
C ALA C 713 -51.10 -27.06 32.61
N GLN C 714 -50.22 -26.19 33.11
CA GLN C 714 -50.41 -25.63 34.42
C GLN C 714 -51.60 -24.66 34.48
N HIS C 715 -51.63 -23.67 33.58
CA HIS C 715 -52.53 -22.53 33.70
C HIS C 715 -53.53 -22.29 32.57
N THR C 716 -53.36 -22.89 31.41
CA THR C 716 -54.23 -22.46 30.31
C THR C 716 -55.40 -23.37 29.95
N ASN C 717 -55.15 -24.68 29.96
CA ASN C 717 -56.18 -25.67 29.75
C ASN C 717 -55.70 -27.07 30.14
N ASN C 718 -56.50 -28.08 29.77
CA ASN C 718 -56.26 -29.48 30.14
C ASN C 718 -55.98 -30.36 28.92
N ASN C 719 -55.98 -29.75 27.72
CA ASN C 719 -55.76 -30.47 26.47
C ASN C 719 -54.26 -30.82 26.26
N THR C 720 -53.92 -32.07 26.52
CA THR C 720 -52.53 -32.52 26.57
C THR C 720 -51.91 -32.61 25.18
N LYS C 721 -52.78 -32.61 24.17
CA LYS C 721 -52.41 -32.78 22.75
C LYS C 721 -52.61 -31.52 21.93
N GLU C 722 -52.74 -30.40 22.62
CA GLU C 722 -52.89 -29.06 22.00
C GLU C 722 -51.64 -28.71 21.19
N LEU C 723 -51.83 -28.10 20.02
CA LEU C 723 -50.73 -27.66 19.19
C LEU C 723 -50.85 -26.15 19.14
N PHE C 724 -49.95 -25.43 19.78
CA PHE C 724 -49.99 -23.98 19.58
C PHE C 724 -48.85 -23.59 18.65
N ARG C 725 -49.06 -22.53 17.89
CA ARG C 725 -48.00 -22.00 17.04
C ARG C 725 -47.01 -21.18 17.82
N LEU C 726 -45.72 -21.49 17.70
CA LEU C 726 -44.68 -20.64 18.27
C LEU C 726 -43.67 -20.33 17.16
N ASP C 727 -43.64 -19.07 16.74
CA ASP C 727 -42.77 -18.62 15.66
C ASP C 727 -41.37 -18.38 16.24
N SER C 728 -40.38 -18.38 15.37
CA SER C 728 -39.00 -18.00 15.73
C SER C 728 -38.74 -16.55 15.33
N PRO C 729 -37.98 -15.80 16.10
CA PRO C 729 -37.31 -16.18 17.36
C PRO C 729 -38.33 -16.20 18.51
N ALA C 730 -38.15 -17.12 19.45
CA ALA C 730 -38.93 -17.16 20.66
C ALA C 730 -38.32 -16.18 21.65
N THR C 731 -38.62 -14.91 21.45
CA THR C 731 -38.24 -13.81 22.31
C THR C 731 -39.11 -13.82 23.59
N PRO C 732 -38.73 -13.03 24.62
CA PRO C 732 -39.63 -12.87 25.80
C PRO C 732 -41.12 -12.61 25.48
N GLU C 733 -41.39 -11.70 24.54
CA GLU C 733 -42.73 -11.38 24.11
C GLU C 733 -43.50 -12.63 23.70
N LYS C 734 -42.90 -13.43 22.83
CA LYS C 734 -43.52 -14.67 22.31
C LYS C 734 -43.67 -15.77 23.41
N ILE C 735 -42.67 -15.91 24.25
CA ILE C 735 -42.73 -16.90 25.32
C ILE C 735 -43.84 -16.48 26.29
N ARG C 736 -43.82 -15.22 26.75
CA ARG C 736 -44.78 -14.74 27.75
C ARG C 736 -46.20 -14.85 27.23
N ASN C 737 -46.42 -14.34 26.02
CA ASN C 737 -47.74 -14.44 25.39
C ASN C 737 -48.27 -15.89 25.27
N ALA C 738 -47.38 -16.86 25.14
CA ALA C 738 -47.77 -18.27 24.94
C ALA C 738 -48.14 -18.97 26.24
N CYS C 739 -47.67 -18.44 27.36
CA CYS C 739 -48.02 -18.96 28.68
C CYS C 739 -49.30 -18.29 29.15
N VAL C 740 -50.38 -18.60 28.44
CA VAL C 740 -51.72 -18.05 28.70
C VAL C 740 -52.17 -18.41 30.12
N ASP C 741 -52.56 -17.40 30.88
CA ASP C 741 -52.85 -17.54 32.31
C ASP C 741 -53.80 -16.43 32.73
N LYS C 742 -53.92 -16.18 34.04
CA LYS C 742 -54.86 -15.18 34.56
C LYS C 742 -54.50 -13.75 34.20
N PHE C 743 -53.23 -13.52 33.82
CA PHE C 743 -52.78 -12.14 33.49
C PHE C 743 -52.93 -11.85 32.01
N THR C 744 -52.51 -12.79 31.15
CA THR C 744 -52.68 -12.62 29.69
C THR C 744 -54.17 -12.46 29.31
N THR C 745 -55.01 -13.21 30.02
CA THR C 745 -56.46 -13.22 29.77
C THR C 745 -57.20 -12.09 30.47
N LEU C 746 -56.58 -11.53 31.50
CA LEU C 746 -57.20 -10.52 32.39
C LEU C 746 -58.26 -11.11 33.33
N CYS C 747 -58.30 -12.44 33.45
CA CYS C 747 -59.18 -13.09 34.42
C CYS C 747 -58.88 -12.59 35.83
N VAL C 748 -57.61 -12.32 36.11
CA VAL C 748 -57.20 -11.77 37.40
C VAL C 748 -57.95 -10.44 37.73
N THR C 749 -58.39 -9.69 36.73
CA THR C 749 -59.15 -8.46 36.99
C THR C 749 -60.61 -8.70 37.39
N GLY C 750 -61.02 -9.96 37.45
CA GLY C 750 -62.44 -10.35 37.57
C GLY C 750 -63.17 -10.67 36.26
N ALA C 751 -62.49 -10.49 35.12
CA ALA C 751 -63.13 -10.75 33.82
C ALA C 751 -63.20 -12.22 33.48
N PRO C 752 -64.14 -12.61 32.60
CA PRO C 752 -64.14 -13.95 32.06
C PRO C 752 -62.99 -14.06 31.04
N GLY C 753 -62.45 -15.26 30.86
CA GLY C 753 -61.36 -15.38 29.91
C GLY C 753 -60.97 -16.81 29.65
N ASN C 754 -60.01 -16.95 28.75
CA ASN C 754 -59.69 -18.23 28.11
C ASN C 754 -58.56 -18.97 28.81
N CYS C 755 -58.69 -19.10 30.12
CA CYS C 755 -57.83 -19.97 30.91
C CYS C 755 -58.63 -20.72 31.94
N LYS C 756 -57.98 -21.65 32.63
CA LYS C 756 -58.64 -22.57 33.53
C LYS C 756 -58.52 -22.09 34.99
N THR D 1 3.50 38.61 9.63
CA THR D 1 4.98 38.70 9.43
C THR D 1 5.40 38.28 8.01
N ALA D 2 4.90 37.13 7.54
CA ALA D 2 5.35 36.52 6.30
C ALA D 2 4.28 36.54 5.20
N ASP D 3 4.73 36.91 4.00
CA ASP D 3 3.84 37.11 2.88
C ASP D 3 3.40 35.80 2.25
N GLU D 4 2.27 35.83 1.56
CA GLU D 4 1.79 34.71 0.77
C GLU D 4 2.52 34.66 -0.57
N LEU D 5 2.86 33.46 -0.99
CA LEU D 5 3.38 33.20 -2.34
C LEU D 5 2.24 32.66 -3.22
N VAL D 6 2.01 33.28 -4.35
CA VAL D 6 0.91 32.88 -5.21
C VAL D 6 1.47 32.57 -6.60
N PHE D 7 1.30 31.33 -7.03
CA PHE D 7 1.58 30.98 -8.43
C PHE D 7 0.52 30.07 -8.99
N PHE D 8 0.69 29.67 -10.25
CA PHE D 8 -0.27 28.82 -10.93
C PHE D 8 0.46 27.61 -11.45
N VAL D 9 -0.16 26.45 -11.33
CA VAL D 9 0.38 25.24 -11.93
C VAL D 9 -0.69 24.54 -12.76
N ASN D 10 -0.40 24.40 -14.04
CA ASN D 10 -1.32 23.79 -15.01
C ASN D 10 -2.70 24.46 -14.99
N GLY D 11 -2.68 25.79 -14.91
CA GLY D 11 -3.91 26.60 -14.89
C GLY D 11 -4.59 26.78 -13.53
N LYS D 12 -3.97 26.28 -12.47
CA LYS D 12 -4.60 26.25 -11.16
C LYS D 12 -3.84 27.08 -10.14
N LYS D 13 -4.57 27.82 -9.30
CA LYS D 13 -3.94 28.75 -8.35
C LYS D 13 -3.38 28.03 -7.13
N VAL D 14 -2.11 28.29 -6.86
CA VAL D 14 -1.41 27.75 -5.74
C VAL D 14 -1.12 28.89 -4.78
N VAL D 15 -1.67 28.83 -3.58
CA VAL D 15 -1.41 29.86 -2.58
C VAL D 15 -0.64 29.24 -1.42
N GLU D 16 0.65 29.50 -1.42
CA GLU D 16 1.49 29.05 -0.32
C GLU D 16 1.56 30.11 0.78
N LYS D 17 1.02 29.80 1.96
CA LYS D 17 0.97 30.78 3.03
C LYS D 17 2.24 30.75 3.89
N ASN D 18 3.02 29.68 3.77
CA ASN D 18 4.25 29.55 4.55
C ASN D 18 5.46 29.09 3.73
N ALA D 19 5.77 29.80 2.65
CA ALA D 19 6.84 29.35 1.74
C ALA D 19 8.19 29.32 2.45
N ASP D 20 8.87 28.18 2.38
CA ASP D 20 10.26 28.10 2.81
C ASP D 20 11.21 28.42 1.64
N PRO D 21 12.11 29.40 1.82
CA PRO D 21 13.08 29.84 0.78
C PRO D 21 13.95 28.74 0.18
N GLU D 22 14.12 27.65 0.92
CA GLU D 22 14.95 26.52 0.48
C GLU D 22 14.23 25.55 -0.47
N THR D 23 12.90 25.67 -0.55
CA THR D 23 12.08 24.71 -1.29
C THR D 23 12.21 24.94 -2.77
N THR D 24 12.52 23.85 -3.48
CA THR D 24 12.58 23.88 -4.94
C THR D 24 11.21 23.58 -5.52
N LEU D 25 11.00 24.02 -6.74
CA LEU D 25 9.76 23.75 -7.41
C LEU D 25 9.58 22.24 -7.62
N LEU D 26 10.66 21.53 -7.90
CA LEU D 26 10.57 20.05 -8.08
C LEU D 26 9.98 19.40 -6.82
N ALA D 27 10.54 19.75 -5.66
CA ALA D 27 10.03 19.27 -4.36
C ALA D 27 8.56 19.63 -4.17
N TYR D 28 8.20 20.86 -4.49
CA TYR D 28 6.83 21.32 -4.35
C TYR D 28 5.87 20.53 -5.26
N LEU D 29 6.21 20.41 -6.55
CA LEU D 29 5.39 19.70 -7.51
C LEU D 29 5.18 18.25 -7.03
N ARG D 30 6.29 17.59 -6.73
CA ARG D 30 6.24 16.15 -6.41
C ARG D 30 5.60 15.86 -5.06
N ARG D 31 6.07 16.60 -4.04
CA ARG D 31 5.78 16.25 -2.65
C ARG D 31 4.72 17.09 -1.91
N LYS D 32 4.29 18.21 -2.51
CA LYS D 32 3.17 18.95 -1.92
C LYS D 32 1.97 18.83 -2.82
N LEU D 33 2.19 18.97 -4.13
CA LEU D 33 1.10 19.01 -5.09
C LEU D 33 0.76 17.63 -5.65
N GLY D 34 1.70 16.70 -5.58
CA GLY D 34 1.40 15.32 -5.96
C GLY D 34 1.40 15.15 -7.47
N LEU D 35 2.22 15.96 -8.16
CA LEU D 35 2.32 15.92 -9.63
C LEU D 35 3.65 15.28 -9.98
N ARG D 36 3.64 13.96 -10.14
CA ARG D 36 4.89 13.21 -10.15
C ARG D 36 5.50 12.97 -11.53
N GLY D 37 4.94 13.63 -12.54
CA GLY D 37 5.43 13.52 -13.92
C GLY D 37 6.83 14.10 -14.10
N THR D 38 7.09 15.18 -13.38
CA THR D 38 8.38 15.89 -13.37
C THR D 38 9.35 15.14 -12.47
N LYS D 39 10.52 14.74 -13.01
CA LYS D 39 11.43 13.78 -12.34
C LYS D 39 12.70 14.44 -11.84
N LEU D 40 13.29 13.83 -10.79
CA LEU D 40 14.60 14.16 -10.29
C LEU D 40 15.61 13.20 -10.95
N GLY D 41 16.54 13.73 -11.73
CA GLY D 41 17.60 12.87 -12.30
C GLY D 41 19.02 13.25 -11.85
N CYS D 42 19.20 14.48 -11.36
CA CYS D 42 20.56 14.87 -10.91
C CYS D 42 20.56 15.90 -9.80
N GLY D 43 19.57 16.79 -9.76
CA GLY D 43 19.52 17.90 -8.81
C GLY D 43 20.54 18.99 -9.00
N GLU D 44 21.24 19.02 -10.13
CA GLU D 44 22.29 20.01 -10.32
C GLU D 44 22.24 20.66 -11.69
N GLY D 45 21.04 20.64 -12.30
CA GLY D 45 20.78 21.37 -13.52
C GLY D 45 21.33 20.77 -14.80
N GLY D 46 21.92 19.58 -14.73
CA GLY D 46 22.53 18.98 -15.92
C GLY D 46 21.79 17.97 -16.80
N CYS D 47 20.63 17.46 -16.38
CA CYS D 47 20.01 16.35 -17.13
C CYS D 47 18.65 16.68 -17.69
N GLY D 48 18.00 17.70 -17.15
CA GLY D 48 16.71 18.19 -17.68
C GLY D 48 15.49 17.30 -17.41
N ALA D 49 15.65 16.26 -16.57
CA ALA D 49 14.54 15.38 -16.21
C ALA D 49 13.42 16.14 -15.54
N CYS D 50 13.79 17.25 -14.91
CA CYS D 50 12.91 18.06 -14.12
C CYS D 50 12.36 19.24 -14.93
N THR D 51 12.49 19.20 -16.26
CA THR D 51 12.12 20.36 -17.12
C THR D 51 10.62 20.64 -17.09
N VAL D 52 10.27 21.92 -16.88
CA VAL D 52 8.88 22.39 -16.92
C VAL D 52 8.88 23.70 -17.75
N MET D 53 7.72 24.15 -18.16
CA MET D 53 7.62 25.44 -18.83
C MET D 53 7.13 26.49 -17.85
N LEU D 54 7.80 27.64 -17.86
CA LEU D 54 7.37 28.75 -17.04
C LEU D 54 6.81 29.82 -17.96
N SER D 55 5.85 30.58 -17.47
CA SER D 55 5.16 31.57 -18.30
C SER D 55 4.90 32.79 -17.47
N LYS D 56 5.13 33.97 -18.03
CA LYS D 56 4.83 35.19 -17.28
C LYS D 56 4.65 36.38 -18.23
N TYR D 57 3.91 37.39 -17.75
CA TYR D 57 3.78 38.65 -18.48
C TYR D 57 5.05 39.44 -18.26
N ASP D 58 5.79 39.69 -19.34
CA ASP D 58 7.03 40.44 -19.26
C ASP D 58 6.67 41.91 -19.35
N ARG D 59 6.76 42.60 -18.21
CA ARG D 59 6.42 44.03 -18.10
C ARG D 59 7.19 44.84 -19.12
N LEU D 60 8.46 44.50 -19.31
CA LEU D 60 9.33 45.21 -20.24
C LEU D 60 8.91 44.97 -21.69
N GLN D 61 9.00 43.72 -22.15
CA GLN D 61 8.69 43.36 -23.54
C GLN D 61 7.21 43.49 -23.88
N ASP D 62 6.40 43.81 -22.87
CA ASP D 62 4.93 43.81 -22.94
C ASP D 62 4.27 42.40 -22.88
N LYS D 63 4.68 41.47 -23.74
CA LYS D 63 3.98 40.17 -23.95
C LYS D 63 4.07 39.12 -22.82
N ILE D 64 3.38 38.01 -23.06
CA ILE D 64 3.56 36.81 -22.25
C ILE D 64 4.73 36.05 -22.83
N ILE D 65 5.73 35.76 -22.01
CA ILE D 65 6.85 34.91 -22.46
C ILE D 65 6.73 33.49 -21.89
N HIS D 66 7.20 32.52 -22.67
CA HIS D 66 7.21 31.10 -22.27
C HIS D 66 8.64 30.59 -22.36
N PHE D 67 9.15 29.96 -21.31
CA PHE D 67 10.50 29.37 -21.40
C PHE D 67 10.62 28.13 -20.54
N SER D 68 11.62 27.29 -20.84
CA SER D 68 11.88 26.05 -20.07
C SER D 68 12.84 26.33 -18.90
N ALA D 69 12.74 25.56 -17.81
CA ALA D 69 13.55 25.77 -16.61
C ALA D 69 13.67 24.41 -15.94
N ASN D 70 14.70 24.26 -15.13
CA ASN D 70 14.93 23.03 -14.40
C ASN D 70 14.23 23.25 -13.08
N ALA D 71 13.15 22.52 -12.82
CA ALA D 71 12.45 22.63 -11.54
C ALA D 71 13.32 22.26 -10.34
N CYS D 72 14.43 21.57 -10.57
CA CYS D 72 15.27 21.12 -9.43
C CYS D 72 16.09 22.28 -8.85
N LEU D 73 16.21 23.36 -9.61
CA LEU D 73 17.00 24.54 -9.20
C LEU D 73 16.18 25.82 -9.02
N ALA D 74 14.92 25.78 -9.45
CA ALA D 74 13.98 26.91 -9.31
C ALA D 74 13.45 27.04 -7.88
N PRO D 75 13.86 28.08 -7.14
CA PRO D 75 13.23 28.26 -5.82
C PRO D 75 11.80 28.70 -6.01
N ILE D 76 10.88 28.13 -5.25
CA ILE D 76 9.45 28.50 -5.39
C ILE D 76 9.30 30.01 -5.10
N CYS D 77 10.19 30.56 -4.28
CA CYS D 77 10.08 31.98 -3.90
C CYS D 77 10.38 32.96 -5.05
N THR D 78 10.90 32.46 -6.17
CA THR D 78 11.06 33.21 -7.44
C THR D 78 9.82 33.20 -8.35
N LEU D 79 8.80 32.44 -7.97
CA LEU D 79 7.67 32.16 -8.85
C LEU D 79 6.39 32.97 -8.55
N HIS D 80 6.47 33.97 -7.68
CA HIS D 80 5.30 34.78 -7.42
C HIS D 80 4.79 35.33 -8.73
N HIS D 81 3.53 35.01 -9.03
CA HIS D 81 2.82 35.45 -10.23
C HIS D 81 3.40 34.85 -11.50
N VAL D 82 3.98 33.66 -11.38
CA VAL D 82 4.43 32.92 -12.56
C VAL D 82 3.48 31.74 -12.76
N ALA D 83 3.33 31.29 -14.01
CA ALA D 83 2.53 30.13 -14.34
C ALA D 83 3.40 28.96 -14.77
N VAL D 84 3.29 27.85 -14.05
CA VAL D 84 4.03 26.60 -14.34
C VAL D 84 3.14 25.69 -15.17
N THR D 85 3.71 25.10 -16.23
CA THR D 85 3.12 24.00 -16.97
C THR D 85 4.04 22.78 -16.83
N THR D 86 3.47 21.65 -16.40
CA THR D 86 4.18 20.37 -16.35
C THR D 86 3.68 19.44 -17.46
N VAL D 87 4.27 18.25 -17.52
CA VAL D 87 3.88 17.27 -18.52
C VAL D 87 2.37 17.00 -18.36
N GLU D 88 1.86 16.98 -17.13
CA GLU D 88 0.43 16.66 -16.97
C GLU D 88 -0.51 17.80 -17.38
N GLY D 89 0.07 18.99 -17.52
CA GLY D 89 -0.67 20.15 -18.00
C GLY D 89 -0.94 20.21 -19.49
N ILE D 90 -0.34 19.31 -20.28
CA ILE D 90 -0.45 19.44 -21.77
C ILE D 90 -1.25 18.36 -22.48
N GLY D 91 -1.44 17.24 -21.80
CA GLY D 91 -2.16 16.09 -22.35
C GLY D 91 -2.03 14.89 -21.41
N SER D 92 -2.88 13.91 -21.63
CA SER D 92 -2.98 12.71 -20.78
C SER D 92 -3.57 11.56 -21.61
N THR D 93 -3.21 10.32 -21.28
CA THR D 93 -3.84 9.18 -21.93
C THR D 93 -5.31 9.02 -21.48
N LYS D 94 -5.72 9.75 -20.45
CA LYS D 94 -7.09 9.66 -19.94
C LYS D 94 -8.04 10.59 -20.68
N THR D 95 -7.48 11.68 -21.23
CA THR D 95 -8.23 12.66 -22.00
C THR D 95 -7.74 12.60 -23.45
N ARG D 96 -6.60 13.22 -23.72
CA ARG D 96 -5.99 13.28 -25.04
C ARG D 96 -4.52 13.67 -24.94
N LEU D 97 -3.65 12.98 -25.67
CA LEU D 97 -2.24 13.31 -25.68
C LEU D 97 -1.99 14.59 -26.47
N HIS D 98 -1.02 15.39 -26.04
CA HIS D 98 -0.52 16.47 -26.89
C HIS D 98 0.21 15.83 -28.07
N PRO D 99 0.12 16.46 -29.25
CA PRO D 99 0.97 15.94 -30.35
C PRO D 99 2.45 15.67 -30.00
N VAL D 100 3.07 16.46 -29.12
CA VAL D 100 4.46 16.20 -28.77
C VAL D 100 4.56 14.81 -28.10
N GLN D 101 3.57 14.50 -27.26
CA GLN D 101 3.55 13.23 -26.50
C GLN D 101 3.26 12.03 -27.39
N GLU D 102 2.30 12.18 -28.30
CA GLU D 102 1.97 11.15 -29.24
C GLU D 102 3.18 10.79 -30.07
N ARG D 103 3.85 11.82 -30.60
CA ARG D 103 4.87 11.55 -31.63
C ARG D 103 6.12 10.96 -31.03
N ILE D 104 6.51 11.40 -29.82
CA ILE D 104 7.69 10.78 -29.19
C ILE D 104 7.36 9.32 -28.84
N ALA D 105 6.11 9.05 -28.47
CA ALA D 105 5.71 7.69 -28.10
C ALA D 105 5.72 6.79 -29.32
N LYS D 106 5.01 7.22 -30.36
CA LYS D 106 4.89 6.45 -31.60
C LYS D 106 6.18 6.33 -32.42
N SER D 107 7.15 7.22 -32.17
CA SER D 107 8.41 7.21 -32.92
C SER D 107 9.50 6.39 -32.27
N HIS D 108 9.15 5.71 -31.20
CA HIS D 108 10.08 4.90 -30.42
C HIS D 108 11.14 5.74 -29.74
N GLY D 109 10.75 6.94 -29.33
CA GLY D 109 11.67 7.87 -28.65
C GLY D 109 11.68 7.72 -27.14
N SER D 110 10.97 6.73 -26.61
CA SER D 110 10.88 6.52 -25.18
C SER D 110 11.09 5.04 -24.89
N GLN D 111 12.13 4.75 -24.11
CA GLN D 111 12.45 3.36 -23.75
C GLN D 111 12.08 3.20 -22.25
N CYS D 112 13.02 3.48 -21.33
CA CYS D 112 12.70 3.40 -19.89
C CYS D 112 11.67 4.45 -19.54
N GLY D 113 11.69 5.56 -20.26
CA GLY D 113 10.70 6.64 -20.11
C GLY D 113 10.96 7.71 -19.08
N PHE D 114 12.10 7.64 -18.39
CA PHE D 114 12.32 8.56 -17.28
C PHE D 114 12.70 9.98 -17.72
N CYS D 115 13.35 10.09 -18.89
CA CYS D 115 13.69 11.41 -19.51
C CYS D 115 12.55 12.00 -20.34
N THR D 116 11.53 11.18 -20.60
CA THR D 116 10.53 11.54 -21.60
C THR D 116 9.76 12.83 -21.25
N PRO D 117 9.24 12.93 -20.00
CA PRO D 117 8.53 14.16 -19.65
C PRO D 117 9.37 15.42 -19.83
N GLY D 118 10.65 15.37 -19.47
CA GLY D 118 11.59 16.49 -19.60
C GLY D 118 11.77 16.90 -21.04
N ILE D 119 12.01 15.92 -21.88
CA ILE D 119 12.15 16.15 -23.33
C ILE D 119 10.82 16.66 -23.96
N VAL D 120 9.70 16.09 -23.54
CA VAL D 120 8.37 16.57 -23.95
C VAL D 120 8.25 18.05 -23.65
N MET D 121 8.58 18.45 -22.42
CA MET D 121 8.46 19.85 -22.02
C MET D 121 9.44 20.81 -22.73
N SER D 122 10.62 20.31 -23.07
CA SER D 122 11.54 21.01 -23.93
C SER D 122 10.98 21.25 -25.34
N MET D 123 10.42 20.22 -25.96
CA MET D 123 9.83 20.38 -27.29
C MET D 123 8.61 21.29 -27.23
N TYR D 124 7.76 21.06 -26.21
CA TYR D 124 6.54 21.82 -26.04
C TYR D 124 6.81 23.31 -25.92
N THR D 125 7.78 23.67 -25.08
CA THR D 125 8.22 25.03 -24.93
C THR D 125 8.65 25.64 -26.27
N LEU D 126 9.50 24.93 -26.99
CA LEU D 126 9.92 25.36 -28.31
C LEU D 126 8.68 25.72 -29.13
N LEU D 127 7.76 24.78 -29.28
CA LEU D 127 6.51 25.05 -30.06
C LEU D 127 5.65 26.21 -29.55
N ARG D 128 5.66 26.50 -28.25
CA ARG D 128 4.93 27.66 -27.72
C ARG D 128 5.54 29.01 -28.17
N ASN D 129 6.82 28.99 -28.50
CA ASN D 129 7.55 30.15 -28.97
C ASN D 129 7.64 30.14 -30.50
N GLN D 130 7.79 28.96 -31.08
CA GLN D 130 8.00 28.80 -32.51
C GLN D 130 7.22 27.61 -33.05
N PRO D 131 5.99 27.85 -33.52
CA PRO D 131 5.10 26.76 -33.95
C PRO D 131 5.57 26.06 -35.22
N GLU D 132 6.50 26.66 -35.93
CA GLU D 132 7.03 26.08 -37.16
C GLU D 132 8.57 26.17 -37.11
N PRO D 133 9.21 25.37 -36.24
CA PRO D 133 10.64 25.58 -36.06
C PRO D 133 11.47 24.92 -37.16
N THR D 134 12.78 25.15 -37.17
CA THR D 134 13.66 24.42 -38.07
C THR D 134 14.28 23.19 -37.40
N VAL D 135 14.77 22.29 -38.22
CA VAL D 135 15.50 21.14 -37.75
C VAL D 135 16.57 21.54 -36.71
N GLU D 136 17.30 22.63 -36.98
CA GLU D 136 18.41 23.06 -36.10
C GLU D 136 17.91 23.56 -34.75
N GLU D 137 16.85 24.37 -34.79
CA GLU D 137 16.13 24.81 -33.60
C GLU D 137 15.67 23.60 -32.79
N ILE D 138 15.22 22.54 -33.48
CA ILE D 138 14.80 21.32 -32.80
C ILE D 138 15.94 20.65 -32.01
N GLU D 139 17.09 20.38 -32.64
CA GLU D 139 18.24 19.74 -31.91
C GLU D 139 18.67 20.58 -30.70
N ASP D 140 18.53 21.89 -30.87
CA ASP D 140 19.02 22.92 -29.96
C ASP D 140 18.24 22.98 -28.66
N ALA D 141 16.95 22.68 -28.77
CA ALA D 141 16.03 22.71 -27.66
C ALA D 141 16.46 21.70 -26.60
N PHE D 142 17.21 20.68 -27.02
CA PHE D 142 17.52 19.55 -26.13
C PHE D 142 18.94 19.49 -25.60
N GLN D 143 19.68 20.58 -25.72
CA GLN D 143 21.05 20.57 -25.21
C GLN D 143 21.09 20.30 -23.69
N GLY D 144 20.02 20.65 -22.99
CA GLY D 144 19.90 20.41 -21.56
C GLY D 144 19.24 19.10 -21.12
N ASN D 145 18.96 18.17 -22.06
CA ASN D 145 18.18 16.94 -21.77
C ASN D 145 18.97 15.69 -22.11
N LEU D 146 19.16 14.83 -21.12
CA LEU D 146 19.93 13.60 -21.30
C LEU D 146 19.01 12.41 -21.41
N CYS D 147 19.35 11.47 -22.30
CA CYS D 147 18.71 10.15 -22.36
C CYS D 147 19.81 9.08 -22.41
N ARG D 148 19.69 8.08 -21.54
CA ARG D 148 20.65 7.00 -21.47
C ARG D 148 20.25 5.81 -22.34
N CYS D 149 18.99 5.77 -22.77
CA CYS D 149 18.44 4.56 -23.39
C CYS D 149 18.42 4.54 -24.92
N THR D 150 18.06 5.67 -25.55
CA THR D 150 17.58 5.58 -26.93
C THR D 150 18.68 5.86 -27.96
N GLY D 151 19.78 6.46 -27.52
CA GLY D 151 20.76 6.96 -28.47
C GLY D 151 20.26 8.18 -29.27
N TYR D 152 19.15 8.78 -28.82
CA TYR D 152 18.65 10.07 -29.33
C TYR D 152 18.06 10.14 -30.76
N ARG D 153 18.62 9.39 -31.71
CA ARG D 153 18.12 9.33 -33.11
C ARG D 153 16.57 9.27 -33.26
N PRO D 154 15.87 8.35 -32.56
CA PRO D 154 14.41 8.30 -32.72
C PRO D 154 13.69 9.55 -32.24
N ILE D 155 14.21 10.20 -31.20
CA ILE D 155 13.56 11.37 -30.63
C ILE D 155 13.60 12.53 -31.66
N LEU D 156 14.77 12.81 -32.21
CA LEU D 156 14.91 13.83 -33.28
C LEU D 156 14.10 13.50 -34.51
N GLN D 157 14.08 12.22 -34.86
CA GLN D 157 13.38 11.83 -36.08
C GLN D 157 11.86 12.00 -35.94
N GLY D 158 11.31 11.62 -34.79
CA GLY D 158 9.89 11.87 -34.53
C GLY D 158 9.56 13.35 -34.45
N PHE D 159 10.46 14.16 -33.91
CA PHE D 159 10.16 15.59 -33.80
C PHE D 159 10.42 16.42 -35.08
N ARG D 160 11.19 15.86 -36.01
CA ARG D 160 11.46 16.49 -37.31
C ARG D 160 10.17 16.76 -38.08
N THR D 161 9.19 15.90 -37.82
CA THR D 161 7.83 16.00 -38.31
C THR D 161 7.21 17.42 -38.06
N PHE D 162 7.69 18.13 -37.04
CA PHE D 162 7.19 19.45 -36.67
C PHE D 162 7.87 20.60 -37.42
N ALA D 163 8.92 20.30 -38.18
CA ALA D 163 9.70 21.34 -38.87
C ALA D 163 9.16 21.64 -40.28
N LYS D 164 9.74 22.68 -40.88
CA LYS D 164 9.49 23.19 -42.25
C LYS D 164 8.84 24.56 -42.16
N PRO E 30 3.45 46.05 -7.48
CA PRO E 30 4.70 45.32 -7.25
C PRO E 30 5.30 45.73 -5.92
N LYS E 31 5.16 44.89 -4.91
CA LYS E 31 5.74 45.25 -3.61
C LYS E 31 6.63 44.17 -3.00
N GLN E 32 7.37 44.58 -1.99
CA GLN E 32 8.37 43.74 -1.38
C GLN E 32 7.70 42.58 -0.64
N LEU E 33 8.21 41.39 -0.88
CA LEU E 33 7.66 40.20 -0.22
C LEU E 33 8.70 39.60 0.70
N ARG E 34 8.21 39.10 1.83
CA ARG E 34 9.09 38.42 2.78
C ARG E 34 8.64 36.98 2.96
N PHE E 35 9.58 36.04 2.82
CA PHE E 35 9.32 34.62 3.08
C PHE E 35 10.28 34.11 4.13
N GLU E 36 9.76 33.29 5.04
CA GLU E 36 10.54 32.83 6.18
C GLU E 36 10.46 31.32 6.33
N GLY E 37 11.61 30.67 6.31
CA GLY E 37 11.68 29.21 6.48
C GLY E 37 12.43 28.77 7.72
N GLU E 38 12.84 27.50 7.74
CA GLU E 38 13.52 26.92 8.88
C GLU E 38 14.89 27.53 9.18
N ARG E 39 15.64 27.83 8.12
CA ARG E 39 16.99 28.36 8.26
C ARG E 39 17.23 29.67 7.52
N VAL E 40 16.30 30.06 6.65
CA VAL E 40 16.57 31.14 5.68
C VAL E 40 15.43 32.13 5.59
N THR E 41 15.80 33.42 5.51
CA THR E 41 14.85 34.50 5.22
C THR E 41 15.17 35.02 3.82
N TRP E 42 14.13 35.13 3.02
CA TRP E 42 14.23 35.58 1.63
C TRP E 42 13.41 36.85 1.55
N ILE E 43 13.98 37.88 0.94
CA ILE E 43 13.23 39.09 0.64
C ILE E 43 13.25 39.32 -0.86
N GLN E 44 12.07 39.46 -1.45
CA GLN E 44 11.95 39.79 -2.85
C GLN E 44 11.85 41.31 -2.88
N ALA E 45 12.91 41.93 -3.39
CA ALA E 45 12.97 43.39 -3.50
C ALA E 45 12.24 43.86 -4.74
N SER E 46 11.41 44.88 -4.59
CA SER E 46 10.59 45.38 -5.69
C SER E 46 11.22 46.58 -6.41
N THR E 47 12.05 47.30 -5.68
CA THR E 47 12.69 48.47 -6.23
C THR E 47 14.18 48.46 -5.95
N LEU E 48 14.94 49.17 -6.78
CA LEU E 48 16.37 49.39 -6.56
C LEU E 48 16.72 49.93 -5.16
N LYS E 49 15.92 50.85 -4.65
CA LYS E 49 16.14 51.41 -3.31
C LYS E 49 16.10 50.32 -2.23
N GLU E 50 15.05 49.49 -2.25
CA GLU E 50 14.96 48.35 -1.32
C GLU E 50 16.20 47.48 -1.37
N LEU E 51 16.64 47.12 -2.57
CA LEU E 51 17.84 46.29 -2.76
C LEU E 51 19.06 46.91 -2.07
N LEU E 52 19.31 48.17 -2.39
CA LEU E 52 20.46 48.89 -1.85
C LEU E 52 20.33 49.10 -0.34
N ASP E 53 19.13 49.38 0.13
CA ASP E 53 18.88 49.45 1.56
C ASP E 53 19.14 48.11 2.25
N LEU E 54 18.55 47.05 1.71
CA LEU E 54 18.75 45.70 2.23
C LEU E 54 20.21 45.27 2.24
N LYS E 55 20.91 45.56 1.15
CA LYS E 55 22.32 45.19 1.07
C LYS E 55 23.20 46.01 2.03
N ALA E 56 22.74 47.21 2.39
CA ALA E 56 23.43 48.00 3.39
C ALA E 56 23.22 47.44 4.80
N GLN E 57 21.97 47.11 5.10
CA GLN E 57 21.56 46.48 6.36
C GLN E 57 22.21 45.09 6.49
N HIS E 58 22.18 44.31 5.41
CA HIS E 58 22.74 42.96 5.43
C HIS E 58 23.83 42.80 4.38
N PRO E 59 25.06 43.24 4.71
CA PRO E 59 26.14 43.24 3.72
C PRO E 59 26.44 41.84 3.20
N GLU E 60 26.24 40.83 4.05
CA GLU E 60 26.56 39.44 3.73
C GLU E 60 25.48 38.69 2.93
N ALA E 61 24.28 39.27 2.86
CA ALA E 61 23.15 38.68 2.14
C ALA E 61 23.59 38.20 0.77
N LYS E 62 22.96 37.13 0.31
CA LYS E 62 23.26 36.61 -1.01
C LYS E 62 22.16 37.08 -1.93
N LEU E 63 22.53 37.51 -3.12
CA LEU E 63 21.56 37.96 -4.12
C LEU E 63 21.26 36.80 -5.05
N VAL E 64 20.05 36.25 -4.98
CA VAL E 64 19.74 35.15 -5.87
C VAL E 64 18.91 35.60 -7.06
N VAL E 65 19.27 35.15 -8.26
CA VAL E 65 18.43 35.40 -9.43
C VAL E 65 18.05 34.06 -10.05
N GLY E 66 18.98 33.42 -10.75
CA GLY E 66 18.71 32.13 -11.40
C GLY E 66 18.77 30.96 -10.41
N ASN E 67 19.57 31.15 -9.35
CA ASN E 67 19.87 30.12 -8.32
C ASN E 67 20.77 28.96 -8.81
N THR E 68 21.35 29.10 -10.00
CA THR E 68 22.11 28.00 -10.60
C THR E 68 23.52 27.87 -10.03
N GLU E 69 23.89 28.83 -9.19
CA GLU E 69 25.11 28.80 -8.43
C GLU E 69 24.80 28.56 -6.95
N ILE E 70 23.96 29.42 -6.37
CA ILE E 70 23.62 29.35 -4.94
C ILE E 70 22.92 28.05 -4.53
N GLY E 71 21.98 27.57 -5.35
CA GLY E 71 21.33 26.28 -5.11
C GLY E 71 22.33 25.12 -5.08
N ILE E 72 23.40 25.21 -5.88
CA ILE E 72 24.49 24.23 -5.91
C ILE E 72 25.37 24.33 -4.66
N GLU E 73 25.69 25.56 -4.25
CA GLU E 73 26.53 25.77 -3.07
C GLU E 73 25.84 25.30 -1.80
N MET E 74 24.52 25.51 -1.72
CA MET E 74 23.74 25.07 -0.57
C MET E 74 23.50 23.56 -0.51
N LYS E 75 23.28 22.94 -1.66
CA LYS E 75 23.06 21.50 -1.71
C LYS E 75 24.37 20.73 -1.58
N PHE E 76 25.36 21.10 -2.38
CA PHE E 76 26.56 20.28 -2.58
C PHE E 76 27.84 20.73 -1.84
N LYS E 77 27.93 22.00 -1.46
CA LYS E 77 29.01 22.45 -0.56
C LYS E 77 28.47 22.66 0.86
N ASN E 78 27.21 22.32 1.09
CA ASN E 78 26.60 22.36 2.43
C ASN E 78 26.70 23.76 3.10
N GLN E 79 26.85 24.80 2.27
CA GLN E 79 26.89 26.21 2.71
C GLN E 79 25.53 26.61 3.21
N LEU E 80 25.48 27.47 4.22
CA LEU E 80 24.22 28.02 4.67
C LEU E 80 24.27 29.56 4.52
N PHE E 81 23.25 30.11 3.86
CA PHE E 81 23.15 31.54 3.63
C PHE E 81 21.81 31.97 4.22
N PRO E 82 21.83 32.46 5.47
CA PRO E 82 20.57 32.69 6.18
C PRO E 82 19.75 33.91 5.72
N MET E 83 20.36 34.77 4.90
CA MET E 83 19.69 35.96 4.34
C MET E 83 19.88 35.99 2.82
N ILE E 84 18.78 35.91 2.08
CA ILE E 84 18.78 36.00 0.61
C ILE E 84 17.91 37.19 0.12
N ILE E 85 18.40 37.95 -0.85
CA ILE E 85 17.59 39.04 -1.42
C ILE E 85 17.46 38.65 -2.88
N CYS E 86 16.24 38.56 -3.38
CA CYS E 86 16.05 38.30 -4.81
C CYS E 86 15.70 39.62 -5.56
N PRO E 87 16.63 40.14 -6.38
CA PRO E 87 16.39 41.40 -7.11
C PRO E 87 15.82 41.24 -8.53
N ALA E 88 15.39 40.03 -8.89
CA ALA E 88 15.03 39.78 -10.29
C ALA E 88 13.90 40.69 -10.87
N TRP E 89 13.11 41.29 -9.99
CA TRP E 89 11.95 42.11 -10.34
C TRP E 89 12.30 43.57 -10.72
N ILE E 90 13.48 44.03 -10.28
CA ILE E 90 13.86 45.44 -10.38
C ILE E 90 14.14 45.86 -11.83
N PRO E 91 13.40 46.87 -12.32
CA PRO E 91 13.51 47.23 -13.74
C PRO E 91 14.94 47.55 -14.20
N GLU E 92 15.73 48.17 -13.32
CA GLU E 92 17.10 48.59 -13.63
C GLU E 92 18.05 47.41 -13.82
N LEU E 93 17.78 46.29 -13.14
CA LEU E 93 18.58 45.08 -13.28
C LEU E 93 18.16 44.23 -14.49
N ASN E 94 17.18 44.72 -15.25
CA ASN E 94 16.59 43.98 -16.37
C ASN E 94 16.62 44.72 -17.72
N ALA E 95 17.11 45.97 -17.67
CA ALA E 95 17.16 46.89 -18.81
C ALA E 95 18.22 46.55 -19.86
N VAL E 96 17.78 46.44 -21.11
CA VAL E 96 18.69 46.33 -22.24
C VAL E 96 18.77 47.65 -23.00
N GLU E 97 19.97 48.22 -23.07
CA GLU E 97 20.17 49.58 -23.56
C GLU E 97 21.23 49.65 -24.65
N HIS E 98 20.83 50.13 -25.82
CA HIS E 98 21.76 50.20 -26.93
C HIS E 98 22.35 51.61 -26.97
N GLY E 99 23.64 51.72 -26.69
CA GLY E 99 24.31 53.02 -26.65
C GLY E 99 25.28 53.18 -27.82
N PRO E 100 26.01 54.32 -27.86
CA PRO E 100 27.04 54.54 -28.90
C PRO E 100 28.26 53.61 -28.76
N GLU E 101 28.63 53.31 -27.52
CA GLU E 101 29.86 52.54 -27.17
C GLU E 101 29.67 51.02 -27.13
N GLY E 102 28.44 50.60 -26.83
CA GLY E 102 28.12 49.18 -26.68
C GLY E 102 26.66 48.96 -26.35
N ILE E 103 26.33 47.73 -25.97
CA ILE E 103 24.99 47.36 -25.48
C ILE E 103 25.07 47.02 -23.99
N SER E 104 24.25 47.70 -23.21
CA SER E 104 24.26 47.55 -21.77
C SER E 104 23.13 46.60 -21.35
N PHE E 105 23.46 45.58 -20.54
CA PHE E 105 22.48 44.67 -19.97
C PHE E 105 22.38 44.82 -18.45
N GLY E 106 21.17 44.89 -17.92
CA GLY E 106 20.95 44.80 -16.48
C GLY E 106 21.56 43.51 -15.95
N ALA E 107 22.07 43.55 -14.71
CA ALA E 107 22.77 42.42 -14.11
C ALA E 107 21.94 41.14 -13.94
N ALA E 108 20.62 41.33 -13.85
CA ALA E 108 19.69 40.24 -13.71
C ALA E 108 19.21 39.63 -15.03
N CYS E 109 19.60 40.22 -16.17
CA CYS E 109 19.24 39.66 -17.48
C CYS E 109 19.72 38.25 -17.65
N ALA E 110 18.81 37.39 -18.13
CA ALA E 110 19.06 35.98 -18.30
C ALA E 110 19.97 35.86 -19.46
N LEU E 111 20.75 34.78 -19.48
CA LEU E 111 21.76 34.58 -20.52
C LEU E 111 21.13 34.40 -21.91
N SER E 112 19.93 33.86 -21.94
CA SER E 112 19.18 33.68 -23.18
C SER E 112 18.71 35.03 -23.73
N SER E 113 18.46 36.00 -22.85
CA SER E 113 18.12 37.36 -23.30
C SER E 113 19.33 38.07 -23.90
N VAL E 114 20.49 37.86 -23.25
CA VAL E 114 21.77 38.43 -23.71
C VAL E 114 22.11 37.84 -25.05
N GLU E 115 21.90 36.53 -25.19
CA GLU E 115 22.12 35.80 -26.43
C GLU E 115 21.24 36.37 -27.56
N LYS E 116 19.95 36.52 -27.28
CA LYS E 116 18.98 36.94 -28.28
C LYS E 116 19.24 38.38 -28.73
N THR E 117 19.58 39.25 -27.78
CA THR E 117 19.92 40.66 -28.06
C THR E 117 21.18 40.75 -28.91
N LEU E 118 22.13 39.86 -28.67
CA LEU E 118 23.41 39.89 -29.33
C LEU E 118 23.31 39.26 -30.72
N LEU E 119 22.53 38.18 -30.83
CA LEU E 119 22.20 37.58 -32.12
C LEU E 119 21.47 38.61 -33.02
N GLU E 120 20.57 39.40 -32.43
CA GLU E 120 19.89 40.46 -33.17
C GLU E 120 20.85 41.59 -33.61
N ALA E 121 21.77 41.99 -32.74
CA ALA E 121 22.78 43.02 -33.10
C ALA E 121 23.74 42.54 -34.18
N VAL E 122 24.18 41.30 -34.07
CA VAL E 122 25.11 40.68 -35.03
C VAL E 122 24.52 40.63 -36.44
N ALA E 123 23.24 40.27 -36.57
CA ALA E 123 22.59 40.21 -37.88
C ALA E 123 22.33 41.59 -38.50
N LYS E 124 22.39 42.64 -37.69
CA LYS E 124 22.01 43.98 -38.17
C LYS E 124 23.21 44.91 -38.42
N LEU E 125 24.31 44.67 -37.71
CA LEU E 125 25.45 45.59 -37.74
C LEU E 125 26.56 45.06 -38.66
N PRO E 126 27.40 45.97 -39.21
CA PRO E 126 28.60 45.53 -39.91
C PRO E 126 29.41 44.57 -39.05
N THR E 127 30.10 43.62 -39.70
CA THR E 127 30.91 42.61 -39.02
C THR E 127 31.97 43.25 -38.14
N GLN E 128 32.44 44.43 -38.55
CA GLN E 128 33.56 45.07 -37.87
C GLN E 128 33.18 45.71 -36.53
N LYS E 129 31.88 45.80 -36.25
CA LYS E 129 31.43 46.34 -34.97
C LYS E 129 31.02 45.23 -33.96
N THR E 130 31.00 43.97 -34.40
CA THR E 130 30.46 42.86 -33.59
C THR E 130 31.44 41.72 -33.27
N GLU E 131 32.73 42.03 -33.17
CA GLU E 131 33.75 41.02 -32.90
C GLU E 131 33.63 40.49 -31.46
N VAL E 132 33.32 41.38 -30.52
CA VAL E 132 33.19 40.99 -29.13
C VAL E 132 31.86 40.23 -28.95
N PHE E 133 30.77 40.79 -29.47
CA PHE E 133 29.44 40.16 -29.41
C PHE E 133 29.53 38.73 -29.91
N ARG E 134 30.30 38.53 -30.97
CA ARG E 134 30.48 37.24 -31.60
C ARG E 134 31.23 36.27 -30.68
N GLY E 135 32.18 36.79 -29.88
CA GLY E 135 32.95 36.00 -28.91
C GLY E 135 32.09 35.55 -27.75
N VAL E 136 31.35 36.52 -27.19
CA VAL E 136 30.34 36.24 -26.18
C VAL E 136 29.38 35.15 -26.68
N LEU E 137 28.94 35.27 -27.93
CA LEU E 137 28.02 34.30 -28.53
C LEU E 137 28.64 32.92 -28.72
N GLU E 138 29.94 32.86 -29.00
CA GLU E 138 30.64 31.58 -29.10
C GLU E 138 30.73 30.90 -27.77
N GLN E 139 31.02 31.65 -26.71
CA GLN E 139 31.07 31.08 -25.37
C GLN E 139 29.68 30.61 -24.95
N LEU E 140 28.63 31.35 -25.33
CA LEU E 140 27.25 30.97 -24.98
C LEU E 140 26.69 29.75 -25.73
N ARG E 141 27.33 29.34 -26.83
CA ARG E 141 26.79 28.32 -27.74
C ARG E 141 26.55 26.94 -27.10
N TRP E 142 27.62 26.28 -26.68
CA TRP E 142 27.50 24.99 -26.00
C TRP E 142 27.82 25.23 -24.54
N PHE E 143 27.02 26.11 -23.95
CA PHE E 143 27.09 26.54 -22.57
C PHE E 143 25.79 26.06 -21.99
N ALA E 144 25.83 24.95 -21.27
CA ALA E 144 24.63 24.34 -20.66
C ALA E 144 23.52 24.03 -21.69
N GLY E 145 22.27 24.33 -21.35
CA GLY E 145 21.13 24.11 -22.24
C GLY E 145 20.17 25.28 -22.09
N LYS E 146 19.00 25.20 -22.72
CA LYS E 146 18.03 26.31 -22.72
C LYS E 146 17.50 26.60 -21.32
N GLN E 147 17.33 25.54 -20.53
CA GLN E 147 16.76 25.62 -19.19
C GLN E 147 17.66 26.48 -18.31
N VAL E 148 18.94 26.17 -18.28
CA VAL E 148 19.87 26.95 -17.46
C VAL E 148 19.98 28.38 -18.00
N LYS E 149 20.08 28.52 -19.32
CA LYS E 149 20.29 29.85 -19.95
C LYS E 149 19.08 30.78 -19.88
N SER E 150 17.89 30.22 -19.73
CA SER E 150 16.70 31.06 -19.49
C SER E 150 16.58 31.64 -18.08
N VAL E 151 17.39 31.14 -17.14
CA VAL E 151 17.30 31.60 -15.75
C VAL E 151 18.63 32.10 -15.19
N ALA E 152 19.75 31.64 -15.75
CA ALA E 152 21.07 32.10 -15.29
C ALA E 152 21.23 33.59 -15.60
N SER E 153 21.60 34.40 -14.63
CA SER E 153 21.84 35.81 -14.91
C SER E 153 23.29 36.08 -15.34
N LEU E 154 23.45 37.20 -16.06
CA LEU E 154 24.75 37.74 -16.43
C LEU E 154 25.57 38.10 -15.19
N GLY E 155 24.99 38.94 -14.33
CA GLY E 155 25.61 39.37 -13.07
C GLY E 155 26.00 38.17 -12.21
N GLY E 156 25.14 37.16 -12.22
CA GLY E 156 25.40 35.91 -11.49
C GLY E 156 26.68 35.24 -11.93
N ASN E 157 26.87 35.04 -13.24
CA ASN E 157 28.11 34.44 -13.76
C ASN E 157 29.36 35.27 -13.44
N ILE E 158 29.22 36.59 -13.55
CA ILE E 158 30.28 37.52 -13.23
C ILE E 158 30.70 37.55 -11.75
N ILE E 159 29.74 37.75 -10.84
CA ILE E 159 30.10 37.90 -9.43
C ILE E 159 30.44 36.55 -8.78
N THR E 160 29.87 35.47 -9.30
CA THR E 160 30.25 34.13 -8.84
C THR E 160 31.77 33.99 -8.94
N ALA E 161 32.34 34.43 -10.08
CA ALA E 161 33.79 34.46 -10.31
C ALA E 161 34.46 33.09 -10.14
N SER E 162 33.91 32.10 -10.85
CA SER E 162 34.51 30.77 -10.94
C SER E 162 35.77 30.89 -11.76
N PRO E 163 36.82 30.12 -11.39
CA PRO E 163 38.04 30.08 -12.21
C PRO E 163 37.75 29.66 -13.63
N ILE E 164 36.68 28.90 -13.84
CA ILE E 164 36.36 28.40 -15.16
C ILE E 164 35.12 29.06 -15.82
N SER E 165 34.64 30.18 -15.27
CA SER E 165 33.68 31.04 -15.98
C SER E 165 34.10 31.23 -17.40
N ASP E 166 33.18 30.96 -18.33
CA ASP E 166 33.42 31.11 -19.77
C ASP E 166 33.20 32.57 -20.23
N LEU E 167 32.60 33.39 -19.39
CA LEU E 167 32.28 34.77 -19.80
C LEU E 167 33.29 35.78 -19.27
N ASN E 168 33.74 35.58 -18.04
CA ASN E 168 34.71 36.51 -17.47
C ASN E 168 35.98 36.75 -18.32
N PRO E 169 36.57 35.71 -18.95
CA PRO E 169 37.72 35.96 -19.82
C PRO E 169 37.40 36.82 -21.04
N VAL E 170 36.23 36.65 -21.64
CA VAL E 170 35.78 37.50 -22.74
C VAL E 170 35.56 38.96 -22.28
N PHE E 171 34.86 39.12 -21.16
CA PHE E 171 34.62 40.43 -20.57
C PHE E 171 35.90 41.14 -20.15
N MET E 172 36.84 40.38 -19.60
CA MET E 172 38.14 40.95 -19.24
C MET E 172 38.92 41.36 -20.49
N ALA E 173 39.02 40.46 -21.46
CA ALA E 173 39.77 40.73 -22.69
C ALA E 173 39.22 41.93 -23.46
N SER E 174 37.91 42.16 -23.34
CA SER E 174 37.24 43.22 -24.10
C SER E 174 37.14 44.51 -23.32
N GLY E 175 37.46 44.47 -22.03
CA GLY E 175 37.29 45.60 -21.12
C GLY E 175 35.83 46.02 -20.97
N THR E 176 34.96 45.01 -20.85
CA THR E 176 33.53 45.22 -20.65
C THR E 176 33.33 46.02 -19.37
N LYS E 177 32.47 47.03 -19.47
CA LYS E 177 32.33 48.02 -18.41
C LYS E 177 31.23 47.62 -17.44
N LEU E 178 31.57 47.70 -16.15
CA LEU E 178 30.68 47.29 -15.10
C LEU E 178 30.22 48.49 -14.29
N THR E 179 28.90 48.69 -14.21
CA THR E 179 28.37 49.74 -13.34
C THR E 179 28.03 49.16 -11.97
N ILE E 180 28.78 49.59 -10.95
CA ILE E 180 28.61 49.12 -9.59
C ILE E 180 28.02 50.22 -8.74
N VAL E 181 27.08 49.83 -7.88
CA VAL E 181 26.22 50.76 -7.17
C VAL E 181 26.03 50.31 -5.72
N SER E 182 26.08 51.28 -4.80
CA SER E 182 25.65 51.05 -3.42
C SER E 182 24.68 52.16 -3.04
N ARG E 183 24.22 52.16 -1.80
CA ARG E 183 23.31 53.20 -1.36
C ARG E 183 24.03 54.57 -1.44
N GLY E 184 23.56 55.45 -2.31
CA GLY E 184 24.26 56.70 -2.60
C GLY E 184 25.33 56.69 -3.71
N THR E 185 26.31 55.79 -3.61
CA THR E 185 27.47 55.81 -4.52
C THR E 185 27.39 54.92 -5.80
N ARG E 186 28.12 55.34 -6.83
CA ARG E 186 28.01 54.80 -8.19
C ARG E 186 29.35 54.88 -8.93
N ARG E 187 29.67 53.84 -9.69
CA ARG E 187 30.93 53.82 -10.43
C ARG E 187 30.87 52.90 -11.65
N THR E 188 31.73 53.16 -12.62
CA THR E 188 31.80 52.34 -13.81
C THR E 188 33.26 52.07 -14.10
N VAL E 189 33.61 50.79 -14.05
CA VAL E 189 34.98 50.35 -14.26
C VAL E 189 35.02 49.35 -15.42
N PRO E 190 35.94 49.53 -16.38
CA PRO E 190 36.17 48.44 -17.32
C PRO E 190 36.72 47.24 -16.55
N MET E 191 36.30 46.03 -16.93
CA MET E 191 36.85 44.85 -16.30
C MET E 191 38.28 44.62 -16.77
N ASP E 192 39.16 44.44 -15.81
CA ASP E 192 40.57 44.22 -16.07
C ASP E 192 41.03 43.12 -15.14
N HIS E 193 42.33 42.85 -15.10
CA HIS E 193 42.84 41.75 -14.27
C HIS E 193 42.62 41.97 -12.78
N THR E 194 42.59 43.23 -12.37
CA THR E 194 42.47 43.57 -10.94
C THR E 194 41.10 43.28 -10.33
N PHE E 195 40.10 43.09 -11.18
CA PHE E 195 38.72 42.86 -10.73
C PHE E 195 38.54 41.54 -9.95
N PHE E 196 39.38 40.55 -10.25
CA PHE E 196 39.38 39.27 -9.53
C PHE E 196 40.67 39.13 -8.71
N PRO E 197 40.69 39.72 -7.48
CA PRO E 197 41.92 39.67 -6.67
C PRO E 197 42.36 38.27 -6.24
N SER E 198 41.42 37.41 -5.87
CA SER E 198 41.72 36.04 -5.41
C SER E 198 40.52 35.11 -5.59
N TYR E 199 40.71 33.85 -5.18
CA TYR E 199 39.71 32.81 -5.32
C TYR E 199 38.27 33.25 -5.02
N ARG E 200 37.45 33.28 -6.07
CA ARG E 200 36.01 33.57 -5.97
C ARG E 200 35.62 34.93 -5.36
N LYS E 201 36.57 35.87 -5.42
CA LYS E 201 36.38 37.24 -4.93
C LYS E 201 36.45 38.19 -6.12
N THR E 202 35.71 39.29 -6.03
CA THR E 202 35.71 40.37 -7.02
C THR E 202 35.90 41.68 -6.27
N LEU E 203 36.26 42.75 -6.98
CA LEU E 203 36.46 44.04 -6.31
C LEU E 203 35.17 44.84 -6.18
N LEU E 204 34.24 44.34 -5.37
CA LEU E 204 33.10 45.16 -4.94
C LEU E 204 33.11 45.20 -3.44
N GLY E 205 32.81 46.38 -2.89
CA GLY E 205 32.68 46.54 -1.45
C GLY E 205 31.44 45.83 -0.91
N PRO E 206 31.37 45.63 0.41
CA PRO E 206 30.28 44.89 1.07
C PRO E 206 28.88 45.39 0.75
N GLU E 207 28.71 46.70 0.60
CA GLU E 207 27.38 47.26 0.37
C GLU E 207 27.01 47.34 -1.11
N GLU E 208 27.95 47.01 -1.98
CA GLU E 208 27.80 47.21 -3.41
C GLU E 208 27.08 46.07 -4.15
N ILE E 209 26.37 46.41 -5.21
CA ILE E 209 25.87 45.42 -6.17
C ILE E 209 26.33 45.77 -7.56
N LEU E 210 26.34 44.76 -8.43
CA LEU E 210 26.53 44.99 -9.85
C LEU E 210 25.19 45.33 -10.51
N LEU E 211 25.17 46.44 -11.24
CA LEU E 211 23.91 47.00 -11.75
C LEU E 211 23.71 46.72 -13.23
N SER E 212 24.71 47.05 -14.04
CA SER E 212 24.68 46.78 -15.49
C SER E 212 26.07 46.49 -16.04
N ILE E 213 26.09 45.96 -17.26
CA ILE E 213 27.27 45.43 -17.93
C ILE E 213 27.21 45.89 -19.40
N GLU E 214 28.08 46.82 -19.79
CA GLU E 214 28.14 47.28 -21.18
C GLU E 214 29.14 46.46 -21.97
N ILE E 215 28.65 45.72 -22.95
CA ILE E 215 29.52 44.93 -23.80
C ILE E 215 29.79 45.80 -25.04
N PRO E 216 31.10 46.09 -25.32
CA PRO E 216 31.42 47.13 -26.32
C PRO E 216 31.27 46.65 -27.76
N TYR E 217 30.89 47.55 -28.67
CA TYR E 217 31.08 47.31 -30.09
C TYR E 217 32.60 47.24 -30.34
N SER E 218 33.02 46.47 -31.33
CA SER E 218 34.42 46.42 -31.72
C SER E 218 34.75 47.57 -32.68
N ARG E 219 36.02 47.95 -32.72
CA ARG E 219 36.51 49.11 -33.49
C ARG E 219 37.12 48.66 -34.81
N GLU E 220 37.28 49.62 -35.73
CA GLU E 220 38.11 49.40 -36.92
C GLU E 220 39.49 48.90 -36.47
N ASP E 221 40.05 47.95 -37.23
CA ASP E 221 41.35 47.28 -36.93
C ASP E 221 41.40 46.57 -35.56
N GLU E 222 40.24 46.17 -35.07
CA GLU E 222 40.15 45.46 -33.80
C GLU E 222 39.48 44.14 -34.05
N PHE E 223 40.17 43.06 -33.65
CA PHE E 223 39.66 41.69 -33.82
C PHE E 223 39.64 40.90 -32.51
N PHE E 224 38.72 39.94 -32.44
CA PHE E 224 38.43 39.27 -31.17
C PHE E 224 38.08 37.81 -31.44
N SER E 225 38.60 36.93 -30.58
CA SER E 225 38.22 35.52 -30.59
C SER E 225 37.93 34.99 -29.18
N ALA E 226 37.18 33.89 -29.11
CA ALA E 226 37.07 33.18 -27.86
C ALA E 226 37.00 31.67 -28.09
N PHE E 227 37.61 30.92 -27.18
CA PHE E 227 37.71 29.46 -27.29
C PHE E 227 37.51 28.85 -25.92
N LYS E 228 37.15 27.57 -25.91
CA LYS E 228 37.04 26.86 -24.64
C LYS E 228 37.26 25.35 -24.77
N GLN E 229 37.83 24.78 -23.72
CA GLN E 229 38.00 23.34 -23.54
C GLN E 229 36.65 22.67 -23.49
N ALA E 230 36.55 21.48 -24.08
CA ALA E 230 35.27 20.78 -24.12
C ALA E 230 35.28 19.40 -23.48
N SER E 231 35.80 19.31 -22.25
CA SER E 231 35.47 18.20 -21.33
C SER E 231 35.39 18.71 -19.87
N ARG E 232 36.42 18.42 -19.07
CA ARG E 232 36.52 18.83 -17.64
C ARG E 232 35.99 17.78 -16.65
N ARG E 233 36.78 17.55 -15.60
CA ARG E 233 36.55 16.49 -14.60
C ARG E 233 36.51 16.97 -13.12
N GLU E 234 36.85 18.24 -12.88
CA GLU E 234 36.86 18.82 -11.52
C GLU E 234 35.82 19.94 -11.45
N ASP E 235 35.37 20.28 -10.25
CA ASP E 235 34.17 21.11 -10.04
C ASP E 235 34.22 22.54 -10.59
N ASP E 236 35.28 23.28 -10.27
CA ASP E 236 35.41 24.62 -10.82
C ASP E 236 36.87 25.02 -11.05
N ILE E 237 37.65 24.08 -11.58
CA ILE E 237 39.06 24.34 -11.90
C ILE E 237 39.48 23.57 -13.15
N ALA E 238 40.56 24.03 -13.78
CA ALA E 238 41.27 23.25 -14.81
C ALA E 238 40.50 22.96 -16.09
N LYS E 239 39.72 23.93 -16.55
CA LYS E 239 39.09 23.87 -17.86
C LYS E 239 39.47 25.13 -18.60
N VAL E 240 40.32 25.02 -19.62
CA VAL E 240 40.87 26.21 -20.28
C VAL E 240 39.79 26.95 -21.09
N THR E 241 39.67 28.23 -20.81
CA THR E 241 38.69 29.03 -21.49
C THR E 241 39.26 30.43 -21.64
N CYS E 242 39.06 31.04 -22.81
CA CYS E 242 39.74 32.31 -23.07
C CYS E 242 39.01 33.34 -23.91
N GLY E 243 39.39 34.59 -23.70
CA GLY E 243 39.05 35.70 -24.58
C GLY E 243 40.35 36.31 -25.09
N MET E 244 40.38 36.63 -26.37
CA MET E 244 41.56 37.16 -27.06
C MET E 244 41.19 38.38 -27.91
N ARG E 245 41.92 39.46 -27.74
CA ARG E 245 41.61 40.72 -28.41
C ARG E 245 42.88 41.41 -28.92
N VAL E 246 42.86 41.82 -30.20
CA VAL E 246 43.99 42.56 -30.77
C VAL E 246 43.48 43.83 -31.43
N LEU E 247 44.13 44.96 -31.12
CA LEU E 247 43.84 46.24 -31.78
C LEU E 247 45.08 46.71 -32.54
N PHE E 248 44.95 46.85 -33.86
CA PHE E 248 46.06 47.29 -34.72
C PHE E 248 46.00 48.80 -35.03
N GLN E 249 47.18 49.38 -35.25
CA GLN E 249 47.29 50.75 -35.76
C GLN E 249 46.55 50.83 -37.10
N PRO E 250 45.83 51.95 -37.32
CA PRO E 250 44.95 52.14 -38.47
C PRO E 250 45.54 51.59 -39.77
N GLY E 251 44.90 50.54 -40.29
CA GLY E 251 45.30 49.93 -41.57
C GLY E 251 46.62 49.19 -41.55
N SER E 252 47.12 48.90 -40.34
CA SER E 252 48.39 48.18 -40.21
C SER E 252 48.20 46.80 -39.61
N MET E 253 49.30 46.07 -39.54
CA MET E 253 49.39 44.80 -38.83
C MET E 253 50.23 44.98 -37.57
N GLN E 254 50.35 46.23 -37.13
CA GLN E 254 51.19 46.58 -35.99
C GLN E 254 50.33 46.70 -34.75
N VAL E 255 50.66 45.86 -33.76
CA VAL E 255 49.92 45.77 -32.51
C VAL E 255 49.94 47.07 -31.69
N LYS E 256 48.76 47.58 -31.35
CA LYS E 256 48.63 48.74 -30.48
C LYS E 256 48.18 48.28 -29.09
N GLU E 257 47.19 47.39 -29.08
CA GLU E 257 46.72 46.76 -27.85
C GLU E 257 46.53 45.26 -28.12
N LEU E 258 46.86 44.45 -27.12
CA LEU E 258 46.67 43.00 -27.21
C LEU E 258 46.34 42.46 -25.84
N ALA E 259 45.31 41.63 -25.79
CA ALA E 259 44.83 41.08 -24.53
C ALA E 259 44.54 39.61 -24.71
N LEU E 260 45.02 38.83 -23.75
CA LEU E 260 44.80 37.40 -23.70
C LEU E 260 44.41 37.06 -22.26
N CYS E 261 43.14 36.69 -22.08
CA CYS E 261 42.62 36.34 -20.77
C CYS E 261 42.17 34.88 -20.78
N TYR E 262 42.54 34.18 -19.73
CA TYR E 262 42.30 32.75 -19.61
C TYR E 262 41.64 32.43 -18.28
N GLY E 263 40.63 31.57 -18.35
CA GLY E 263 40.11 30.88 -17.18
C GLY E 263 40.68 29.46 -17.19
N GLY E 264 40.54 28.75 -16.07
CA GLY E 264 40.99 27.36 -15.99
C GLY E 264 42.49 27.18 -15.82
N MET E 265 43.20 28.28 -15.58
CA MET E 265 44.66 28.23 -15.46
C MET E 265 45.19 28.63 -14.08
N ALA E 266 44.29 29.00 -13.18
CA ALA E 266 44.60 29.48 -11.84
C ALA E 266 43.33 29.46 -11.00
N ASP E 267 43.41 30.00 -9.80
CA ASP E 267 42.28 30.07 -8.87
C ASP E 267 41.31 31.19 -9.29
N ARG E 268 41.55 31.79 -10.46
CA ARG E 268 40.79 32.95 -10.95
C ARG E 268 41.07 33.22 -12.43
N THR E 269 40.24 34.06 -13.04
CA THR E 269 40.46 34.53 -14.40
C THR E 269 41.68 35.45 -14.41
N ILE E 270 42.65 35.13 -15.26
CA ILE E 270 43.89 35.90 -15.33
C ILE E 270 44.21 36.37 -16.75
N SER E 271 44.97 37.47 -16.83
CA SER E 271 45.43 38.01 -18.11
C SER E 271 46.93 37.84 -18.26
N ALA E 272 47.37 37.45 -19.44
CA ALA E 272 48.80 37.26 -19.72
C ALA E 272 49.47 38.58 -20.06
N LEU E 273 49.49 39.47 -19.07
CA LEU E 273 49.94 40.85 -19.23
C LEU E 273 51.38 40.94 -19.67
N LYS E 274 52.26 40.28 -18.90
CA LYS E 274 53.69 40.25 -19.19
C LYS E 274 53.97 39.87 -20.66
N THR E 275 53.37 38.78 -21.14
CA THR E 275 53.52 38.33 -22.54
C THR E 275 53.00 39.36 -23.56
N THR E 276 51.82 39.91 -23.31
CA THR E 276 51.17 40.81 -24.26
C THR E 276 51.83 42.20 -24.29
N GLN E 277 52.39 42.62 -23.15
CA GLN E 277 53.08 43.91 -23.06
C GLN E 277 54.26 43.95 -24.04
N LYS E 278 54.97 42.82 -24.13
CA LYS E 278 56.13 42.65 -25.02
C LYS E 278 55.78 42.74 -26.51
N GLN E 279 54.53 42.41 -26.87
CA GLN E 279 54.13 42.46 -28.27
C GLN E 279 53.68 43.84 -28.73
N LEU E 280 53.60 44.78 -27.81
CA LEU E 280 53.12 46.11 -28.19
C LEU E 280 54.04 46.85 -29.18
N SER E 281 53.46 47.22 -30.32
CA SER E 281 54.12 47.80 -31.50
C SER E 281 55.01 46.84 -32.30
N LYS E 282 54.89 45.54 -32.02
CA LYS E 282 55.44 44.51 -32.92
C LYS E 282 54.46 44.28 -34.07
N PHE E 283 54.92 43.61 -35.12
CA PHE E 283 54.05 43.27 -36.23
C PHE E 283 53.47 41.87 -36.05
N TRP E 284 52.41 41.56 -36.80
CA TRP E 284 51.69 40.29 -36.67
C TRP E 284 52.27 39.25 -37.64
N ASN E 285 53.31 38.55 -37.17
CA ASN E 285 54.06 37.61 -38.01
C ASN E 285 54.46 36.35 -37.23
N GLU E 286 55.13 35.42 -37.92
CA GLU E 286 55.58 34.17 -37.31
C GLU E 286 56.48 34.43 -36.10
N LYS E 287 57.15 35.58 -36.12
CA LYS E 287 57.99 36.01 -35.00
C LYS E 287 57.10 36.29 -33.80
N LEU E 288 56.01 37.00 -34.04
CA LEU E 288 55.03 37.32 -33.00
C LEU E 288 54.51 36.03 -32.40
N LEU E 289 54.14 35.11 -33.28
CA LEU E 289 53.65 33.78 -32.89
C LEU E 289 54.56 33.08 -31.88
N GLN E 290 55.81 32.82 -32.25
CA GLN E 290 56.62 31.96 -31.37
C GLN E 290 56.99 32.64 -30.07
N ASP E 291 57.02 33.98 -30.10
CA ASP E 291 57.31 34.77 -28.92
C ASP E 291 56.15 34.75 -27.94
N VAL E 292 54.93 34.91 -28.46
CA VAL E 292 53.76 34.77 -27.62
C VAL E 292 53.71 33.36 -27.04
N CYS E 293 53.85 32.34 -27.90
CA CYS E 293 53.88 30.96 -27.43
C CYS E 293 55.01 30.70 -26.43
N ALA E 294 56.08 31.50 -26.48
CA ALA E 294 57.15 31.41 -25.50
C ALA E 294 56.75 32.12 -24.22
N GLY E 295 56.15 33.30 -24.37
CA GLY E 295 55.63 34.04 -23.22
C GLY E 295 54.53 33.33 -22.45
N LEU E 296 53.55 32.76 -23.17
CA LEU E 296 52.47 31.99 -22.55
C LEU E 296 52.99 30.81 -21.72
N ALA E 297 53.94 30.07 -22.28
CA ALA E 297 54.52 28.89 -21.64
C ALA E 297 55.17 29.17 -20.30
N GLU E 298 55.82 30.34 -20.18
CA GLU E 298 56.47 30.78 -18.93
C GLU E 298 55.51 31.44 -17.97
N GLU E 299 54.79 32.46 -18.46
CA GLU E 299 53.86 33.26 -17.64
C GLU E 299 52.76 32.40 -17.02
N LEU E 300 52.15 31.52 -17.82
CA LEU E 300 51.03 30.73 -17.34
C LEU E 300 51.45 29.31 -16.97
N SER E 301 52.73 29.12 -16.68
CA SER E 301 53.25 27.79 -16.37
C SER E 301 52.57 27.19 -15.14
N LEU E 302 52.33 25.88 -15.18
CA LEU E 302 51.69 25.15 -14.08
C LEU E 302 52.69 24.22 -13.37
N SER E 303 52.69 24.27 -12.03
CA SER E 303 53.47 23.32 -11.23
C SER E 303 52.84 21.94 -11.40
N PRO E 304 53.65 20.86 -11.35
CA PRO E 304 53.10 19.51 -11.61
C PRO E 304 51.98 19.12 -10.64
N ASP E 305 51.95 19.77 -9.48
CA ASP E 305 50.96 19.51 -8.46
C ASP E 305 49.79 20.51 -8.54
N ALA E 306 49.67 21.21 -9.66
CA ALA E 306 48.61 22.20 -9.84
C ALA E 306 47.24 21.54 -9.81
N PRO E 307 46.34 22.06 -8.97
CA PRO E 307 44.96 21.60 -8.85
C PRO E 307 44.30 21.35 -10.21
N GLY E 308 43.73 20.15 -10.38
CA GLY E 308 42.99 19.79 -11.58
C GLY E 308 43.74 18.95 -12.58
N GLY E 309 45.07 18.88 -12.43
CA GLY E 309 45.91 18.08 -13.31
C GLY E 309 45.83 18.51 -14.77
N MET E 310 45.94 17.53 -15.66
CA MET E 310 45.94 17.73 -17.12
C MET E 310 46.92 18.82 -17.55
N ILE E 311 48.08 18.85 -16.88
CA ILE E 311 49.08 19.91 -17.05
C ILE E 311 49.59 20.14 -18.47
N GLU E 312 49.96 19.06 -19.16
CA GLU E 312 50.43 19.12 -20.56
C GLU E 312 49.30 19.59 -21.52
N PHE E 313 48.13 19.00 -21.36
CA PHE E 313 46.94 19.37 -22.12
C PHE E 313 46.62 20.87 -21.97
N ARG E 314 46.48 21.34 -20.73
CA ARG E 314 46.15 22.74 -20.48
C ARG E 314 47.19 23.69 -21.07
N ARG E 315 48.48 23.40 -20.82
CA ARG E 315 49.54 24.21 -21.41
C ARG E 315 49.38 24.31 -22.93
N THR E 316 49.17 23.16 -23.57
CA THR E 316 49.07 23.07 -25.02
C THR E 316 47.89 23.82 -25.59
N LEU E 317 46.79 23.83 -24.84
CA LEU E 317 45.60 24.55 -25.24
C LEU E 317 45.87 26.04 -25.24
N THR E 318 46.53 26.55 -24.20
CA THR E 318 46.83 28.01 -24.16
C THR E 318 47.52 28.52 -25.43
N LEU E 319 48.41 27.69 -25.97
CA LEU E 319 49.16 28.04 -27.18
C LEU E 319 48.37 27.72 -28.46
N SER E 320 47.62 26.63 -28.42
CA SER E 320 46.80 26.20 -29.54
C SER E 320 45.64 27.20 -29.77
N PHE E 321 45.05 27.68 -28.68
CA PHE E 321 44.04 28.71 -28.81
C PHE E 321 44.63 29.98 -29.43
N PHE E 322 45.81 30.38 -28.93
CA PHE E 322 46.43 31.59 -29.45
C PHE E 322 46.73 31.42 -30.91
N PHE E 323 47.22 30.23 -31.27
CA PHE E 323 47.50 29.91 -32.66
C PHE E 323 46.27 29.98 -33.55
N LYS E 324 45.11 29.58 -33.03
CA LYS E 324 43.84 29.69 -33.76
C LYS E 324 43.51 31.18 -33.97
N PHE E 325 43.70 31.96 -32.92
CA PHE E 325 43.47 33.40 -32.91
C PHE E 325 44.44 34.10 -33.85
N TYR E 326 45.72 33.78 -33.74
CA TYR E 326 46.74 34.21 -34.71
C TYR E 326 46.23 34.02 -36.15
N LEU E 327 45.95 32.78 -36.53
CA LEU E 327 45.49 32.47 -37.88
C LEU E 327 44.19 33.18 -38.30
N THR E 328 43.27 33.34 -37.36
CA THR E 328 41.97 33.94 -37.64
C THR E 328 42.16 35.44 -37.87
N VAL E 329 42.98 36.05 -37.02
CA VAL E 329 43.35 37.46 -37.20
C VAL E 329 43.97 37.76 -38.58
N LEU E 330 44.83 36.88 -39.09
CA LEU E 330 45.41 37.02 -40.43
C LEU E 330 44.37 36.91 -41.55
N LYS E 331 43.49 35.92 -41.47
CA LYS E 331 42.36 35.81 -42.41
C LYS E 331 41.42 37.02 -42.35
N LYS E 332 41.25 37.58 -41.15
CA LYS E 332 40.45 38.81 -40.96
C LYS E 332 41.19 40.05 -41.44
N LEU E 333 42.45 39.88 -41.84
CA LEU E 333 43.25 40.96 -42.42
C LEU E 333 43.51 40.78 -43.93
N GLY E 334 43.09 39.65 -44.48
CA GLY E 334 43.45 39.25 -45.86
C GLY E 334 42.99 40.20 -46.96
N ASP F 1 -1.53 -11.32 -34.63
CA ASP F 1 -0.09 -11.73 -34.49
C ASP F 1 0.83 -10.57 -34.88
N THR F 2 1.49 -9.98 -33.89
CA THR F 2 2.29 -8.78 -34.07
C THR F 2 3.80 -9.10 -34.04
N VAL F 3 4.14 -10.37 -33.88
CA VAL F 3 5.53 -10.76 -33.77
C VAL F 3 6.21 -10.43 -35.10
N GLY F 4 7.27 -9.63 -35.04
CA GLY F 4 7.93 -9.14 -36.26
C GLY F 4 7.48 -7.76 -36.66
N ARG F 5 6.55 -7.20 -35.90
CA ARG F 5 6.02 -5.88 -36.19
C ARG F 5 6.64 -4.89 -35.22
N PRO F 6 6.83 -3.64 -35.69
CA PRO F 6 7.37 -2.55 -34.87
C PRO F 6 6.32 -1.94 -33.95
N LEU F 7 5.74 -2.74 -33.08
CA LEU F 7 4.82 -2.25 -32.08
C LEU F 7 5.59 -1.38 -31.09
N PRO F 8 5.12 -0.14 -30.85
CA PRO F 8 5.85 0.65 -29.84
C PRO F 8 5.79 0.04 -28.45
N HIS F 9 6.76 0.40 -27.61
CA HIS F 9 6.80 0.01 -26.19
C HIS F 9 5.41 0.24 -25.58
N LEU F 10 4.84 -0.78 -24.92
CA LEU F 10 3.48 -0.65 -24.34
C LEU F 10 3.26 0.53 -23.41
N ALA F 11 4.32 0.96 -22.71
CA ALA F 11 4.14 2.01 -21.73
C ALA F 11 4.51 3.38 -22.28
N ALA F 12 4.91 3.46 -23.55
CA ALA F 12 5.54 4.73 -24.05
C ALA F 12 4.63 5.89 -23.95
N ALA F 13 3.31 5.68 -24.20
CA ALA F 13 2.34 6.80 -24.18
C ALA F 13 2.22 7.33 -22.78
N MET F 14 2.22 6.43 -21.81
CA MET F 14 2.12 6.87 -20.43
C MET F 14 3.43 7.47 -19.94
N GLN F 15 4.52 7.04 -20.57
CA GLN F 15 5.84 7.58 -20.22
C GLN F 15 5.93 9.04 -20.73
N ALA F 16 5.39 9.28 -21.92
CA ALA F 16 5.30 10.62 -22.52
C ALA F 16 4.36 11.59 -21.79
N SER F 17 3.33 11.05 -21.13
CA SER F 17 2.34 11.88 -20.41
C SER F 17 2.66 12.01 -18.92
N GLY F 18 3.71 11.32 -18.48
CA GLY F 18 4.10 11.44 -17.08
C GLY F 18 3.20 10.65 -16.18
N GLU F 19 2.44 9.72 -16.76
CA GLU F 19 1.51 8.84 -15.98
C GLU F 19 2.14 7.53 -15.52
N ALA F 20 3.17 7.07 -16.22
CA ALA F 20 3.91 5.85 -15.80
C ALA F 20 4.54 6.06 -14.41
N VAL F 21 4.34 5.08 -13.53
CA VAL F 21 4.76 5.25 -12.15
C VAL F 21 6.10 4.55 -11.99
N TYR F 22 7.09 5.30 -11.50
CA TYR F 22 8.39 4.75 -11.06
C TYR F 22 8.35 4.74 -9.54
N CYS F 23 9.28 4.02 -8.92
CA CYS F 23 9.26 3.82 -7.47
C CYS F 23 8.94 5.07 -6.65
N ASP F 24 9.70 6.16 -6.79
CA ASP F 24 9.45 7.35 -5.94
C ASP F 24 8.18 8.11 -6.34
N ASP F 25 7.52 7.70 -7.42
CA ASP F 25 6.24 8.31 -7.79
C ASP F 25 5.08 7.68 -7.01
N ILE F 26 5.31 6.51 -6.42
CA ILE F 26 4.29 5.88 -5.58
C ILE F 26 3.92 6.88 -4.45
N PRO F 27 2.61 7.09 -4.18
CA PRO F 27 2.30 8.05 -3.09
C PRO F 27 2.89 7.65 -1.75
N ARG F 28 3.11 8.61 -0.87
CA ARG F 28 3.62 8.29 0.44
C ARG F 28 2.47 7.99 1.41
N TYR F 29 2.67 6.97 2.27
CA TYR F 29 1.80 6.81 3.42
C TYR F 29 1.91 8.03 4.32
N GLU F 30 0.84 8.29 5.07
CA GLU F 30 0.76 9.43 6.00
C GLU F 30 1.91 9.44 7.00
N ASN F 31 2.34 8.24 7.41
CA ASN F 31 3.39 8.08 8.40
C ASN F 31 4.75 7.69 7.78
N GLU F 32 4.90 7.86 6.47
CA GLU F 32 6.11 7.40 5.78
C GLU F 32 7.34 8.27 6.12
N LEU F 33 8.46 7.61 6.40
CA LEU F 33 9.69 8.32 6.77
C LEU F 33 10.69 8.20 5.63
N PHE F 34 11.80 8.94 5.75
CA PHE F 34 12.83 9.02 4.73
C PHE F 34 14.19 8.67 5.26
N LEU F 35 14.90 7.88 4.47
CA LEU F 35 16.23 7.45 4.87
C LEU F 35 17.31 8.10 3.98
N ARG F 36 18.46 8.38 4.60
CA ARG F 36 19.64 8.80 3.87
C ARG F 36 20.86 8.09 4.44
N LEU F 37 21.69 7.54 3.54
CA LEU F 37 22.90 6.80 3.93
C LEU F 37 23.97 7.73 4.45
N VAL F 38 24.66 7.27 5.49
CA VAL F 38 25.85 7.96 6.02
C VAL F 38 27.03 7.10 5.58
N THR F 39 27.98 7.74 4.91
CA THR F 39 28.95 7.05 4.10
C THR F 39 30.40 7.45 4.44
N SER F 40 31.35 6.51 4.28
CA SER F 40 32.78 6.82 4.48
C SER F 40 33.34 7.93 3.59
N THR F 41 34.15 8.79 4.21
CA THR F 41 34.90 9.79 3.46
C THR F 41 36.36 9.37 3.33
N ARG F 42 36.71 8.18 3.80
CA ARG F 42 38.08 7.67 3.75
C ARG F 42 38.13 6.35 2.98
N ALA F 43 39.23 6.10 2.25
CA ALA F 43 39.34 4.89 1.45
C ALA F 43 39.61 3.67 2.30
N HIS F 44 40.33 3.85 3.38
CA HIS F 44 40.68 2.72 4.25
C HIS F 44 40.99 3.33 5.58
N ALA F 45 40.19 2.97 6.60
CA ALA F 45 40.40 3.56 7.93
C ALA F 45 39.64 2.79 9.01
N LYS F 46 40.13 2.87 10.25
CA LYS F 46 39.36 2.43 11.40
C LYS F 46 38.33 3.49 11.75
N ILE F 47 37.10 3.08 12.11
CA ILE F 47 36.14 4.03 12.68
C ILE F 47 36.39 4.17 14.19
N LYS F 48 36.67 5.38 14.62
CA LYS F 48 37.04 5.66 16.00
C LYS F 48 35.79 6.01 16.83
N SER F 49 35.00 6.95 16.33
CA SER F 49 33.78 7.35 17.00
C SER F 49 32.75 7.76 15.92
N ILE F 50 31.47 7.74 16.30
CA ILE F 50 30.38 8.32 15.51
C ILE F 50 29.57 9.19 16.46
N ASP F 51 29.45 10.47 16.13
CA ASP F 51 28.75 11.40 17.00
C ASP F 51 27.52 11.94 16.29
N VAL F 52 26.35 11.74 16.91
CA VAL F 52 25.07 12.09 16.28
C VAL F 52 24.36 13.32 16.89
N SER F 53 25.03 13.94 17.86
CA SER F 53 24.52 15.12 18.60
C SER F 53 23.92 16.20 17.74
N GLU F 54 24.63 16.61 16.70
CA GLU F 54 24.15 17.66 15.80
C GLU F 54 22.96 17.18 14.95
N ALA F 55 23.00 15.92 14.53
CA ALA F 55 21.92 15.35 13.70
C ALA F 55 20.62 15.38 14.48
N GLN F 56 20.70 15.11 15.78
CA GLN F 56 19.52 15.07 16.63
C GLN F 56 18.80 16.39 16.80
N LYS F 57 19.49 17.51 16.56
CA LYS F 57 18.90 18.86 16.61
C LYS F 57 18.16 19.26 15.33
N VAL F 58 18.30 18.45 14.27
CA VAL F 58 17.62 18.73 13.01
C VAL F 58 16.12 18.44 13.16
N PRO F 59 15.25 19.39 12.77
CA PRO F 59 13.80 19.19 12.78
C PRO F 59 13.42 17.89 12.10
N GLY F 60 12.64 17.06 12.77
CA GLY F 60 12.08 15.85 12.15
C GLY F 60 13.03 14.66 12.12
N PHE F 61 14.17 14.79 12.77
CA PHE F 61 15.09 13.70 12.96
C PHE F 61 14.41 12.57 13.75
N VAL F 62 14.50 11.35 13.24
CA VAL F 62 13.93 10.19 13.92
C VAL F 62 15.01 9.38 14.61
N CYS F 63 15.99 8.90 13.86
CA CYS F 63 17.04 8.04 14.44
C CYS F 63 18.25 7.91 13.55
N PHE F 64 19.37 7.49 14.15
CA PHE F 64 20.53 7.03 13.41
C PHE F 64 20.58 5.50 13.48
N LEU F 65 20.90 4.85 12.36
CA LEU F 65 21.00 3.38 12.35
C LEU F 65 22.39 2.92 11.99
N SER F 66 22.85 1.85 12.63
CA SER F 66 24.19 1.38 12.42
C SER F 66 24.21 -0.14 12.65
N ALA F 67 25.38 -0.75 12.51
CA ALA F 67 25.49 -2.20 12.64
C ALA F 67 24.86 -2.79 13.92
N ASP F 68 24.98 -2.09 15.04
CA ASP F 68 24.35 -2.51 16.30
C ASP F 68 22.79 -2.68 16.26
N ASP F 69 22.13 -2.02 15.31
CA ASP F 69 20.67 -2.06 15.19
C ASP F 69 20.13 -3.29 14.43
N ILE F 70 21.00 -3.97 13.70
CA ILE F 70 20.59 -5.10 12.88
C ILE F 70 20.22 -6.34 13.69
N PRO F 71 18.96 -6.85 13.51
CA PRO F 71 18.46 -8.00 14.26
C PRO F 71 19.01 -9.34 13.81
N GLY F 72 19.29 -9.50 12.53
CA GLY F 72 19.65 -10.80 11.99
C GLY F 72 21.15 -10.90 11.78
N SER F 73 21.63 -10.34 10.68
CA SER F 73 23.00 -10.55 10.26
C SER F 73 23.53 -9.34 9.54
N ASN F 74 24.77 -8.98 9.88
CA ASN F 74 25.46 -7.87 9.21
C ASN F 74 26.29 -8.31 8.00
N GLU F 75 26.27 -9.60 7.64
CA GLU F 75 27.04 -10.05 6.46
C GLU F 75 26.16 -10.22 5.25
N THR F 76 26.56 -9.60 4.14
CA THR F 76 25.72 -9.56 2.97
C THR F 76 26.58 -9.60 1.72
N GLY F 77 25.97 -9.40 0.57
CA GLY F 77 26.71 -9.38 -0.71
C GLY F 77 26.72 -10.77 -1.29
N LEU F 78 26.95 -10.86 -2.59
CA LEU F 78 26.83 -12.12 -3.29
C LEU F 78 27.68 -13.24 -2.73
N PHE F 79 28.88 -12.90 -2.25
CA PHE F 79 29.82 -13.89 -1.75
C PHE F 79 30.06 -13.72 -0.26
N ASN F 80 29.14 -13.02 0.40
CA ASN F 80 29.09 -12.89 1.88
C ASN F 80 30.31 -12.22 2.45
N ASP F 81 30.84 -11.23 1.71
CA ASP F 81 32.10 -10.56 2.04
C ASP F 81 31.85 -9.05 2.18
N GLU F 82 30.57 -8.69 2.28
CA GLU F 82 30.24 -7.32 2.61
C GLU F 82 29.49 -7.18 3.95
N THR F 83 29.50 -5.95 4.45
CA THR F 83 28.69 -5.56 5.58
C THR F 83 27.51 -4.76 5.08
N VAL F 84 26.41 -4.82 5.83
CA VAL F 84 25.27 -3.94 5.57
C VAL F 84 25.66 -2.53 6.05
N PHE F 85 26.24 -2.47 7.24
CA PHE F 85 26.72 -1.23 7.85
C PHE F 85 28.15 -1.57 8.36
N ALA F 86 29.13 -0.79 7.94
CA ALA F 86 30.51 -1.06 8.34
C ALA F 86 30.61 -0.93 9.86
N LYS F 87 31.35 -1.82 10.52
CA LYS F 87 31.49 -1.74 11.98
C LYS F 87 32.75 -1.06 12.57
N ASP F 88 33.91 -1.70 12.42
CA ASP F 88 35.17 -1.10 12.90
C ASP F 88 35.99 -0.35 11.87
N THR F 89 35.87 -0.76 10.62
CA THR F 89 36.73 -0.25 9.55
C THR F 89 36.01 -0.03 8.23
N VAL F 90 36.29 1.10 7.57
CA VAL F 90 35.77 1.36 6.22
C VAL F 90 36.82 1.00 5.19
N THR F 91 36.37 0.50 4.04
CA THR F 91 37.28 0.01 3.02
C THR F 91 37.12 0.70 1.69
N CYS F 92 36.38 1.81 1.64
CA CYS F 92 36.33 2.65 0.48
C CYS F 92 35.60 3.94 0.81
N VAL F 93 35.84 4.96 0.01
CA VAL F 93 35.06 6.19 0.08
C VAL F 93 33.69 5.81 -0.48
N GLY F 94 32.64 6.15 0.24
CA GLY F 94 31.30 5.68 -0.15
C GLY F 94 30.84 4.47 0.67
N HIS F 95 31.73 3.91 1.50
CA HIS F 95 31.40 2.68 2.23
C HIS F 95 30.31 3.00 3.25
N ILE F 96 29.21 2.25 3.22
CA ILE F 96 28.05 2.53 4.10
C ILE F 96 28.31 2.19 5.59
N ILE F 97 28.25 3.22 6.42
CA ILE F 97 28.45 3.13 7.83
C ILE F 97 27.13 3.09 8.62
N GLY F 98 26.13 3.81 8.13
CA GLY F 98 24.85 3.88 8.84
C GLY F 98 23.81 4.64 8.04
N ALA F 99 22.71 5.02 8.69
CA ALA F 99 21.68 5.82 8.00
C ALA F 99 20.92 6.67 9.00
N VAL F 100 20.54 7.87 8.56
CA VAL F 100 19.59 8.66 9.29
C VAL F 100 18.20 8.46 8.70
N VAL F 101 17.19 8.52 9.56
CA VAL F 101 15.81 8.45 9.16
C VAL F 101 15.21 9.76 9.65
N ALA F 102 14.44 10.43 8.79
CA ALA F 102 13.77 11.68 9.17
C ALA F 102 12.39 11.75 8.58
N ASP F 103 11.66 12.82 8.92
CA ASP F 103 10.29 12.95 8.48
C ASP F 103 10.14 13.47 7.06
N THR F 104 11.19 14.07 6.51
CA THR F 104 11.21 14.54 5.11
C THR F 104 12.58 14.18 4.52
N PRO F 105 12.69 14.07 3.17
CA PRO F 105 14.00 13.76 2.59
C PRO F 105 15.00 14.91 2.78
N GLU F 106 14.49 16.14 2.75
CA GLU F 106 15.29 17.34 3.06
C GLU F 106 15.87 17.30 4.49
N HIS F 107 15.04 16.91 5.46
CA HIS F 107 15.57 16.79 6.83
C HIS F 107 16.56 15.65 6.95
N ALA F 108 16.32 14.54 6.24
CA ALA F 108 17.28 13.41 6.28
C ALA F 108 18.62 13.80 5.65
N GLU F 109 18.56 14.57 4.58
CA GLU F 109 19.75 15.11 3.90
C GLU F 109 20.55 15.97 4.87
N ARG F 110 19.86 16.89 5.52
CA ARG F 110 20.49 17.81 6.46
C ARG F 110 21.13 17.11 7.67
N ALA F 111 20.38 16.17 8.25
CA ALA F 111 20.86 15.41 9.40
C ALA F 111 22.07 14.54 9.03
N ALA F 112 22.02 13.89 7.87
CA ALA F 112 23.12 13.01 7.44
C ALA F 112 24.44 13.80 7.32
N HIS F 113 24.35 15.04 6.83
CA HIS F 113 25.55 15.84 6.58
C HIS F 113 26.28 16.21 7.86
N VAL F 114 25.54 16.23 8.95
CA VAL F 114 26.04 16.67 10.22
C VAL F 114 26.42 15.51 11.15
N VAL F 115 26.38 14.26 10.64
CA VAL F 115 26.86 13.09 11.39
C VAL F 115 28.38 13.15 11.36
N LYS F 116 29.02 13.05 12.52
CA LYS F 116 30.46 13.28 12.62
C LYS F 116 31.13 11.97 12.86
N VAL F 117 31.98 11.55 11.93
CA VAL F 117 32.75 10.30 12.14
C VAL F 117 34.22 10.62 12.37
N THR F 118 34.86 9.90 13.28
CA THR F 118 36.28 10.04 13.48
C THR F 118 36.96 8.77 12.96
N TYR F 119 38.00 8.95 12.17
CA TYR F 119 38.72 7.84 11.56
C TYR F 119 40.16 7.83 12.02
N GLU F 120 40.80 6.67 11.88
CA GLU F 120 42.25 6.52 11.86
C GLU F 120 42.60 5.89 10.51
N ASP F 121 43.22 6.68 9.63
CA ASP F 121 43.60 6.23 8.29
C ASP F 121 44.51 5.02 8.32
N LEU F 122 44.24 4.08 7.44
CA LEU F 122 45.09 2.94 7.23
C LEU F 122 45.57 3.02 5.77
N PRO F 123 46.66 2.29 5.45
CA PRO F 123 47.15 2.46 4.08
C PRO F 123 46.21 1.81 3.06
N ALA F 124 46.01 2.48 1.94
CA ALA F 124 45.01 2.12 0.93
C ALA F 124 45.61 1.59 -0.38
N ILE F 125 44.86 0.78 -1.10
CA ILE F 125 45.28 0.26 -2.41
C ILE F 125 44.18 0.65 -3.37
N ILE F 126 44.51 1.47 -4.35
CA ILE F 126 43.50 2.13 -5.18
C ILE F 126 43.61 1.70 -6.63
N THR F 127 44.84 1.72 -7.14
CA THR F 127 45.05 1.44 -8.56
C THR F 127 45.27 -0.05 -8.78
N ILE F 128 45.00 -0.50 -10.00
CA ILE F 128 45.35 -1.85 -10.44
C ILE F 128 46.85 -2.09 -10.23
N GLU F 129 47.64 -1.08 -10.58
CA GLU F 129 49.09 -1.15 -10.39
C GLU F 129 49.42 -1.41 -8.91
N ASP F 130 48.84 -0.63 -7.99
CA ASP F 130 48.95 -0.87 -6.53
C ASP F 130 48.56 -2.28 -6.11
N ALA F 131 47.45 -2.79 -6.65
CA ALA F 131 46.96 -4.13 -6.29
C ALA F 131 47.88 -5.24 -6.73
N ILE F 132 48.42 -5.11 -7.95
CA ILE F 132 49.37 -6.09 -8.47
C ILE F 132 50.65 -6.09 -7.60
N LYS F 133 51.14 -4.90 -7.31
CA LYS F 133 52.35 -4.76 -6.50
C LYS F 133 52.20 -5.33 -5.09
N ASN F 134 50.95 -5.41 -4.60
CA ASN F 134 50.70 -5.93 -3.29
C ASN F 134 50.07 -7.30 -3.31
N ASN F 135 49.94 -7.93 -4.48
CA ASN F 135 49.26 -9.20 -4.61
C ASN F 135 47.87 -9.20 -3.94
N SER F 136 47.18 -8.09 -4.11
CA SER F 136 45.89 -7.87 -3.50
C SER F 136 44.83 -8.29 -4.51
N PHE F 137 44.55 -9.61 -4.53
CA PHE F 137 43.59 -10.20 -5.48
C PHE F 137 42.46 -10.96 -4.77
N TYR F 138 41.31 -11.08 -5.47
CA TYR F 138 40.24 -12.00 -5.07
C TYR F 138 40.46 -13.34 -5.74
N GLY F 139 40.59 -14.39 -4.95
CA GLY F 139 40.63 -15.72 -5.52
C GLY F 139 41.90 -15.98 -6.32
N SER F 140 41.87 -16.94 -7.22
CA SER F 140 43.08 -17.20 -7.99
C SER F 140 42.95 -16.92 -9.50
N GLU F 141 44.08 -17.05 -10.18
CA GLU F 141 44.14 -16.74 -11.60
C GLU F 141 43.12 -17.57 -12.39
N LEU F 142 42.33 -16.90 -13.24
CA LEU F 142 41.51 -17.59 -14.25
C LEU F 142 42.32 -17.72 -15.52
N LYS F 143 42.10 -18.79 -16.30
CA LYS F 143 42.90 -19.09 -17.48
C LYS F 143 42.13 -19.91 -18.52
N ILE F 144 42.22 -19.47 -19.77
CA ILE F 144 41.83 -20.29 -20.94
C ILE F 144 43.07 -20.38 -21.83
N GLU F 145 43.48 -21.60 -22.15
CA GLU F 145 44.63 -21.85 -23.06
C GLU F 145 44.29 -22.92 -24.08
N LYS F 146 44.73 -22.70 -25.32
CA LYS F 146 44.52 -23.66 -26.41
C LYS F 146 45.75 -23.67 -27.33
N GLY F 147 46.09 -24.83 -27.87
CA GLY F 147 47.21 -24.96 -28.82
C GLY F 147 48.57 -25.04 -28.15
N ASP F 148 49.62 -24.67 -28.89
CA ASP F 148 50.98 -24.68 -28.31
C ASP F 148 51.62 -23.29 -28.47
N LEU F 149 51.73 -22.58 -27.34
CA LEU F 149 52.19 -21.19 -27.33
C LEU F 149 53.66 -21.10 -27.65
N LYS F 150 54.46 -21.96 -27.01
CA LYS F 150 55.88 -22.15 -27.32
C LYS F 150 55.98 -23.07 -28.54
N LYS F 151 55.43 -22.62 -29.65
CA LYS F 151 55.57 -23.26 -30.94
C LYS F 151 55.10 -22.16 -31.85
N GLY F 152 53.96 -21.58 -31.51
CA GLY F 152 53.41 -20.45 -32.25
C GLY F 152 54.38 -19.29 -32.32
N PHE F 153 54.89 -18.89 -31.17
CA PHE F 153 55.84 -17.78 -31.07
C PHE F 153 57.19 -18.13 -31.75
N SER F 154 57.65 -19.37 -31.58
CA SER F 154 58.84 -19.83 -32.29
C SER F 154 58.69 -19.63 -33.82
N GLU F 155 57.44 -19.61 -34.29
CA GLU F 155 57.13 -19.67 -35.71
C GLU F 155 56.79 -18.29 -36.31
N ALA F 156 56.41 -17.36 -35.44
CA ALA F 156 55.95 -16.02 -35.82
C ALA F 156 57.01 -15.12 -36.51
N ASP F 157 56.68 -14.58 -37.68
CA ASP F 157 57.50 -13.54 -38.32
C ASP F 157 57.77 -12.35 -37.40
N ASN F 158 56.73 -11.84 -36.76
CA ASN F 158 56.92 -10.69 -35.88
C ASN F 158 56.12 -10.82 -34.59
N VAL F 159 56.39 -9.92 -33.66
CA VAL F 159 55.59 -9.83 -32.45
C VAL F 159 55.19 -8.36 -32.24
N VAL F 160 54.06 -8.14 -31.56
CA VAL F 160 53.76 -6.86 -30.95
C VAL F 160 53.44 -7.11 -29.48
N SER F 161 54.01 -6.29 -28.61
CA SER F 161 53.66 -6.41 -27.22
C SER F 161 53.37 -5.04 -26.65
N GLY F 162 52.59 -4.98 -25.57
CA GLY F 162 52.28 -3.69 -24.96
C GLY F 162 51.36 -3.80 -23.76
N GLU F 163 50.87 -2.67 -23.33
CA GLU F 163 49.98 -2.59 -22.18
C GLU F 163 48.84 -1.62 -22.54
N LEU F 164 47.60 -1.98 -22.15
CA LEU F 164 46.42 -1.15 -22.45
C LEU F 164 45.55 -0.99 -21.22
N TYR F 165 45.01 0.21 -21.00
CA TYR F 165 44.08 0.42 -19.89
C TYR F 165 42.76 0.87 -20.47
N ILE F 166 41.68 0.40 -19.84
CA ILE F 166 40.35 0.93 -20.17
C ILE F 166 39.65 1.34 -18.88
N GLY F 167 39.24 2.61 -18.82
CA GLY F 167 38.57 3.15 -17.64
C GLY F 167 37.18 2.57 -17.48
N GLY F 168 36.63 2.67 -16.27
CA GLY F 168 35.26 2.23 -15.96
C GLY F 168 34.18 3.15 -16.50
N GLN F 169 32.97 3.03 -15.97
CA GLN F 169 31.84 3.78 -16.54
C GLN F 169 30.81 3.77 -15.45
N ASP F 170 30.11 4.89 -15.29
CA ASP F 170 29.02 4.95 -14.36
C ASP F 170 27.77 4.68 -15.16
N HIS F 171 26.80 4.02 -14.57
CA HIS F 171 25.65 3.52 -15.35
C HIS F 171 24.81 4.67 -15.84
N PHE F 172 24.66 5.67 -14.99
CA PHE F 172 23.86 6.84 -15.26
C PHE F 172 22.46 6.51 -15.83
N TYR F 173 21.80 5.49 -15.26
CA TYR F 173 20.37 5.26 -15.44
C TYR F 173 19.77 6.57 -15.01
N LEU F 174 18.77 7.08 -15.76
CA LEU F 174 18.19 8.38 -15.39
C LEU F 174 17.50 8.37 -14.03
N GLU F 175 16.86 7.24 -13.70
CA GLU F 175 16.34 7.05 -12.34
C GLU F 175 17.38 6.33 -11.50
N THR F 176 17.80 7.00 -10.43
CA THR F 176 18.76 6.43 -9.49
C THR F 176 18.16 5.32 -8.58
N HIS F 177 18.93 4.81 -7.64
CA HIS F 177 18.46 3.65 -6.87
C HIS F 177 17.36 4.12 -5.93
N CYS F 178 16.36 3.26 -5.72
CA CYS F 178 15.15 3.61 -4.98
C CYS F 178 14.49 2.36 -4.39
N THR F 179 14.12 2.46 -3.10
CA THR F 179 13.35 1.42 -2.45
C THR F 179 12.35 2.06 -1.52
N ILE F 180 11.10 1.57 -1.54
CA ILE F 180 10.13 1.80 -0.43
C ILE F 180 9.97 0.46 0.34
N ALA F 181 10.03 0.50 1.67
CA ALA F 181 9.80 -0.74 2.44
C ALA F 181 8.61 -0.51 3.36
N ILE F 182 7.61 -1.40 3.30
CA ILE F 182 6.38 -1.31 4.13
C ILE F 182 6.38 -2.46 5.16
N PRO F 183 6.59 -2.12 6.44
CA PRO F 183 6.54 -3.19 7.43
C PRO F 183 5.04 -3.51 7.70
N LYS F 184 4.64 -4.79 7.67
CA LYS F 184 3.21 -5.08 7.95
C LYS F 184 2.80 -5.12 9.43
N GLY F 185 3.77 -5.40 10.31
CA GLY F 185 3.51 -5.43 11.75
C GLY F 185 3.21 -6.83 12.26
N GLU F 186 3.15 -7.81 11.35
CA GLU F 186 2.80 -9.20 11.67
C GLU F 186 3.87 -10.12 11.14
N GLU F 187 4.44 -10.92 12.03
CA GLU F 187 5.31 -12.04 11.69
C GLU F 187 6.56 -11.68 10.87
N GLY F 188 7.00 -10.43 10.98
CA GLY F 188 8.15 -9.95 10.23
C GLY F 188 7.89 -9.72 8.75
N GLU F 189 6.62 -9.74 8.34
CA GLU F 189 6.27 -9.53 6.96
C GLU F 189 6.60 -8.10 6.51
N MET F 190 7.12 -7.96 5.29
CA MET F 190 7.48 -6.67 4.73
C MET F 190 7.25 -6.72 3.21
N GLU F 191 6.72 -5.63 2.65
CA GLU F 191 6.49 -5.55 1.21
C GLU F 191 7.35 -4.40 0.74
N LEU F 192 8.10 -4.64 -0.34
CA LEU F 192 9.12 -3.71 -0.82
C LEU F 192 8.85 -3.37 -2.27
N PHE F 193 8.89 -2.06 -2.52
CA PHE F 193 8.81 -1.50 -3.88
C PHE F 193 10.20 -1.00 -4.26
N VAL F 194 10.76 -1.55 -5.32
CA VAL F 194 12.20 -1.44 -5.55
C VAL F 194 12.54 -1.28 -7.03
N SER F 195 13.43 -0.32 -7.34
CA SER F 195 14.04 -0.24 -8.69
C SER F 195 15.25 -1.20 -8.79
N THR F 196 14.95 -2.47 -9.09
CA THR F 196 15.95 -3.50 -9.13
C THR F 196 15.68 -4.48 -10.27
N GLN F 197 16.76 -5.05 -10.80
CA GLN F 197 16.75 -6.10 -11.83
C GLN F 197 16.81 -7.44 -11.12
N ASN F 198 16.90 -7.44 -9.80
CA ASN F 198 17.08 -8.73 -9.11
C ASN F 198 16.20 -8.78 -7.90
N ALA F 199 14.90 -8.98 -8.13
CA ALA F 199 14.00 -9.07 -6.97
C ALA F 199 14.29 -10.28 -6.08
N MET F 200 14.80 -11.39 -6.64
CA MET F 200 15.18 -12.55 -5.86
C MET F 200 16.26 -12.25 -4.79
N LYS F 201 17.39 -11.67 -5.18
CA LYS F 201 18.43 -11.34 -4.19
C LYS F 201 17.98 -10.27 -3.24
N THR F 202 17.23 -9.29 -3.75
CA THR F 202 16.69 -8.25 -2.88
C THR F 202 15.96 -8.93 -1.72
N GLN F 203 15.09 -9.86 -2.10
CA GLN F 203 14.23 -10.54 -1.16
C GLN F 203 15.05 -11.35 -0.15
N SER F 204 16.08 -12.01 -0.63
CA SER F 204 16.88 -12.94 0.13
C SER F 204 17.82 -12.17 1.07
N PHE F 205 18.38 -11.07 0.57
CA PHE F 205 19.28 -10.21 1.36
C PHE F 205 18.53 -9.45 2.47
N VAL F 206 17.30 -9.00 2.20
CA VAL F 206 16.46 -8.39 3.22
C VAL F 206 16.15 -9.39 4.36
N ALA F 207 15.66 -10.57 3.99
CA ALA F 207 15.37 -11.65 4.96
C ALA F 207 16.56 -12.07 5.83
N LYS F 208 17.72 -12.21 5.21
CA LYS F 208 18.96 -12.54 5.91
C LYS F 208 19.34 -11.47 6.90
N MET F 209 19.18 -10.24 6.46
CA MET F 209 19.47 -9.09 7.25
C MET F 209 18.57 -9.07 8.51
N LEU F 210 17.27 -9.29 8.26
CA LEU F 210 16.27 -9.22 9.28
C LEU F 210 16.31 -10.45 10.20
N GLY F 211 16.82 -11.57 9.72
CA GLY F 211 16.80 -12.86 10.49
C GLY F 211 15.45 -13.59 10.38
N VAL F 212 14.84 -13.57 9.20
CA VAL F 212 13.43 -13.89 9.01
C VAL F 212 13.39 -14.80 7.78
N PRO F 213 12.41 -15.76 7.69
CA PRO F 213 12.35 -16.57 6.46
C PRO F 213 12.04 -15.75 5.24
N VAL F 214 12.48 -16.26 4.09
CA VAL F 214 12.33 -15.54 2.83
C VAL F 214 10.85 -15.38 2.43
N ASN F 215 10.03 -16.39 2.76
CA ASN F 215 8.56 -16.29 2.58
C ASN F 215 7.84 -15.11 3.27
N ARG F 216 8.52 -14.37 4.15
CA ARG F 216 7.92 -13.18 4.79
C ARG F 216 8.07 -11.91 3.94
N ILE F 217 8.96 -11.95 2.94
CA ILE F 217 9.40 -10.74 2.25
C ILE F 217 8.82 -10.76 0.83
N LEU F 218 8.13 -9.70 0.47
CA LEU F 218 7.54 -9.63 -0.84
C LEU F 218 8.22 -8.45 -1.53
N VAL F 219 8.82 -8.70 -2.71
CA VAL F 219 9.45 -7.63 -3.48
C VAL F 219 8.69 -7.44 -4.77
N ARG F 220 8.35 -6.19 -5.11
CA ARG F 220 7.57 -5.87 -6.30
C ARG F 220 8.32 -4.83 -7.11
N VAL F 221 8.38 -5.06 -8.43
CA VAL F 221 9.08 -4.17 -9.36
C VAL F 221 8.14 -3.92 -10.54
N LYS F 222 7.61 -2.72 -10.60
CA LYS F 222 6.83 -2.29 -11.74
C LYS F 222 7.71 -2.06 -12.98
N ARG F 223 8.69 -1.15 -12.81
CA ARG F 223 9.64 -0.78 -13.87
C ARG F 223 10.81 0.01 -13.22
N MET F 224 11.92 0.07 -13.94
CA MET F 224 13.06 0.93 -13.59
C MET F 224 13.21 1.95 -14.70
N GLY F 225 13.60 3.17 -14.31
CA GLY F 225 14.14 4.15 -15.27
C GLY F 225 15.61 3.83 -15.60
N GLY F 226 15.84 2.65 -16.18
CA GLY F 226 17.18 2.22 -16.56
C GLY F 226 17.74 1.37 -15.45
N GLY F 227 18.57 0.40 -15.81
CA GLY F 227 19.29 -0.46 -14.87
C GLY F 227 20.68 -0.72 -15.43
N PHE F 228 20.76 -1.21 -16.67
CA PHE F 228 22.06 -1.41 -17.34
C PHE F 228 23.07 -2.29 -16.60
N GLY F 229 22.59 -3.21 -15.75
CA GLY F 229 23.51 -4.05 -14.97
C GLY F 229 23.68 -3.47 -13.57
N GLY F 230 23.50 -2.16 -13.44
CA GLY F 230 23.81 -1.50 -12.18
C GLY F 230 22.79 -1.74 -11.09
N LYS F 231 21.63 -2.27 -11.47
CA LYS F 231 20.59 -2.57 -10.45
C LYS F 231 20.40 -4.06 -10.32
N GLU F 232 21.42 -4.80 -10.74
CA GLU F 232 21.37 -6.26 -10.74
C GLU F 232 21.76 -6.87 -9.38
N THR F 233 22.62 -6.19 -8.64
CA THR F 233 22.95 -6.62 -7.27
C THR F 233 23.16 -5.43 -6.33
N ARG F 234 23.62 -4.29 -6.87
CA ARG F 234 23.99 -3.16 -6.01
C ARG F 234 22.79 -2.39 -5.50
N SER F 235 21.60 -2.64 -6.08
CA SER F 235 20.35 -2.08 -5.54
C SER F 235 20.07 -2.51 -4.10
N THR F 236 20.63 -3.66 -3.66
CA THR F 236 20.41 -4.11 -2.29
C THR F 236 21.05 -3.23 -1.23
N LEU F 237 22.06 -2.43 -1.61
CA LEU F 237 22.71 -1.55 -0.64
C LEU F 237 21.68 -0.57 -0.09
N VAL F 238 20.83 -0.06 -0.96
CA VAL F 238 19.77 0.83 -0.52
C VAL F 238 18.63 -0.02 0.10
N SER F 239 18.22 -1.11 -0.59
CA SER F 239 17.08 -1.91 -0.13
C SER F 239 17.21 -2.44 1.30
N VAL F 240 18.41 -2.93 1.65
CA VAL F 240 18.61 -3.54 2.94
C VAL F 240 18.58 -2.50 4.04
N ALA F 241 19.19 -1.34 3.81
CA ALA F 241 19.19 -0.26 4.77
C ALA F 241 17.76 0.27 4.98
N VAL F 242 16.98 0.36 3.89
CA VAL F 242 15.59 0.81 4.01
C VAL F 242 14.71 -0.21 4.77
N ALA F 243 14.90 -1.51 4.48
CA ALA F 243 14.22 -2.55 5.21
C ALA F 243 14.53 -2.44 6.69
N LEU F 244 15.81 -2.30 7.04
CA LEU F 244 16.18 -2.15 8.44
C LEU F 244 15.45 -0.98 9.12
N ALA F 245 15.43 0.20 8.47
CA ALA F 245 14.71 1.34 9.04
C ALA F 245 13.23 1.04 9.25
N ALA F 246 12.59 0.39 8.28
CA ALA F 246 11.16 0.02 8.40
C ALA F 246 10.92 -0.90 9.58
N TYR F 247 11.77 -1.91 9.70
CA TYR F 247 11.77 -2.85 10.82
C TYR F 247 11.89 -2.10 12.16
N LYS F 248 12.90 -1.23 12.26
CA LYS F 248 13.15 -0.53 13.55
C LYS F 248 12.05 0.42 13.93
N THR F 249 11.56 1.20 12.96
CA THR F 249 10.63 2.23 13.29
C THR F 249 9.21 1.64 13.34
N GLY F 250 8.97 0.61 12.54
CA GLY F 250 7.63 0.10 12.32
C GLY F 250 6.83 0.99 11.37
N HIS F 251 7.49 1.97 10.73
CA HIS F 251 6.84 2.87 9.77
C HIS F 251 7.25 2.48 8.35
N PRO F 252 6.41 2.83 7.34
CA PRO F 252 6.99 2.76 5.98
C PRO F 252 8.19 3.70 5.88
N VAL F 253 9.21 3.29 5.10
CA VAL F 253 10.39 4.14 4.91
C VAL F 253 10.79 4.08 3.44
N ARG F 254 11.16 5.23 2.86
CA ARG F 254 11.75 5.20 1.52
C ARG F 254 13.11 5.96 1.44
N CYS F 255 13.85 5.66 0.37
CA CYS F 255 15.05 6.36 -0.01
C CYS F 255 15.17 6.31 -1.50
N MET F 256 15.39 7.47 -2.14
CA MET F 256 15.89 7.47 -3.52
C MET F 256 17.22 8.21 -3.45
N LEU F 257 18.27 7.66 -4.08
CA LEU F 257 19.59 8.32 -3.98
C LEU F 257 19.63 9.57 -4.81
N ASP F 258 20.36 10.58 -4.32
CA ASP F 258 20.77 11.68 -5.17
C ASP F 258 21.84 11.12 -6.12
N ARG F 259 21.97 11.75 -7.28
CA ARG F 259 22.96 11.35 -8.30
C ARG F 259 24.37 11.23 -7.72
N ASN F 260 24.78 12.23 -6.93
CA ASN F 260 26.14 12.17 -6.36
C ASN F 260 26.34 10.96 -5.44
N GLU F 261 25.34 10.64 -4.62
CA GLU F 261 25.46 9.42 -3.77
C GLU F 261 25.53 8.16 -4.61
N ASP F 262 24.65 8.10 -5.60
CA ASP F 262 24.58 6.95 -6.49
C ASP F 262 25.91 6.69 -7.22
N MET F 263 26.51 7.73 -7.80
CA MET F 263 27.81 7.57 -8.46
C MET F 263 28.92 7.08 -7.56
N LEU F 264 28.95 7.57 -6.32
CA LEU F 264 29.97 7.20 -5.35
C LEU F 264 29.82 5.79 -4.78
N ILE F 265 28.59 5.40 -4.48
CA ILE F 265 28.34 4.23 -3.63
C ILE F 265 28.17 2.92 -4.40
N THR F 266 27.53 2.98 -5.56
CA THR F 266 26.87 1.78 -6.12
C THR F 266 27.68 1.06 -7.18
N GLY F 267 28.88 1.57 -7.47
CA GLY F 267 29.79 0.85 -8.38
C GLY F 267 29.47 1.03 -9.86
N GLY F 268 30.45 0.71 -10.71
CA GLY F 268 30.30 0.94 -12.14
C GLY F 268 30.91 -0.22 -12.87
N ARG F 269 31.19 -0.03 -14.16
CA ARG F 269 31.88 -1.03 -14.96
C ARG F 269 33.27 -1.18 -14.42
N HIS F 270 33.82 -2.36 -14.58
CA HIS F 270 35.19 -2.64 -14.18
C HIS F 270 36.23 -2.02 -15.11
N PRO F 271 37.11 -1.17 -14.56
CA PRO F 271 38.33 -0.78 -15.30
C PRO F 271 39.15 -2.02 -15.59
N PHE F 272 39.78 -2.10 -16.77
CA PHE F 272 40.66 -3.25 -17.09
C PHE F 272 42.06 -2.73 -17.50
N LEU F 273 43.07 -3.47 -17.06
CA LEU F 273 44.43 -3.36 -17.55
C LEU F 273 44.76 -4.66 -18.25
N ALA F 274 45.43 -4.56 -19.38
CA ALA F 274 45.85 -5.74 -20.13
C ALA F 274 47.31 -5.59 -20.54
N ARG F 275 48.07 -6.66 -20.35
CA ARG F 275 49.41 -6.82 -20.96
C ARG F 275 49.32 -7.92 -21.99
N TYR F 276 49.74 -7.63 -23.22
CA TYR F 276 49.57 -8.57 -24.32
C TYR F 276 50.84 -8.73 -25.15
N LYS F 277 50.89 -9.86 -25.86
CA LYS F 277 51.97 -10.23 -26.75
C LYS F 277 51.31 -11.03 -27.87
N VAL F 278 51.36 -10.51 -29.09
CA VAL F 278 50.78 -11.22 -30.24
C VAL F 278 51.88 -11.55 -31.23
N GLY F 279 51.93 -12.78 -31.73
CA GLY F 279 52.85 -13.17 -32.77
C GLY F 279 52.08 -13.40 -34.07
N PHE F 280 52.67 -12.96 -35.18
CA PHE F 280 51.98 -12.98 -36.46
C PHE F 280 52.95 -13.14 -37.62
N MET F 281 52.39 -13.44 -38.79
CA MET F 281 53.19 -13.60 -40.00
C MET F 281 53.19 -12.28 -40.78
N LYS F 282 54.07 -12.16 -41.77
CA LYS F 282 54.23 -10.94 -42.55
C LYS F 282 52.92 -10.55 -43.21
N THR F 283 52.11 -11.59 -43.43
CA THR F 283 50.77 -11.51 -44.00
C THR F 283 49.73 -10.86 -43.05
N GLY F 284 50.04 -10.79 -41.76
CA GLY F 284 49.05 -10.30 -40.78
C GLY F 284 48.29 -11.45 -40.13
N THR F 285 48.56 -12.67 -40.60
CA THR F 285 47.99 -13.89 -40.01
C THR F 285 48.51 -14.07 -38.56
N ILE F 286 47.57 -14.15 -37.61
CA ILE F 286 47.90 -14.36 -36.20
C ILE F 286 48.30 -15.82 -35.92
N VAL F 287 49.41 -16.01 -35.20
CA VAL F 287 49.89 -17.35 -34.88
C VAL F 287 49.98 -17.62 -33.39
N ALA F 288 50.04 -16.56 -32.59
CA ALA F 288 50.08 -16.74 -31.13
C ALA F 288 49.63 -15.50 -30.42
N LEU F 289 48.97 -15.72 -29.27
CA LEU F 289 48.44 -14.62 -28.46
C LEU F 289 48.44 -14.95 -27.00
N GLU F 290 48.98 -14.04 -26.21
CA GLU F 290 49.08 -14.22 -24.80
C GLU F 290 48.59 -12.93 -24.14
N VAL F 291 47.49 -13.01 -23.40
CA VAL F 291 46.96 -11.80 -22.78
C VAL F 291 46.70 -12.03 -21.31
N ASP F 292 47.25 -11.15 -20.48
CA ASP F 292 46.98 -11.15 -19.06
C ASP F 292 46.06 -9.96 -18.74
N HIS F 293 44.86 -10.26 -18.23
CA HIS F 293 43.86 -9.25 -17.88
C HIS F 293 43.85 -8.99 -16.36
N TYR F 294 43.60 -7.74 -15.98
CA TYR F 294 43.48 -7.36 -14.58
C TYR F 294 42.28 -6.46 -14.48
N SER F 295 41.32 -6.79 -13.62
CA SER F 295 40.17 -5.91 -13.46
C SER F 295 40.29 -5.24 -12.11
N ASN F 296 39.79 -4.01 -12.03
CA ASN F 296 39.67 -3.34 -10.74
C ASN F 296 38.31 -3.64 -10.16
N ALA F 297 38.28 -4.63 -9.28
CA ALA F 297 37.03 -5.15 -8.70
C ALA F 297 36.48 -4.28 -7.58
N GLY F 298 37.35 -3.59 -6.84
CA GLY F 298 36.89 -2.78 -5.71
C GLY F 298 36.82 -3.56 -4.43
N ASN F 299 35.97 -3.13 -3.49
CA ASN F 299 36.06 -3.65 -2.12
C ASN F 299 35.17 -4.85 -1.78
N SER F 300 34.62 -5.54 -2.79
CA SER F 300 34.03 -6.90 -2.60
C SER F 300 34.05 -7.61 -3.94
N ARG F 301 33.84 -8.92 -3.93
CA ARG F 301 33.75 -9.76 -5.11
C ARG F 301 32.62 -9.35 -6.02
N ASP F 302 31.42 -9.23 -5.45
CA ASP F 302 30.18 -9.03 -6.23
C ASP F 302 30.23 -9.96 -7.45
N LEU F 303 30.04 -9.42 -8.65
CA LEU F 303 29.99 -10.22 -9.90
C LEU F 303 31.32 -10.28 -10.65
N SER F 304 32.38 -9.84 -9.99
CA SER F 304 33.66 -9.64 -10.68
C SER F 304 34.21 -10.94 -11.32
N HIS F 305 33.95 -12.10 -10.69
CA HIS F 305 34.57 -13.32 -11.18
C HIS F 305 33.91 -13.70 -12.49
N SER F 306 32.58 -13.60 -12.52
CA SER F 306 31.83 -13.91 -13.75
C SER F 306 32.12 -12.94 -14.87
N ILE F 307 32.38 -11.67 -14.49
CA ILE F 307 32.72 -10.60 -15.48
C ILE F 307 34.08 -10.91 -16.16
N MET F 308 35.06 -11.33 -15.35
CA MET F 308 36.34 -11.81 -15.90
C MET F 308 36.15 -13.06 -16.75
N GLU F 309 35.28 -13.99 -16.35
CA GLU F 309 35.11 -15.19 -17.16
C GLU F 309 34.62 -14.75 -18.52
N ARG F 310 33.64 -13.84 -18.54
CA ARG F 310 33.09 -13.41 -19.81
C ARG F 310 34.13 -12.71 -20.68
N ALA F 311 35.02 -11.96 -20.03
CA ALA F 311 36.11 -11.28 -20.72
C ALA F 311 36.96 -12.34 -21.42
N LEU F 312 37.33 -13.36 -20.66
CA LEU F 312 38.17 -14.39 -21.23
C LEU F 312 37.49 -15.07 -22.42
N PHE F 313 36.17 -15.28 -22.36
CA PHE F 313 35.43 -15.92 -23.45
C PHE F 313 35.39 -15.03 -24.70
N HIS F 314 35.62 -13.74 -24.53
CA HIS F 314 35.57 -12.84 -25.66
C HIS F 314 36.93 -12.21 -26.11
N MET F 315 38.05 -12.73 -25.61
CA MET F 315 39.38 -12.18 -25.95
C MET F 315 39.80 -12.49 -27.41
N ASP F 316 39.00 -13.32 -28.07
CA ASP F 316 39.17 -13.67 -29.49
C ASP F 316 38.42 -12.73 -30.45
N ASN F 317 37.44 -11.98 -29.96
CA ASN F 317 36.43 -11.33 -30.83
C ASN F 317 36.03 -12.26 -31.99
N CYS F 318 36.20 -11.87 -33.23
CA CYS F 318 35.77 -12.78 -34.32
C CYS F 318 36.92 -13.44 -35.04
N TYR F 319 38.04 -13.61 -34.34
CA TYR F 319 39.30 -14.05 -34.98
C TYR F 319 39.76 -15.42 -34.50
N LYS F 320 40.10 -16.26 -35.47
CA LYS F 320 40.66 -17.59 -35.21
C LYS F 320 42.13 -17.51 -34.85
N ILE F 321 42.51 -17.96 -33.65
CA ILE F 321 43.90 -17.88 -33.15
C ILE F 321 44.33 -19.26 -32.66
N PRO F 322 45.11 -19.97 -33.49
CA PRO F 322 45.51 -21.38 -33.20
C PRO F 322 46.14 -21.59 -31.82
N ASN F 323 46.93 -20.62 -31.36
CA ASN F 323 47.66 -20.76 -30.12
C ASN F 323 47.42 -19.55 -29.26
N ILE F 324 46.84 -19.77 -28.08
CA ILE F 324 46.24 -18.68 -27.31
C ILE F 324 46.26 -18.96 -25.81
N ARG F 325 46.62 -17.95 -25.03
CA ARG F 325 46.55 -18.07 -23.59
C ARG F 325 46.01 -16.77 -23.05
N GLY F 326 44.90 -16.81 -22.32
CA GLY F 326 44.40 -15.63 -21.62
C GLY F 326 44.32 -15.91 -20.15
N THR F 327 44.71 -14.95 -19.32
CA THR F 327 44.58 -15.07 -17.89
C THR F 327 43.80 -13.85 -17.35
N GLY F 328 43.10 -14.03 -16.23
CA GLY F 328 42.41 -12.92 -15.58
C GLY F 328 42.72 -12.94 -14.11
N ARG F 329 42.89 -11.77 -13.51
CA ARG F 329 42.96 -11.67 -12.07
C ARG F 329 42.04 -10.52 -11.67
N LEU F 330 41.49 -10.62 -10.45
CA LEU F 330 40.57 -9.59 -9.93
C LEU F 330 41.27 -8.88 -8.80
N CYS F 331 41.48 -7.59 -9.01
CA CYS F 331 42.20 -6.74 -8.08
C CYS F 331 41.28 -6.27 -6.95
N LYS F 332 41.72 -6.58 -5.74
CA LYS F 332 41.02 -6.20 -4.52
C LYS F 332 41.52 -4.83 -4.10
N THR F 333 40.66 -3.82 -4.21
CA THR F 333 41.06 -2.43 -3.94
C THR F 333 40.13 -1.66 -2.97
N ASN F 334 40.63 -0.58 -2.39
CA ASN F 334 39.78 0.33 -1.60
C ASN F 334 38.95 1.32 -2.42
N LEU F 335 38.11 0.75 -3.30
CA LEU F 335 37.16 1.49 -4.11
C LEU F 335 35.78 0.82 -4.00
N SER F 336 34.71 1.57 -4.25
CA SER F 336 33.36 0.96 -4.32
C SER F 336 33.45 -0.28 -5.20
N SER F 337 32.84 -1.35 -4.72
CA SER F 337 32.79 -2.61 -5.47
C SER F 337 32.14 -2.41 -6.85
N ASN F 338 32.86 -2.81 -7.90
CA ASN F 338 32.38 -2.64 -9.26
C ASN F 338 31.49 -3.81 -9.66
N THR F 339 30.70 -3.66 -10.72
CA THR F 339 29.63 -4.62 -10.88
C THR F 339 29.29 -4.81 -12.34
N ALA F 340 28.13 -5.41 -12.62
CA ALA F 340 27.66 -5.60 -13.98
C ALA F 340 27.39 -4.23 -14.62
N PHE F 341 27.82 -4.09 -15.86
CA PHE F 341 27.47 -2.95 -16.70
C PHE F 341 27.35 -3.55 -18.10
N ARG F 342 26.21 -3.34 -18.75
CA ARG F 342 25.91 -3.78 -20.13
C ARG F 342 27.13 -4.24 -20.95
N GLY F 343 27.23 -5.53 -21.23
CA GLY F 343 28.42 -6.12 -21.85
C GLY F 343 29.13 -7.07 -20.89
N PHE F 344 29.18 -6.70 -19.61
CA PHE F 344 29.57 -7.62 -18.52
C PHE F 344 30.97 -8.21 -18.78
N GLY F 345 31.94 -7.36 -19.08
CA GLY F 345 33.32 -7.81 -19.29
C GLY F 345 33.66 -8.10 -20.73
N GLY F 346 32.66 -8.34 -21.56
CA GLY F 346 32.87 -8.47 -22.98
C GLY F 346 33.47 -7.24 -23.68
N PRO F 347 32.86 -6.04 -23.54
CA PRO F 347 33.46 -4.91 -24.27
C PRO F 347 34.93 -4.66 -23.92
N GLN F 348 35.31 -4.74 -22.65
CA GLN F 348 36.72 -4.62 -22.25
C GLN F 348 37.63 -5.62 -23.02
N ALA F 349 37.27 -6.90 -23.01
CA ALA F 349 38.11 -7.91 -23.65
C ALA F 349 38.14 -7.76 -25.17
N LEU F 350 37.01 -7.35 -25.74
CA LEU F 350 36.87 -7.19 -27.19
C LEU F 350 37.72 -5.99 -27.66
N PHE F 351 37.75 -4.95 -26.84
CA PHE F 351 38.56 -3.75 -27.09
C PHE F 351 40.07 -4.05 -27.07
N ILE F 352 40.49 -4.85 -26.09
CA ILE F 352 41.86 -5.31 -26.02
C ILE F 352 42.20 -6.04 -27.30
N ALA F 353 41.29 -6.89 -27.79
CA ALA F 353 41.53 -7.67 -29.02
C ALA F 353 41.64 -6.79 -30.27
N GLU F 354 40.74 -5.80 -30.39
CA GLU F 354 40.83 -4.89 -31.52
C GLU F 354 42.04 -3.96 -31.45
N ASN F 355 42.48 -3.61 -30.23
CA ASN F 355 43.68 -2.82 -30.09
C ASN F 355 44.93 -3.52 -30.67
N TRP F 356 45.22 -4.76 -30.27
CA TRP F 356 46.36 -5.42 -30.85
C TRP F 356 46.11 -5.74 -32.31
N MET F 357 44.88 -6.08 -32.69
CA MET F 357 44.63 -6.35 -34.11
C MET F 357 45.00 -5.13 -34.94
N SER F 358 44.67 -3.95 -34.43
CA SER F 358 44.97 -2.72 -35.16
C SER F 358 46.51 -2.49 -35.27
N GLU F 359 47.27 -2.92 -34.27
CA GLU F 359 48.72 -2.80 -34.22
C GLU F 359 49.42 -3.83 -35.09
N VAL F 360 48.85 -5.04 -35.18
CA VAL F 360 49.25 -6.00 -36.21
C VAL F 360 49.19 -5.40 -37.61
N ALA F 361 48.05 -4.80 -37.96
CA ALA F 361 47.88 -4.20 -39.30
C ALA F 361 48.90 -3.10 -39.60
N VAL F 362 49.18 -2.24 -38.61
CA VAL F 362 50.15 -1.16 -38.78
C VAL F 362 51.55 -1.75 -38.99
N THR F 363 51.91 -2.74 -38.18
CA THR F 363 53.21 -3.38 -38.24
C THR F 363 53.48 -4.04 -39.59
N CYS F 364 52.45 -4.63 -40.18
CA CYS F 364 52.59 -5.32 -41.46
C CYS F 364 52.43 -4.32 -42.63
N GLY F 365 52.00 -3.12 -42.31
CA GLY F 365 51.66 -2.11 -43.31
C GLY F 365 50.59 -2.60 -44.27
N LEU F 366 49.56 -3.25 -43.75
CA LEU F 366 48.42 -3.68 -44.58
C LEU F 366 47.14 -2.90 -44.22
N PRO F 367 46.17 -2.83 -45.13
CA PRO F 367 44.85 -2.27 -44.76
C PRO F 367 44.20 -3.03 -43.57
N ALA F 368 43.67 -2.29 -42.60
CA ALA F 368 43.02 -2.89 -41.39
C ALA F 368 41.86 -3.88 -41.71
N GLU F 369 41.00 -3.55 -42.68
CA GLU F 369 39.94 -4.49 -43.12
C GLU F 369 40.45 -5.79 -43.68
N GLU F 370 41.65 -5.76 -44.24
CA GLU F 370 42.19 -6.93 -44.90
C GLU F 370 42.71 -7.89 -43.84
N VAL F 371 43.43 -7.36 -42.86
CA VAL F 371 43.97 -8.15 -41.75
C VAL F 371 42.85 -8.77 -40.89
N ARG F 372 41.85 -7.96 -40.55
CA ARG F 372 40.64 -8.48 -39.85
C ARG F 372 39.98 -9.62 -40.63
N TRP F 373 39.69 -9.38 -41.92
CA TRP F 373 39.00 -10.40 -42.72
C TRP F 373 39.81 -11.72 -42.79
N LYS F 374 41.11 -11.60 -42.99
CA LYS F 374 41.93 -12.77 -43.22
C LYS F 374 42.12 -13.61 -41.97
N ASN F 375 41.92 -13.00 -40.79
CA ASN F 375 41.97 -13.73 -39.54
C ASN F 375 40.62 -14.22 -39.02
N MET F 376 39.54 -13.88 -39.70
CA MET F 376 38.17 -14.14 -39.24
C MET F 376 37.87 -15.63 -39.15
N TYR F 377 37.15 -16.02 -38.10
CA TYR F 377 36.60 -17.38 -38.05
C TYR F 377 35.83 -17.71 -39.34
N LYS F 378 35.70 -19.01 -39.60
CA LYS F 378 34.79 -19.46 -40.63
C LYS F 378 33.70 -20.32 -40.00
N GLU F 379 32.59 -20.46 -40.71
CA GLU F 379 31.49 -21.31 -40.29
C GLU F 379 32.01 -22.70 -39.88
N GLY F 380 31.57 -23.18 -38.72
CA GLY F 380 32.03 -24.48 -38.22
C GLY F 380 33.25 -24.41 -37.32
N ASP F 381 33.94 -23.28 -37.33
CA ASP F 381 35.17 -23.14 -36.56
C ASP F 381 34.89 -23.30 -35.09
N LEU F 382 35.90 -23.73 -34.34
CA LEU F 382 35.83 -23.71 -32.90
C LEU F 382 36.53 -22.47 -32.37
N THR F 383 35.98 -21.93 -31.30
CA THR F 383 36.59 -20.83 -30.52
C THR F 383 37.74 -21.34 -29.65
N HIS F 384 38.45 -20.42 -29.00
CA HIS F 384 39.52 -20.81 -28.08
C HIS F 384 39.04 -21.60 -26.88
N PHE F 385 37.72 -21.54 -26.63
CA PHE F 385 37.09 -22.34 -25.57
C PHE F 385 36.33 -23.52 -26.17
N ASN F 386 36.62 -23.79 -27.45
CA ASN F 386 36.26 -25.04 -28.10
C ASN F 386 34.77 -25.19 -28.35
N GLN F 387 34.06 -24.08 -28.47
CA GLN F 387 32.68 -24.10 -28.91
C GLN F 387 32.53 -23.80 -30.42
N ARG F 388 31.76 -24.62 -31.14
CA ARG F 388 31.57 -24.43 -32.58
C ARG F 388 30.73 -23.22 -32.89
N LEU F 389 31.11 -22.52 -33.97
CA LEU F 389 30.36 -21.37 -34.40
C LEU F 389 29.40 -21.81 -35.50
N GLU F 390 28.14 -21.99 -35.13
CA GLU F 390 27.13 -22.42 -36.07
C GLU F 390 26.30 -21.23 -36.44
N GLY F 391 26.10 -21.01 -37.74
CA GLY F 391 25.38 -19.82 -38.20
C GLY F 391 26.18 -18.58 -37.87
N PHE F 392 27.47 -18.65 -38.19
CA PHE F 392 28.40 -17.55 -37.99
C PHE F 392 28.14 -16.52 -39.10
N SER F 393 27.50 -15.42 -38.78
CA SER F 393 27.04 -14.51 -39.83
C SER F 393 27.83 -13.24 -39.99
N VAL F 394 28.93 -13.11 -39.25
CA VAL F 394 29.81 -11.94 -39.42
C VAL F 394 30.23 -11.72 -40.87
N PRO F 395 30.63 -12.78 -41.59
CA PRO F 395 30.94 -12.54 -43.02
C PRO F 395 29.87 -11.82 -43.84
N ARG F 396 28.60 -12.17 -43.59
CA ARG F 396 27.48 -11.51 -44.25
C ARG F 396 27.38 -10.08 -43.78
N CYS F 397 27.49 -9.89 -42.46
CA CYS F 397 27.34 -8.58 -41.83
C CYS F 397 28.43 -7.64 -42.36
N TRP F 398 29.63 -8.18 -42.48
CA TRP F 398 30.83 -7.46 -42.92
C TRP F 398 30.62 -7.00 -44.37
N ASP F 399 30.34 -7.96 -45.23
CA ASP F 399 30.07 -7.73 -46.66
C ASP F 399 28.95 -6.70 -46.83
N GLU F 400 27.86 -6.86 -46.11
CA GLU F 400 26.76 -5.93 -46.29
C GLU F 400 27.06 -4.53 -45.77
N CYS F 401 27.76 -4.46 -44.64
CA CYS F 401 28.15 -3.16 -44.10
C CYS F 401 29.13 -2.42 -45.03
N LEU F 402 30.14 -3.13 -45.52
CA LEU F 402 31.11 -2.56 -46.47
C LEU F 402 30.39 -1.96 -47.67
N LYS F 403 29.45 -2.72 -48.21
CA LYS F 403 28.66 -2.29 -49.35
C LYS F 403 27.78 -1.08 -49.01
N SER F 404 27.04 -1.13 -47.91
CA SER F 404 26.02 -0.11 -47.68
C SER F 404 26.59 1.15 -47.08
N SER F 405 27.75 1.00 -46.42
CA SER F 405 28.47 2.15 -45.88
C SER F 405 29.36 2.82 -46.94
N GLN F 406 29.54 2.13 -48.08
CA GLN F 406 30.40 2.59 -49.18
C GLN F 406 31.83 2.79 -48.65
N TYR F 407 32.33 1.78 -47.93
CA TYR F 407 33.55 1.95 -47.14
C TYR F 407 34.78 2.27 -48.02
N TYR F 408 34.99 1.51 -49.08
CA TYR F 408 36.16 1.70 -49.93
C TYR F 408 36.18 3.08 -50.63
N ALA F 409 35.02 3.52 -51.13
CA ALA F 409 34.90 4.87 -51.69
C ALA F 409 35.18 5.94 -50.63
N ARG F 410 34.54 5.83 -49.46
CA ARG F 410 34.77 6.83 -48.43
C ARG F 410 36.19 6.79 -47.84
N LYS F 411 36.83 5.62 -47.82
CA LYS F 411 38.22 5.52 -47.40
C LYS F 411 39.13 6.37 -48.30
N SER F 412 38.83 6.38 -49.61
CA SER F 412 39.53 7.24 -50.56
C SER F 412 39.37 8.69 -50.17
N GLU F 413 38.13 9.10 -49.96
CA GLU F 413 37.82 10.48 -49.62
C GLU F 413 38.39 10.94 -48.28
N VAL F 414 38.55 10.01 -47.34
CA VAL F 414 39.18 10.31 -46.06
C VAL F 414 40.61 10.71 -46.30
N ASP F 415 41.28 9.94 -47.18
CA ASP F 415 42.68 10.16 -47.54
C ASP F 415 42.93 11.47 -48.26
N LYS F 416 41.97 11.86 -49.09
CA LYS F 416 42.00 13.14 -49.76
C LYS F 416 41.82 14.28 -48.76
N PHE F 417 40.84 14.15 -47.87
CA PHE F 417 40.68 15.15 -46.82
C PHE F 417 41.99 15.30 -46.03
N ASN F 418 42.63 14.18 -45.69
CA ASN F 418 43.83 14.22 -44.87
C ASN F 418 45.03 14.91 -45.56
N LYS F 419 45.13 14.76 -46.87
CA LYS F 419 46.22 15.37 -47.61
C LYS F 419 45.96 16.86 -47.83
N GLU F 420 44.68 17.23 -47.80
CA GLU F 420 44.26 18.61 -48.05
C GLU F 420 44.07 19.44 -46.79
N ASN F 421 44.25 18.82 -45.63
CA ASN F 421 44.03 19.52 -44.35
C ASN F 421 45.18 19.35 -43.35
N CYS F 422 45.57 20.45 -42.71
CA CYS F 422 46.67 20.44 -41.75
C CYS F 422 46.26 20.13 -40.32
N TRP F 423 45.28 20.88 -39.82
CA TRP F 423 44.94 20.88 -38.39
C TRP F 423 43.60 20.22 -38.04
N LYS F 424 43.01 19.53 -39.02
CA LYS F 424 41.86 18.64 -38.82
C LYS F 424 42.14 17.36 -39.59
N LYS F 425 41.82 16.21 -39.00
CA LYS F 425 42.02 14.93 -39.69
C LYS F 425 40.79 14.03 -39.58
N ARG F 426 40.56 13.21 -40.61
CA ARG F 426 39.46 12.26 -40.62
C ARG F 426 40.01 10.83 -40.41
N GLY F 427 39.20 10.00 -39.76
CA GLY F 427 39.52 8.59 -39.60
C GLY F 427 38.28 7.77 -39.97
N LEU F 428 38.50 6.51 -40.35
CA LEU F 428 37.44 5.62 -40.71
C LEU F 428 37.84 4.23 -40.31
N CYS F 429 36.99 3.52 -39.58
CA CYS F 429 37.26 2.13 -39.22
C CYS F 429 36.02 1.23 -39.32
N ILE F 430 36.24 -0.03 -39.66
CA ILE F 430 35.17 -1.00 -39.63
C ILE F 430 35.55 -2.16 -38.69
N ILE F 431 34.68 -2.45 -37.73
CA ILE F 431 34.92 -3.45 -36.68
C ILE F 431 33.76 -4.47 -36.59
N PRO F 432 34.08 -5.77 -36.41
CA PRO F 432 33.11 -6.81 -36.09
C PRO F 432 32.96 -7.06 -34.57
N THR F 433 31.91 -7.78 -34.20
CA THR F 433 31.77 -8.34 -32.89
C THR F 433 30.94 -9.62 -32.92
N LYS F 434 31.24 -10.48 -31.96
CA LYS F 434 30.36 -11.58 -31.56
C LYS F 434 30.17 -11.48 -30.04
N PHE F 435 29.01 -11.89 -29.55
CA PHE F 435 28.73 -11.82 -28.12
C PHE F 435 27.95 -13.05 -27.76
N GLY F 436 28.47 -13.82 -26.82
CA GLY F 436 27.87 -15.12 -26.49
C GLY F 436 26.62 -14.96 -25.61
N ILE F 437 25.55 -15.69 -25.95
CA ILE F 437 24.27 -15.55 -25.24
C ILE F 437 24.02 -16.73 -24.26
N SER F 438 24.05 -16.41 -22.96
CA SER F 438 23.63 -17.27 -21.82
C SER F 438 24.36 -16.74 -20.63
N PHE F 439 23.84 -16.96 -19.43
CA PHE F 439 24.67 -16.71 -18.24
C PHE F 439 25.76 -17.75 -18.28
N THR F 440 26.99 -17.33 -17.95
CA THR F 440 28.06 -18.29 -17.97
C THR F 440 28.02 -19.16 -16.73
N VAL F 441 27.15 -18.78 -15.78
CA VAL F 441 26.85 -19.68 -14.67
C VAL F 441 25.61 -20.49 -15.10
N PRO F 442 25.79 -21.80 -15.35
CA PRO F 442 24.68 -22.56 -15.90
C PRO F 442 23.34 -22.42 -15.12
N PHE F 443 23.38 -22.35 -13.77
CA PHE F 443 22.13 -22.43 -13.03
C PHE F 443 21.18 -21.24 -13.16
N LEU F 444 21.70 -20.12 -13.65
CA LEU F 444 20.87 -18.95 -13.86
C LEU F 444 20.02 -19.01 -15.13
N ASN F 445 20.31 -19.98 -16.00
CA ASN F 445 19.59 -20.11 -17.27
C ASN F 445 18.30 -20.87 -17.06
N GLN F 446 17.45 -20.28 -16.24
CA GLN F 446 16.12 -20.84 -15.95
C GLN F 446 15.15 -19.68 -15.87
N ALA F 447 13.91 -19.90 -16.27
CA ALA F 447 12.94 -18.83 -16.28
C ALA F 447 11.55 -19.36 -15.99
N GLY F 448 10.80 -18.62 -15.18
CA GLY F 448 9.40 -18.99 -14.86
C GLY F 448 8.40 -17.93 -15.33
N ALA F 449 7.18 -18.36 -15.61
CA ALA F 449 6.04 -17.46 -15.87
C ALA F 449 4.79 -18.03 -15.17
N LEU F 450 3.79 -17.20 -15.01
CA LEU F 450 2.51 -17.59 -14.41
C LEU F 450 1.42 -16.86 -15.16
N ILE F 451 0.46 -17.56 -15.73
CA ILE F 451 -0.54 -16.89 -16.54
C ILE F 451 -1.94 -17.24 -16.00
N HIS F 452 -2.79 -16.22 -15.86
CA HIS F 452 -4.19 -16.40 -15.49
C HIS F 452 -5.06 -15.88 -16.62
N VAL F 453 -6.08 -16.66 -17.03
CA VAL F 453 -7.18 -16.07 -17.85
C VAL F 453 -8.38 -15.86 -16.90
N TYR F 454 -8.91 -14.63 -16.81
CA TYR F 454 -10.07 -14.36 -15.97
C TYR F 454 -11.31 -14.66 -16.80
N THR F 455 -12.47 -14.64 -16.15
CA THR F 455 -13.73 -15.08 -16.82
C THR F 455 -14.30 -14.14 -17.88
N ASP F 456 -13.76 -12.93 -17.97
CA ASP F 456 -14.07 -12.04 -19.12
C ASP F 456 -13.17 -12.31 -20.32
N GLY F 457 -12.27 -13.30 -20.19
CA GLY F 457 -11.27 -13.65 -21.17
C GLY F 457 -10.03 -12.77 -21.21
N SER F 458 -9.92 -11.78 -20.32
CA SER F 458 -8.68 -11.02 -20.24
C SER F 458 -7.57 -11.85 -19.56
N VAL F 459 -6.33 -11.60 -19.97
CA VAL F 459 -5.21 -12.50 -19.59
C VAL F 459 -4.23 -11.66 -18.77
N LEU F 460 -3.72 -12.22 -17.68
CA LEU F 460 -2.72 -11.51 -16.87
C LEU F 460 -1.49 -12.38 -16.92
N VAL F 461 -0.43 -11.78 -17.45
CA VAL F 461 0.83 -12.50 -17.56
C VAL F 461 1.79 -11.98 -16.53
N SER F 462 2.45 -12.91 -15.86
CA SER F 462 3.51 -12.64 -14.93
C SER F 462 4.75 -13.50 -15.27
N HIS F 463 5.93 -12.91 -15.33
CA HIS F 463 7.17 -13.67 -15.61
C HIS F 463 8.28 -13.12 -14.70
N GLY F 464 9.35 -13.84 -14.54
CA GLY F 464 10.41 -13.42 -13.61
C GLY F 464 11.24 -12.23 -14.07
N GLY F 465 11.06 -11.79 -15.31
CA GLY F 465 11.88 -10.68 -15.81
C GLY F 465 11.32 -9.33 -15.50
N THR F 466 12.18 -8.31 -15.50
CA THR F 466 11.76 -6.97 -15.18
C THR F 466 11.89 -6.04 -16.39
N GLU F 467 11.08 -5.00 -16.41
CA GLU F 467 11.16 -3.95 -17.40
C GLU F 467 12.07 -2.80 -16.96
N MET F 468 13.13 -2.51 -17.74
CA MET F 468 13.97 -1.30 -17.47
C MET F 468 14.07 -0.35 -18.65
N GLY F 469 13.15 -0.46 -19.61
CA GLY F 469 13.23 0.32 -20.84
C GLY F 469 13.45 -0.48 -22.11
N GLN F 470 13.86 -1.74 -21.96
CA GLN F 470 14.26 -2.62 -23.06
C GLN F 470 13.09 -3.29 -23.81
N GLY F 471 11.89 -3.14 -23.26
CA GLY F 471 10.65 -3.56 -23.91
C GLY F 471 10.39 -5.03 -23.78
N LEU F 472 10.83 -5.58 -22.66
CA LEU F 472 10.64 -7.02 -22.36
C LEU F 472 9.15 -7.31 -22.20
N HIS F 473 8.43 -6.49 -21.42
CA HIS F 473 7.01 -6.75 -21.26
C HIS F 473 6.32 -6.65 -22.61
N THR F 474 6.68 -5.66 -23.46
CA THR F 474 6.06 -5.57 -24.79
C THR F 474 6.29 -6.91 -25.53
N LYS F 475 7.51 -7.40 -25.51
CA LYS F 475 7.87 -8.61 -26.23
C LYS F 475 7.11 -9.80 -25.69
N MET F 476 6.99 -9.91 -24.37
CA MET F 476 6.22 -11.02 -23.79
C MET F 476 4.72 -10.95 -24.16
N VAL F 477 4.17 -9.76 -24.27
CA VAL F 477 2.80 -9.59 -24.76
C VAL F 477 2.62 -10.02 -26.21
N GLN F 478 3.57 -9.66 -27.07
CA GLN F 478 3.55 -10.13 -28.45
C GLN F 478 3.66 -11.65 -28.57
N VAL F 479 4.51 -12.25 -27.76
CA VAL F 479 4.65 -13.72 -27.67
C VAL F 479 3.37 -14.42 -27.24
N ALA F 480 2.85 -14.00 -26.10
CA ALA F 480 1.59 -14.52 -25.60
C ALA F 480 0.44 -14.30 -26.60
N SER F 481 0.32 -13.10 -27.16
CA SER F 481 -0.70 -12.86 -28.17
C SER F 481 -0.59 -13.83 -29.35
N LYS F 482 0.62 -14.03 -29.85
CA LYS F 482 0.87 -14.96 -30.95
C LYS F 482 0.55 -16.39 -30.51
N ALA F 483 1.05 -16.80 -29.34
CA ALA F 483 0.87 -18.18 -28.88
C ALA F 483 -0.60 -18.51 -28.55
N LEU F 484 -1.29 -17.60 -27.87
CA LEU F 484 -2.71 -17.81 -27.60
C LEU F 484 -3.63 -17.58 -28.79
N LYS F 485 -3.11 -16.94 -29.83
CA LYS F 485 -3.89 -16.50 -30.99
C LYS F 485 -5.03 -15.52 -30.66
N ILE F 486 -4.73 -14.57 -29.79
CA ILE F 486 -5.68 -13.51 -29.43
C ILE F 486 -4.97 -12.16 -29.58
N PRO F 487 -5.73 -11.07 -29.74
CA PRO F 487 -5.05 -9.79 -29.85
C PRO F 487 -4.37 -9.32 -28.55
N ILE F 488 -3.31 -8.54 -28.70
CA ILE F 488 -2.56 -8.01 -27.58
C ILE F 488 -3.41 -7.21 -26.59
N SER F 489 -4.53 -6.63 -27.05
CA SER F 489 -5.36 -5.81 -26.14
C SER F 489 -6.00 -6.65 -25.05
N LYS F 490 -6.07 -7.96 -25.24
CA LYS F 490 -6.64 -8.81 -24.18
C LYS F 490 -5.65 -9.23 -23.10
N ILE F 491 -4.38 -8.82 -23.22
CA ILE F 491 -3.29 -9.38 -22.38
C ILE F 491 -2.67 -8.23 -21.64
N TYR F 492 -2.25 -8.44 -20.42
CA TYR F 492 -1.68 -7.34 -19.62
C TYR F 492 -0.57 -7.95 -18.79
N ILE F 493 0.52 -7.21 -18.61
CA ILE F 493 1.55 -7.49 -17.61
C ILE F 493 1.57 -6.30 -16.66
N SER F 494 1.39 -6.57 -15.35
CA SER F 494 1.36 -5.46 -14.40
C SER F 494 2.70 -5.13 -13.74
N GLU F 495 3.45 -6.16 -13.34
CA GLU F 495 4.66 -5.99 -12.60
C GLU F 495 5.37 -7.34 -12.44
N THR F 496 6.56 -7.31 -11.87
CA THR F 496 7.32 -8.50 -11.55
C THR F 496 7.25 -8.63 -10.03
N SER F 497 7.00 -9.83 -9.51
CA SER F 497 6.89 -9.96 -8.07
C SER F 497 7.31 -11.33 -7.61
N THR F 498 7.89 -11.37 -6.41
CA THR F 498 8.41 -12.65 -5.88
C THR F 498 7.30 -13.60 -5.44
N ASN F 499 6.08 -13.10 -5.27
CA ASN F 499 4.93 -13.97 -4.93
C ASN F 499 4.14 -14.56 -6.13
N THR F 500 4.56 -14.24 -7.33
CA THR F 500 3.96 -14.83 -8.52
C THR F 500 4.97 -15.72 -9.18
N VAL F 501 6.22 -15.24 -9.30
CA VAL F 501 7.30 -16.05 -9.85
C VAL F 501 8.51 -15.99 -8.92
N PRO F 502 8.77 -17.08 -8.18
CA PRO F 502 9.85 -17.15 -7.22
C PRO F 502 11.23 -17.50 -7.84
N ASN F 503 12.31 -17.20 -7.09
CA ASN F 503 13.66 -17.71 -7.41
C ASN F 503 14.11 -17.33 -8.80
N SER F 504 13.77 -16.12 -9.23
CA SER F 504 14.06 -15.72 -10.58
C SER F 504 15.52 -15.26 -10.65
N SER F 505 16.14 -15.51 -11.81
CA SER F 505 17.47 -15.01 -12.09
C SER F 505 17.34 -13.49 -12.23
N PRO F 506 18.45 -12.73 -12.04
CA PRO F 506 18.44 -11.28 -12.35
C PRO F 506 18.08 -11.10 -13.83
N THR F 507 17.48 -9.96 -14.18
CA THR F 507 17.18 -9.64 -15.58
C THR F 507 18.45 -9.11 -16.22
N ALA F 508 19.17 -10.01 -16.91
CA ALA F 508 20.56 -9.79 -17.23
C ALA F 508 21.00 -10.75 -18.35
N ALA F 509 22.24 -10.60 -18.80
CA ALA F 509 22.87 -11.47 -19.82
C ALA F 509 22.17 -11.47 -21.16
N SER F 510 21.31 -10.46 -21.41
CA SER F 510 20.58 -10.29 -22.66
C SER F 510 19.65 -11.42 -23.00
N VAL F 511 19.51 -12.39 -22.10
CA VAL F 511 18.73 -13.58 -22.40
C VAL F 511 17.24 -13.53 -22.02
N SER F 512 16.75 -12.39 -21.54
CA SER F 512 15.45 -12.38 -20.86
C SER F 512 14.35 -12.73 -21.89
N THR F 513 14.46 -12.19 -23.10
CA THR F 513 13.46 -12.44 -24.13
C THR F 513 13.43 -13.92 -24.47
N ASP F 514 14.60 -14.52 -24.59
CA ASP F 514 14.73 -15.93 -24.93
C ASP F 514 14.08 -16.82 -23.87
N ILE F 515 14.49 -16.63 -22.62
CA ILE F 515 14.07 -17.53 -21.54
C ILE F 515 12.65 -17.27 -21.00
N TYR F 516 12.25 -16.01 -20.83
CA TYR F 516 10.88 -15.71 -20.36
C TYR F 516 9.96 -15.90 -21.55
N GLY F 517 10.48 -15.72 -22.78
CA GLY F 517 9.64 -15.91 -23.97
C GLY F 517 9.17 -17.34 -24.02
N GLN F 518 10.09 -18.26 -23.77
CA GLN F 518 9.83 -19.71 -23.69
C GLN F 518 8.90 -20.12 -22.54
N ALA F 519 9.16 -19.63 -21.31
CA ALA F 519 8.24 -19.78 -20.18
C ALA F 519 6.82 -19.34 -20.48
N VAL F 520 6.66 -18.11 -21.03
CA VAL F 520 5.37 -17.60 -21.42
C VAL F 520 4.71 -18.49 -22.47
N TYR F 521 5.49 -18.89 -23.46
CA TYR F 521 5.02 -19.78 -24.49
C TYR F 521 4.50 -21.11 -23.96
N GLU F 522 5.26 -21.75 -23.09
CA GLU F 522 4.83 -23.02 -22.52
C GLU F 522 3.53 -22.87 -21.73
N ALA F 523 3.46 -21.85 -20.89
CA ALA F 523 2.22 -21.57 -20.16
C ALA F 523 1.02 -21.38 -21.10
N CYS F 524 1.20 -20.67 -22.21
CA CYS F 524 0.14 -20.42 -23.20
C CYS F 524 -0.29 -21.76 -23.81
N GLN F 525 0.68 -22.61 -24.14
CA GLN F 525 0.38 -23.94 -24.69
C GLN F 525 -0.52 -24.74 -23.76
N THR F 526 -0.18 -24.74 -22.47
CA THR F 526 -0.99 -25.40 -21.45
C THR F 526 -2.45 -24.86 -21.47
N ILE F 527 -2.62 -23.54 -21.51
CA ILE F 527 -3.92 -22.91 -21.61
C ILE F 527 -4.69 -23.38 -22.86
N LEU F 528 -4.03 -23.35 -24.01
CA LEU F 528 -4.67 -23.78 -25.28
C LEU F 528 -5.16 -25.22 -25.26
N LYS F 529 -4.35 -26.08 -24.67
CA LYS F 529 -4.73 -27.49 -24.51
C LYS F 529 -5.98 -27.67 -23.62
N ARG F 530 -6.07 -26.87 -22.56
CA ARG F 530 -7.21 -26.93 -21.66
C ARG F 530 -8.44 -26.36 -22.33
N LEU F 531 -8.26 -25.39 -23.23
CA LEU F 531 -9.40 -24.76 -23.87
C LEU F 531 -9.90 -25.53 -25.10
N GLU F 532 -9.03 -26.39 -25.63
CA GLU F 532 -9.30 -27.08 -26.91
C GLU F 532 -10.67 -27.75 -26.99
N PRO F 533 -11.10 -28.52 -25.96
CA PRO F 533 -12.43 -29.18 -26.02
C PRO F 533 -13.59 -28.22 -26.21
N PHE F 534 -13.44 -27.03 -25.64
CA PHE F 534 -14.49 -26.05 -25.64
C PHE F 534 -14.57 -25.38 -26.97
N LYS F 535 -13.41 -25.16 -27.57
CA LYS F 535 -13.33 -24.71 -28.93
C LYS F 535 -14.09 -25.70 -29.83
N LYS F 536 -13.80 -26.99 -29.70
CA LYS F 536 -14.47 -28.03 -30.49
C LYS F 536 -15.99 -28.05 -30.29
N LYS F 537 -16.45 -27.80 -29.07
CA LYS F 537 -17.89 -27.73 -28.78
C LYS F 537 -18.61 -26.50 -29.37
N ASN F 538 -17.87 -25.42 -29.59
CA ASN F 538 -18.46 -24.12 -29.97
C ASN F 538 -17.58 -23.49 -31.06
N PRO F 539 -17.40 -24.21 -32.20
CA PRO F 539 -16.39 -23.81 -33.18
C PRO F 539 -16.57 -22.42 -33.77
N ASP F 540 -17.79 -21.89 -33.81
CA ASP F 540 -17.97 -20.56 -34.38
C ASP F 540 -18.09 -19.52 -33.29
N GLY F 541 -17.69 -19.91 -32.08
CA GLY F 541 -17.74 -19.03 -30.92
C GLY F 541 -16.50 -18.17 -30.78
N SER F 542 -16.45 -17.42 -29.67
CA SER F 542 -15.37 -16.48 -29.40
C SER F 542 -14.49 -16.95 -28.23
N TRP F 543 -13.32 -16.34 -28.12
CA TRP F 543 -12.39 -16.58 -27.04
C TRP F 543 -13.12 -16.49 -25.71
N GLU F 544 -13.91 -15.44 -25.55
CA GLU F 544 -14.63 -15.18 -24.31
C GLU F 544 -15.58 -16.34 -23.97
N ASP F 545 -16.30 -16.86 -24.99
CA ASP F 545 -17.26 -17.93 -24.79
C ASP F 545 -16.56 -19.22 -24.44
N TRP F 546 -15.35 -19.41 -24.98
CA TRP F 546 -14.59 -20.63 -24.71
C TRP F 546 -14.05 -20.63 -23.27
N VAL F 547 -13.54 -19.48 -22.85
CA VAL F 547 -13.02 -19.32 -21.50
C VAL F 547 -14.12 -19.56 -20.46
N MET F 548 -15.25 -18.86 -20.62
CA MET F 548 -16.38 -19.02 -19.72
C MET F 548 -16.90 -20.48 -19.66
N ALA F 549 -16.95 -21.17 -20.80
CA ALA F 549 -17.33 -22.59 -20.79
C ALA F 549 -16.35 -23.43 -19.99
N ALA F 550 -15.06 -23.15 -20.15
CA ALA F 550 -14.03 -23.88 -19.41
C ALA F 550 -14.17 -23.63 -17.91
N TYR F 551 -14.38 -22.37 -17.58
CA TYR F 551 -14.65 -21.98 -16.19
C TYR F 551 -15.83 -22.78 -15.61
N GLN F 552 -16.96 -22.78 -16.33
CA GLN F 552 -18.17 -23.42 -15.80
C GLN F 552 -18.06 -24.95 -15.72
N ASP F 553 -17.08 -25.50 -16.45
CA ASP F 553 -16.81 -26.95 -16.44
C ASP F 553 -15.69 -27.29 -15.46
N ARG F 554 -15.31 -26.28 -14.66
CA ARG F 554 -14.29 -26.39 -13.63
C ARG F 554 -12.94 -26.88 -14.21
N VAL F 555 -12.54 -26.22 -15.28
CA VAL F 555 -11.20 -26.34 -15.88
C VAL F 555 -10.35 -25.17 -15.43
N SER F 556 -9.18 -25.45 -14.87
CA SER F 556 -8.35 -24.37 -14.33
C SER F 556 -7.83 -23.42 -15.41
N LEU F 557 -7.98 -22.12 -15.21
CA LEU F 557 -7.47 -21.16 -16.20
C LEU F 557 -6.18 -20.49 -15.68
N SER F 558 -5.44 -21.22 -14.85
CA SER F 558 -4.17 -20.74 -14.29
C SER F 558 -3.07 -21.76 -14.49
N THR F 559 -1.92 -21.27 -14.92
CA THR F 559 -0.80 -22.20 -15.09
C THR F 559 0.55 -21.54 -14.98
N THR F 560 1.53 -22.35 -14.58
CA THR F 560 2.93 -21.99 -14.66
C THR F 560 3.50 -22.41 -16.02
N GLY F 561 4.68 -21.88 -16.30
CA GLY F 561 5.48 -22.19 -17.47
C GLY F 561 6.91 -22.02 -16.99
N PHE F 562 7.78 -22.88 -17.51
CA PHE F 562 9.17 -22.90 -17.09
C PHE F 562 10.05 -23.26 -18.30
N TYR F 563 11.25 -22.69 -18.35
CA TYR F 563 12.25 -23.07 -19.33
C TYR F 563 13.60 -23.19 -18.67
N ARG F 564 14.35 -24.19 -19.12
CA ARG F 564 15.71 -24.44 -18.66
C ARG F 564 16.56 -24.57 -19.97
N THR F 565 17.48 -23.65 -20.20
CA THR F 565 18.28 -23.63 -21.46
C THR F 565 19.09 -24.93 -21.54
N PRO F 566 18.92 -25.70 -22.63
CA PRO F 566 19.59 -27.00 -22.67
C PRO F 566 21.07 -26.91 -23.01
N ASN F 567 21.81 -27.91 -22.56
CA ASN F 567 23.14 -28.16 -23.07
C ASN F 567 24.18 -27.06 -22.75
N LEU F 568 24.09 -26.47 -21.56
CA LEU F 568 25.11 -25.52 -21.12
C LEU F 568 25.91 -26.11 -19.98
N GLY F 569 27.21 -25.93 -20.04
CA GLY F 569 28.06 -26.38 -18.96
C GLY F 569 29.51 -26.39 -19.35
N TYR F 570 30.11 -25.20 -19.47
CA TYR F 570 31.55 -25.10 -19.78
C TYR F 570 32.44 -25.40 -18.59
N SER F 571 33.49 -26.19 -18.84
CA SER F 571 34.48 -26.49 -17.79
C SER F 571 35.86 -25.91 -18.10
N PHE F 572 36.35 -25.08 -17.18
CA PHE F 572 37.73 -24.58 -17.19
C PHE F 572 38.80 -25.69 -17.03
N GLU F 573 38.43 -26.86 -16.49
CA GLU F 573 39.37 -27.97 -16.33
C GLU F 573 39.61 -28.70 -17.64
N THR F 574 38.55 -29.01 -18.37
CA THR F 574 38.69 -29.75 -19.61
C THR F 574 38.70 -28.83 -20.86
N ASN F 575 38.51 -27.52 -20.68
CA ASN F 575 38.30 -26.55 -21.81
C ASN F 575 37.29 -27.07 -22.82
N SER F 576 36.11 -27.49 -22.32
CA SER F 576 35.01 -28.03 -23.13
C SER F 576 33.64 -27.86 -22.47
N GLY F 577 32.60 -28.09 -23.28
CA GLY F 577 31.18 -27.93 -22.88
C GLY F 577 30.75 -26.55 -23.35
N ASN F 578 29.52 -26.40 -23.81
CA ASN F 578 29.09 -25.12 -24.35
C ASN F 578 29.04 -24.09 -23.22
N ALA F 579 29.57 -22.90 -23.47
CA ALA F 579 29.41 -21.83 -22.52
C ALA F 579 28.22 -20.94 -22.90
N PHE F 580 27.88 -20.90 -24.19
CA PHE F 580 26.77 -20.08 -24.65
C PHE F 580 25.79 -20.91 -25.46
N HIS F 581 24.58 -20.41 -25.62
CA HIS F 581 23.57 -21.14 -26.42
C HIS F 581 23.80 -20.91 -27.91
N TYR F 582 24.21 -19.67 -28.22
CA TYR F 582 24.45 -19.18 -29.60
C TYR F 582 25.12 -17.80 -29.45
N PHE F 583 25.42 -17.15 -30.56
CA PHE F 583 26.09 -15.86 -30.48
C PHE F 583 25.32 -14.87 -31.29
N THR F 584 25.37 -13.61 -30.86
CA THR F 584 24.81 -12.52 -31.64
C THR F 584 26.00 -11.82 -32.32
N TYR F 585 25.80 -11.37 -33.56
CA TYR F 585 26.88 -10.86 -34.42
C TYR F 585 26.49 -9.48 -34.97
N GLY F 586 27.47 -8.68 -35.36
CA GLY F 586 27.25 -7.30 -35.81
C GLY F 586 28.56 -6.72 -36.34
N VAL F 587 28.44 -5.65 -37.13
CA VAL F 587 29.57 -4.93 -37.70
C VAL F 587 29.12 -3.48 -37.76
N ALA F 588 30.04 -2.58 -37.40
CA ALA F 588 29.81 -1.15 -37.46
C ALA F 588 31.00 -0.51 -38.17
N CYS F 589 30.71 0.55 -38.93
CA CYS F 589 31.71 1.33 -39.62
C CYS F 589 31.42 2.75 -39.22
N SER F 590 32.44 3.43 -38.69
CA SER F 590 32.34 4.77 -38.17
C SER F 590 33.42 5.74 -38.70
N GLU F 591 33.01 6.97 -38.99
CA GLU F 591 33.91 8.02 -39.47
C GLU F 591 33.87 9.20 -38.51
N VAL F 592 35.04 9.74 -38.20
CA VAL F 592 35.17 10.91 -37.34
C VAL F 592 36.08 11.95 -37.99
N GLU F 593 35.90 13.21 -37.60
CA GLU F 593 36.86 14.26 -37.89
C GLU F 593 37.39 14.77 -36.57
N ILE F 594 38.71 14.79 -36.39
CA ILE F 594 39.27 15.37 -35.16
C ILE F 594 39.80 16.80 -35.39
N ASP F 595 39.80 17.59 -34.33
CA ASP F 595 40.44 18.88 -34.31
C ASP F 595 41.80 18.69 -33.67
N CYS F 596 42.84 18.61 -34.50
CA CYS F 596 44.21 18.39 -34.04
C CYS F 596 44.70 19.39 -33.00
N LEU F 597 44.15 20.60 -33.05
CA LEU F 597 44.55 21.69 -32.16
C LEU F 597 43.81 21.72 -30.80
N THR F 598 42.64 21.08 -30.71
CA THR F 598 41.86 21.11 -29.46
C THR F 598 41.61 19.71 -28.84
N GLY F 599 41.77 18.66 -29.63
CA GLY F 599 41.45 17.31 -29.15
C GLY F 599 39.97 17.01 -29.22
N ASP F 600 39.15 17.98 -29.65
CA ASP F 600 37.73 17.77 -29.92
C ASP F 600 37.54 16.91 -31.17
N HIS F 601 36.37 16.31 -31.30
CA HIS F 601 36.05 15.54 -32.49
C HIS F 601 34.54 15.55 -32.77
N LYS F 602 34.20 15.27 -34.01
CA LYS F 602 32.82 15.20 -34.45
C LYS F 602 32.64 13.81 -35.03
N ASN F 603 31.62 13.10 -34.59
CA ASN F 603 31.23 11.83 -35.22
C ASN F 603 30.38 12.13 -36.43
N LEU F 604 30.89 11.74 -37.59
CA LEU F 604 30.32 12.18 -38.85
C LEU F 604 29.25 11.24 -39.36
N ARG F 605 29.53 9.95 -39.30
CA ARG F 605 28.65 8.95 -39.82
C ARG F 605 29.02 7.60 -39.23
N THR F 606 27.98 6.78 -39.00
CA THR F 606 28.08 5.39 -38.54
C THR F 606 27.04 4.53 -39.26
N ASP F 607 27.46 3.36 -39.73
CA ASP F 607 26.59 2.37 -40.32
C ASP F 607 26.77 1.06 -39.56
N ILE F 608 25.66 0.44 -39.15
CA ILE F 608 25.68 -0.82 -38.40
C ILE F 608 24.86 -1.88 -39.13
N VAL F 609 25.37 -3.10 -39.16
CA VAL F 609 24.61 -4.24 -39.62
C VAL F 609 24.70 -5.27 -38.51
N MET F 610 23.55 -5.67 -37.98
CA MET F 610 23.46 -6.47 -36.76
C MET F 610 22.62 -7.72 -37.08
N ASP F 611 23.11 -8.87 -36.71
CA ASP F 611 22.33 -10.09 -36.82
C ASP F 611 21.57 -10.30 -35.49
N VAL F 612 20.27 -10.00 -35.52
CA VAL F 612 19.38 -10.32 -34.38
C VAL F 612 18.40 -11.43 -34.75
N GLY F 613 18.78 -12.30 -35.69
CA GLY F 613 17.87 -13.39 -36.12
C GLY F 613 16.60 -12.80 -36.71
N SER F 614 15.47 -13.49 -36.56
CA SER F 614 14.17 -12.90 -36.93
C SER F 614 13.60 -12.09 -35.76
N SER F 615 13.60 -10.76 -35.90
CA SER F 615 13.31 -9.87 -34.79
C SER F 615 11.87 -10.08 -34.33
N LEU F 616 11.63 -10.11 -33.02
CA LEU F 616 10.27 -10.13 -32.44
C LEU F 616 9.61 -8.76 -32.66
N ASN F 617 10.45 -7.73 -32.64
CA ASN F 617 9.99 -6.37 -32.81
C ASN F 617 11.17 -5.55 -33.35
N PRO F 618 11.21 -5.32 -34.69
CA PRO F 618 12.32 -4.52 -35.26
C PRO F 618 12.51 -3.13 -34.64
N ALA F 619 11.44 -2.48 -34.17
CA ALA F 619 11.59 -1.12 -33.65
C ALA F 619 12.32 -1.13 -32.31
N ILE F 620 11.97 -2.08 -31.46
CA ILE F 620 12.61 -2.25 -30.16
C ILE F 620 14.06 -2.65 -30.40
N ASP F 621 14.28 -3.58 -31.33
CA ASP F 621 15.60 -4.15 -31.56
C ASP F 621 16.56 -3.14 -32.16
N ILE F 622 16.10 -2.35 -33.13
CA ILE F 622 16.90 -1.21 -33.60
C ILE F 622 17.16 -0.22 -32.46
N GLY F 623 16.15 0.08 -31.65
CA GLY F 623 16.29 0.96 -30.49
C GLY F 623 17.33 0.43 -29.53
N GLN F 624 17.39 -0.89 -29.40
CA GLN F 624 18.40 -1.51 -28.53
C GLN F 624 19.83 -1.39 -29.11
N VAL F 625 19.96 -1.63 -30.42
CA VAL F 625 21.21 -1.42 -31.13
C VAL F 625 21.74 0.02 -31.01
N GLU F 626 20.88 1.02 -31.25
CA GLU F 626 21.28 2.44 -31.16
C GLU F 626 21.62 2.85 -29.75
N GLY F 627 20.83 2.39 -28.78
CA GLY F 627 21.11 2.71 -27.37
C GLY F 627 22.41 2.14 -26.86
N ALA F 628 22.63 0.85 -27.10
CA ALA F 628 23.86 0.18 -26.74
C ALA F 628 25.07 0.83 -27.43
N PHE F 629 25.01 1.00 -28.75
CA PHE F 629 26.09 1.70 -29.47
C PHE F 629 26.44 3.05 -28.86
N VAL F 630 25.45 3.85 -28.49
CA VAL F 630 25.77 5.18 -27.92
C VAL F 630 26.34 5.06 -26.49
N GLN F 631 25.93 4.03 -25.73
CA GLN F 631 26.55 3.82 -24.42
C GLN F 631 28.00 3.42 -24.57
N GLY F 632 28.29 2.65 -25.63
CA GLY F 632 29.66 2.23 -25.99
C GLY F 632 30.49 3.40 -26.51
N LEU F 633 29.91 4.20 -27.39
CA LEU F 633 30.59 5.41 -27.79
C LEU F 633 30.97 6.28 -26.56
N GLY F 634 30.10 6.34 -25.55
CA GLY F 634 30.42 7.10 -24.31
C GLY F 634 31.54 6.46 -23.52
N LEU F 635 31.48 5.14 -23.36
CA LEU F 635 32.54 4.40 -22.67
C LEU F 635 33.95 4.65 -23.23
N PHE F 636 34.07 4.55 -24.57
CA PHE F 636 35.35 4.67 -25.26
C PHE F 636 35.79 6.10 -25.62
N THR F 637 34.88 7.08 -25.59
CA THR F 637 35.21 8.41 -26.11
C THR F 637 34.82 9.62 -25.28
N LEU F 638 34.14 9.45 -24.16
CA LEU F 638 33.56 10.62 -23.51
C LEU F 638 33.60 10.57 -22.01
N GLU F 639 33.24 9.40 -21.48
CA GLU F 639 32.95 9.25 -20.08
C GLU F 639 34.24 8.84 -19.41
N GLU F 640 34.58 9.60 -18.37
CA GLU F 640 35.80 9.39 -17.60
C GLU F 640 35.55 9.66 -16.14
N LEU F 641 35.76 8.64 -15.32
CA LEU F 641 35.68 8.77 -13.86
C LEU F 641 37.07 9.11 -13.39
N HIS F 642 37.17 10.07 -12.48
CA HIS F 642 38.46 10.56 -12.05
C HIS F 642 38.46 10.59 -10.50
N TYR F 643 39.51 10.04 -9.89
CA TYR F 643 39.63 9.90 -8.41
C TYR F 643 40.77 10.73 -7.87
N SER F 644 40.63 11.26 -6.65
CA SER F 644 41.77 11.86 -5.94
C SER F 644 42.83 10.77 -5.65
N PRO F 645 44.08 11.17 -5.32
CA PRO F 645 45.10 10.16 -5.03
C PRO F 645 44.72 9.34 -3.81
N GLU F 646 43.89 9.92 -2.95
CA GLU F 646 43.45 9.27 -1.71
C GLU F 646 42.23 8.38 -1.96
N GLY F 647 41.78 8.33 -3.21
CA GLY F 647 40.78 7.37 -3.65
C GLY F 647 39.35 7.86 -3.57
N SER F 648 39.17 9.17 -3.63
CA SER F 648 37.83 9.72 -3.52
C SER F 648 37.42 10.24 -4.89
N LEU F 649 36.20 9.91 -5.29
CA LEU F 649 35.69 10.20 -6.62
C LEU F 649 35.38 11.67 -6.75
N HIS F 650 35.89 12.23 -7.84
CA HIS F 650 35.72 13.62 -8.16
C HIS F 650 34.48 13.83 -9.01
N THR F 651 34.24 12.87 -9.92
CA THR F 651 33.22 13.03 -10.97
C THR F 651 31.92 12.43 -10.49
N ARG F 652 31.03 13.29 -10.01
CA ARG F 652 29.86 12.85 -9.26
C ARG F 652 28.55 13.41 -9.80
N GLY F 653 28.57 13.96 -11.00
CA GLY F 653 27.36 14.50 -11.59
C GLY F 653 27.52 14.83 -13.05
N PRO F 654 26.40 15.16 -13.72
CA PRO F 654 26.51 15.41 -15.16
C PRO F 654 27.40 16.59 -15.55
N SER F 655 27.81 17.42 -14.59
CA SER F 655 28.68 18.55 -14.95
C SER F 655 30.14 18.13 -15.01
N THR F 656 30.49 17.01 -14.36
CA THR F 656 31.87 16.54 -14.38
C THR F 656 31.99 15.17 -15.05
N TYR F 657 30.86 14.59 -15.42
CA TYR F 657 30.83 13.27 -16.04
C TYR F 657 29.94 13.39 -17.24
N LYS F 658 30.53 13.26 -18.44
CA LYS F 658 29.77 13.55 -19.64
C LYS F 658 29.34 12.28 -20.33
N ILE F 659 28.06 11.96 -20.21
CA ILE F 659 27.49 10.92 -21.05
C ILE F 659 27.08 11.55 -22.39
N PRO F 660 26.89 10.72 -23.44
CA PRO F 660 26.50 11.31 -24.75
C PRO F 660 25.23 12.16 -24.70
N ALA F 661 25.30 13.29 -25.40
CA ALA F 661 24.17 14.22 -25.53
C ALA F 661 23.51 14.10 -26.90
N PHE F 662 22.42 14.82 -27.09
CA PHE F 662 21.75 14.90 -28.40
C PHE F 662 22.76 15.18 -29.52
N GLY F 663 23.71 16.06 -29.23
CA GLY F 663 24.72 16.45 -30.20
C GLY F 663 25.92 15.53 -30.32
N SER F 664 26.03 14.50 -29.50
CA SER F 664 27.18 13.59 -29.58
C SER F 664 27.02 12.51 -30.63
N ILE F 665 25.79 12.15 -30.96
CA ILE F 665 25.53 11.06 -31.91
C ILE F 665 26.02 11.39 -33.33
N PRO F 666 26.40 10.36 -34.11
CA PRO F 666 26.85 10.56 -35.49
C PRO F 666 25.80 11.30 -36.30
N THR F 667 26.23 12.28 -37.10
CA THR F 667 25.30 13.09 -37.92
C THR F 667 24.47 12.20 -38.86
N GLU F 668 25.10 11.20 -39.42
CA GLU F 668 24.43 10.20 -40.23
C GLU F 668 24.54 8.93 -39.41
N PHE F 669 23.41 8.36 -38.99
CA PHE F 669 23.41 7.19 -38.09
C PHE F 669 22.52 6.10 -38.69
N ARG F 670 23.10 5.09 -39.35
CA ARG F 670 22.32 4.04 -39.99
C ARG F 670 22.46 2.68 -39.33
N VAL F 671 21.32 2.04 -39.07
CA VAL F 671 21.28 0.71 -38.46
C VAL F 671 20.36 -0.14 -39.32
N SER F 672 20.86 -1.30 -39.75
CA SER F 672 20.07 -2.29 -40.45
C SER F 672 20.13 -3.59 -39.67
N LEU F 673 19.06 -4.38 -39.75
CA LEU F 673 19.04 -5.69 -39.18
C LEU F 673 19.20 -6.71 -40.30
N LEU F 674 20.12 -7.64 -40.11
CA LEU F 674 20.43 -8.63 -41.14
C LEU F 674 19.17 -9.41 -41.50
N ARG F 675 18.91 -9.57 -42.80
CA ARG F 675 17.68 -10.22 -43.28
C ARG F 675 17.89 -11.72 -43.51
N ASP F 676 16.80 -12.49 -43.47
CA ASP F 676 16.83 -13.94 -43.73
C ASP F 676 17.89 -14.71 -42.95
N CYS F 677 17.94 -14.51 -41.65
CA CYS F 677 18.87 -15.26 -40.80
C CYS F 677 18.20 -15.80 -39.52
N PRO F 678 17.21 -16.72 -39.69
CA PRO F 678 16.49 -17.29 -38.55
C PRO F 678 17.43 -18.00 -37.57
N ASN F 679 17.20 -17.79 -36.28
CA ASN F 679 17.93 -18.48 -35.22
C ASN F 679 17.14 -19.61 -34.59
N LYS F 680 17.39 -20.83 -35.07
CA LYS F 680 16.79 -22.05 -34.55
C LYS F 680 16.85 -22.17 -33.00
N LYS F 681 17.79 -21.49 -32.36
CA LYS F 681 18.04 -21.71 -30.91
C LYS F 681 17.16 -20.88 -29.95
N ALA F 682 16.41 -19.90 -30.46
CA ALA F 682 15.60 -19.07 -29.55
C ALA F 682 14.18 -18.84 -30.04
N ILE F 683 13.33 -18.34 -29.15
CA ILE F 683 11.93 -18.12 -29.38
C ILE F 683 11.60 -17.40 -30.68
N TYR F 684 10.84 -18.11 -31.54
CA TYR F 684 10.38 -17.56 -32.79
C TYR F 684 11.55 -17.09 -33.69
N ALA F 685 12.67 -17.82 -33.63
CA ALA F 685 13.90 -17.57 -34.42
C ALA F 685 14.60 -16.24 -34.15
N SER F 686 14.30 -15.60 -33.02
CA SER F 686 14.85 -14.30 -32.67
C SER F 686 16.23 -14.49 -32.02
N LYS F 687 16.92 -13.37 -31.74
CA LYS F 687 18.19 -13.40 -31.00
C LYS F 687 18.23 -12.26 -29.99
N ALA F 688 18.92 -12.51 -28.88
CA ALA F 688 19.21 -11.48 -27.88
C ALA F 688 19.90 -10.28 -28.49
N VAL F 689 19.50 -9.09 -28.06
CA VAL F 689 19.99 -7.85 -28.66
C VAL F 689 20.51 -6.81 -27.61
N GLY F 690 20.19 -6.99 -26.33
CA GLY F 690 20.41 -5.90 -25.36
C GLY F 690 21.88 -5.43 -25.24
N GLU F 691 22.79 -6.38 -25.03
CA GLU F 691 24.22 -6.09 -24.82
C GLU F 691 25.19 -6.20 -26.03
N PRO F 692 24.92 -7.14 -26.97
CA PRO F 692 25.87 -7.35 -28.08
C PRO F 692 26.20 -6.10 -28.92
N PRO F 693 25.27 -5.14 -29.08
CA PRO F 693 25.71 -4.00 -29.90
C PRO F 693 26.69 -3.03 -29.25
N LEU F 694 26.82 -3.01 -27.91
CA LEU F 694 27.55 -1.90 -27.22
C LEU F 694 29.01 -1.73 -27.68
N PHE F 695 29.75 -2.84 -27.76
CA PHE F 695 31.14 -2.82 -28.22
C PHE F 695 31.32 -2.19 -29.61
N LEU F 696 30.29 -2.29 -30.46
CA LEU F 696 30.39 -1.64 -31.79
C LEU F 696 30.70 -0.15 -31.63
N GLY F 697 30.39 0.42 -30.46
CA GLY F 697 30.83 1.75 -30.08
C GLY F 697 32.33 1.99 -30.30
N ALA F 698 33.13 0.93 -30.15
CA ALA F 698 34.58 1.01 -30.31
C ALA F 698 35.01 1.42 -31.73
N SER F 699 34.12 1.24 -32.70
CA SER F 699 34.40 1.66 -34.07
C SER F 699 34.72 3.15 -34.17
N VAL F 700 34.07 3.95 -33.32
CA VAL F 700 34.37 5.38 -33.20
C VAL F 700 35.76 5.59 -32.56
N PHE F 701 36.19 4.70 -31.66
CA PHE F 701 37.50 4.86 -31.01
C PHE F 701 38.63 4.58 -32.03
N PHE F 702 38.49 3.50 -32.78
CA PHE F 702 39.51 3.14 -33.77
C PHE F 702 39.55 4.07 -34.97
N ALA F 703 38.42 4.74 -35.25
CA ALA F 703 38.36 5.81 -36.26
C ALA F 703 39.15 7.01 -35.76
N ILE F 704 39.01 7.34 -34.47
CA ILE F 704 39.81 8.39 -33.81
C ILE F 704 41.32 8.08 -33.86
N LYS F 705 41.70 6.84 -33.55
CA LYS F 705 43.10 6.44 -33.56
C LYS F 705 43.71 6.60 -34.98
N ASP F 706 42.96 6.15 -35.99
CA ASP F 706 43.22 6.28 -37.43
C ASP F 706 43.44 7.76 -37.80
N ALA F 707 42.64 8.67 -37.25
CA ALA F 707 42.81 10.11 -37.50
C ALA F 707 44.05 10.69 -36.76
N ILE F 708 44.28 10.23 -35.54
CA ILE F 708 45.48 10.64 -34.80
C ILE F 708 46.74 10.17 -35.55
N ARG F 709 46.65 8.97 -36.13
CA ARG F 709 47.72 8.39 -36.89
C ARG F 709 48.10 9.29 -38.07
N ALA F 710 47.08 9.88 -38.71
CA ALA F 710 47.27 10.80 -39.83
C ALA F 710 47.85 12.12 -39.37
N ALA F 711 47.36 12.65 -38.25
CA ALA F 711 47.91 13.85 -37.62
C ALA F 711 49.38 13.71 -37.23
N ARG F 712 49.73 12.56 -36.66
CA ARG F 712 51.13 12.28 -36.35
C ARG F 712 52.00 12.15 -37.60
N ALA F 713 51.49 11.49 -38.64
CA ALA F 713 52.19 11.34 -39.91
C ALA F 713 52.47 12.69 -40.58
N GLN F 714 51.77 13.73 -40.14
CA GLN F 714 51.89 15.08 -40.66
C GLN F 714 52.91 15.90 -39.84
N HIS F 715 52.82 15.80 -38.52
CA HIS F 715 53.56 16.70 -37.61
C HIS F 715 54.72 16.09 -36.79
N THR F 716 54.78 14.76 -36.67
CA THR F 716 55.82 14.10 -35.86
C THR F 716 56.72 13.14 -36.70
N ASN F 717 57.60 12.39 -36.02
CA ASN F 717 58.39 11.30 -36.64
C ASN F 717 57.54 10.32 -37.47
N ASN F 718 57.89 10.19 -38.75
CA ASN F 718 56.95 9.80 -39.82
C ASN F 718 56.71 8.31 -40.11
N ASN F 719 57.38 7.43 -39.36
CA ASN F 719 57.27 5.98 -39.57
C ASN F 719 55.82 5.56 -39.78
N THR F 720 55.50 5.13 -41.00
CA THR F 720 54.15 4.59 -41.28
C THR F 720 53.84 3.47 -40.27
N LYS F 721 54.83 2.63 -40.02
CA LYS F 721 54.72 1.50 -39.07
C LYS F 721 55.06 1.90 -37.62
N GLU F 722 54.67 3.13 -37.27
CA GLU F 722 54.82 3.65 -35.89
C GLU F 722 53.57 3.47 -35.01
N LEU F 723 53.81 2.86 -33.85
CA LEU F 723 52.79 2.53 -32.87
C LEU F 723 52.88 3.48 -31.68
N PHE F 724 51.73 3.78 -31.07
CA PHE F 724 51.67 4.63 -29.90
C PHE F 724 50.53 4.15 -28.99
N ARG F 725 50.62 4.43 -27.69
CA ARG F 725 49.61 3.96 -26.77
C ARG F 725 48.47 4.95 -26.61
N LEU F 726 47.25 4.49 -26.87
CA LEU F 726 46.04 5.27 -26.64
C LEU F 726 45.06 4.43 -25.80
N ASP F 727 44.93 4.79 -24.53
CA ASP F 727 44.08 4.06 -23.58
C ASP F 727 42.63 4.48 -23.88
N SER F 728 41.67 3.75 -23.31
CA SER F 728 40.27 4.20 -23.30
C SER F 728 39.92 4.81 -21.94
N PRO F 729 39.11 5.91 -21.91
CA PRO F 729 38.49 6.60 -23.04
C PRO F 729 39.41 7.59 -23.78
N ALA F 730 39.22 7.70 -25.07
CA ALA F 730 39.90 8.72 -25.86
C ALA F 730 39.21 10.06 -25.64
N THR F 731 39.50 10.74 -24.54
CA THR F 731 38.99 12.08 -24.27
C THR F 731 39.77 13.17 -25.05
N PRO F 732 39.29 14.43 -25.04
CA PRO F 732 40.00 15.49 -25.72
C PRO F 732 41.43 15.62 -25.22
N GLU F 733 41.65 15.38 -23.94
CA GLU F 733 43.00 15.41 -23.37
C GLU F 733 43.93 14.44 -24.08
N LYS F 734 43.50 13.18 -24.18
CA LYS F 734 44.36 12.14 -24.72
C LYS F 734 44.55 12.31 -26.22
N ILE F 735 43.47 12.67 -26.90
CA ILE F 735 43.48 12.88 -28.35
C ILE F 735 44.48 14.00 -28.65
N ARG F 736 44.35 15.11 -27.94
CA ARG F 736 45.21 16.27 -28.20
C ARG F 736 46.68 15.97 -27.97
N ASN F 737 47.01 15.43 -26.78
CA ASN F 737 48.39 15.11 -26.42
C ASN F 737 49.00 14.13 -27.41
N ALA F 738 48.19 13.22 -27.98
CA ALA F 738 48.69 12.23 -28.94
C ALA F 738 48.96 12.85 -30.30
N CYS F 739 48.34 14.00 -30.57
CA CYS F 739 48.65 14.77 -31.77
C CYS F 739 49.89 15.64 -31.50
N VAL F 740 51.02 14.97 -31.28
CA VAL F 740 52.31 15.61 -31.03
C VAL F 740 52.64 16.59 -32.15
N ASP F 741 52.95 17.83 -31.79
CA ASP F 741 53.25 18.86 -32.78
C ASP F 741 54.15 19.91 -32.18
N LYS F 742 54.30 21.03 -32.89
CA LYS F 742 55.14 22.15 -32.46
C LYS F 742 54.61 22.85 -31.22
N PHE F 743 53.37 22.53 -30.85
CA PHE F 743 52.75 23.09 -29.63
C PHE F 743 52.88 22.16 -28.43
N THR F 744 52.60 20.86 -28.62
CA THR F 744 52.78 19.88 -27.52
C THR F 744 54.24 19.87 -27.04
N THR F 745 55.16 20.00 -27.99
CA THR F 745 56.57 20.29 -27.77
C THR F 745 56.73 21.82 -27.80
FE1 FES G . -14.60 -12.92 16.08
FE2 FES G . -14.77 -12.53 18.76
S1 FES G . -13.23 -13.65 17.66
S2 FES G . -15.88 -11.50 17.20
FE1 FES H . -17.38 1.29 21.21
FE2 FES H . -18.88 -0.77 20.05
S1 FES H . -18.78 -0.09 22.17
S2 FES H . -17.29 0.45 19.17
PA FAD I . -24.39 12.78 29.03
O1A FAD I . -24.61 12.15 27.69
O2A FAD I . -23.07 13.43 29.18
O5B FAD I . -25.61 13.78 29.23
C5B FAD I . -26.94 13.30 29.35
C4B FAD I . -27.93 14.47 29.41
O4B FAD I . -28.07 14.98 30.74
C3B FAD I . -27.52 15.66 28.58
O3B FAD I . -28.70 16.25 28.05
C2B FAD I . -26.90 16.61 29.59
O2B FAD I . -27.04 17.95 29.14
C1B FAD I . -27.71 16.35 30.83
N9A FAD I . -27.02 16.48 32.12
C8A FAD I . -25.98 15.70 32.57
N7A FAD I . -25.67 16.06 33.83
C5A FAD I . -26.54 17.04 34.21
C6A FAD I . -26.67 17.78 35.38
N6A FAD I . -26.11 17.35 36.52
N1A FAD I . -27.68 18.74 35.44
C2A FAD I . -28.53 18.98 34.38
N3A FAD I . -28.36 18.26 33.23
C4A FAD I . -27.38 17.31 33.14
N1 FAD I . -30.11 3.56 30.68
C2 FAD I . -31.05 2.83 31.39
O2 FAD I . -31.88 3.41 32.11
N3 FAD I . -31.06 1.46 31.30
C4 FAD I . -30.15 0.76 30.53
O4 FAD I . -30.20 -0.47 30.45
C4X FAD I . -29.19 1.49 29.85
N5 FAD I . -28.25 0.85 29.07
C5X FAD I . -27.33 1.57 28.37
C6 FAD I . -26.41 0.89 27.57
C7 FAD I . -25.45 1.60 26.86
C7M FAD I . -24.76 0.87 25.75
C8 FAD I . -25.42 3.01 26.94
C8M FAD I . -24.59 3.82 25.97
C9 FAD I . -26.34 3.69 27.73
C9A FAD I . -27.31 2.98 28.44
N10 FAD I . -28.24 3.63 29.25
C10 FAD I . -29.18 2.90 29.93
C1' FAD I . -28.29 5.13 29.37
C2' FAD I . -27.26 5.65 30.37
O2' FAD I . -27.52 5.28 31.72
C3' FAD I . -27.27 7.17 30.18
O3' FAD I . -26.89 7.39 28.84
C4' FAD I . -26.22 7.84 31.05
O4' FAD I . -26.51 7.64 32.42
C5' FAD I . -26.18 9.32 30.70
O5' FAD I . -25.23 9.90 31.56
P FAD I . -23.95 10.64 30.94
O1P FAD I . -23.16 11.13 32.12
O2P FAD I . -23.21 9.69 30.08
O3P FAD I . -24.77 11.79 30.21
N1 MTE J . -16.13 -18.74 11.73
C2 MTE J . -15.69 -17.50 12.00
N2 MTE J . -14.88 -17.27 13.07
N3 MTE J . -16.04 -16.45 11.22
C4 MTE J . -16.83 -16.53 10.12
O4 MTE J . -17.13 -15.49 9.45
N5 MTE J . -18.19 -18.04 8.64
C6 MTE J . -18.93 -19.31 8.64
C7 MTE J . -18.04 -20.47 9.07
N8 MTE J . -17.37 -20.22 10.36
C9 MTE J . -17.37 -17.85 9.76
C10 MTE J . -16.94 -18.97 10.64
C1' MTE J . -19.52 -19.67 7.29
S1' MTE J . -20.89 -18.80 6.80
C2' MTE J . -18.96 -20.58 6.49
S2' MTE J . -19.70 -20.99 5.01
C3' MTE J . -17.66 -21.24 6.83
O3' MTE J . -17.08 -20.67 8.02
C4' MTE J . -16.72 -21.06 5.65
O4' MTE J . -15.41 -21.46 5.99
P MTE J . -14.85 -22.94 5.66
O1P MTE J . -15.35 -23.22 4.24
O2P MTE J . -15.50 -23.71 6.76
O3P MTE J . -13.34 -22.72 5.76
MO MOS K . -21.22 -19.30 4.51
S MOS K . -23.18 -18.58 4.62
O1 MOS K . -21.86 -20.39 2.93
O2 MOS K . -20.70 -17.94 3.62
C1 QUE L . -24.23 -23.28 -0.87
C2 QUE L . -23.62 -22.04 -0.89
C3 QUE L . -23.64 -21.26 -2.17
C4 QUE L . -24.31 -21.82 -3.37
C5 QUE L . -24.88 -23.08 -3.24
C6 QUE L . -24.83 -23.76 -2.02
C9 QUE L . -23.03 -19.93 -2.28
C10 QUE L . -23.09 -19.23 -3.57
C11 QUE L . -23.81 -19.83 -4.71
C14 QUE L . -23.86 -19.18 -6.07
C15 QUE L . -24.85 -19.50 -7.01
C16 QUE L . -24.86 -18.95 -8.31
C17 QUE L . -23.87 -18.05 -8.69
C18 QUE L . -22.81 -17.70 -7.71
C19 QUE L . -22.84 -18.28 -6.45
O12 QUE L . -24.35 -21.09 -4.54
O13 QUE L . -22.47 -19.42 -1.29
O23 QUE L . -21.81 -16.84 -8.07
O24 QUE L . -23.84 -17.46 -9.93
O27 QUE L . -22.24 -18.18 -3.77
O29 QUE L . -25.38 -24.97 -1.89
O30 QUE L . -23.04 -21.56 0.25
FE1 FES M . 15.58 6.02 -20.67
FE2 FES M . 15.56 8.31 -21.92
S1 FES M . 14.21 6.61 -22.32
S2 FES M . 16.75 7.80 -20.17
FE1 FES N . 16.99 19.02 -12.61
FE2 FES N . 18.75 16.93 -13.46
S1 FES N . 18.43 19.00 -14.23
S2 FES N . 17.15 16.89 -11.95
PA FAD O . 22.76 32.87 -8.48
O1A FAD O . 22.94 31.40 -8.17
O2A FAD O . 21.34 33.32 -8.23
O5B FAD O . 23.83 33.83 -7.78
C5B FAD O . 25.21 33.59 -8.06
C4B FAD O . 26.11 34.60 -7.33
O4B FAD O . 26.04 35.87 -7.96
C3B FAD O . 25.70 34.79 -5.88
O3B FAD O . 26.88 34.87 -5.09
C2B FAD O . 25.00 36.13 -5.88
O2B FAD O . 25.03 36.77 -4.62
C1B FAD O . 25.75 36.87 -6.99
N9A FAD O . 25.00 37.95 -7.65
C8A FAD O . 23.95 37.82 -8.54
N7A FAD O . 23.56 39.07 -8.91
C5A FAD O . 24.36 39.98 -8.33
C6A FAD O . 24.39 41.37 -8.42
N6A FAD O . 23.75 41.95 -9.43
N1A FAD O . 25.35 42.07 -7.70
C2A FAD O . 26.24 41.36 -6.89
N3A FAD O . 26.21 39.98 -6.81
C4A FAD O . 25.28 39.29 -7.53
N1 FAD O . 29.07 28.91 -16.26
C2 FAD O . 30.01 29.14 -17.24
O2 FAD O . 30.72 30.14 -17.19
N3 FAD O . 30.16 28.25 -18.27
C4 FAD O . 29.36 27.13 -18.34
O4 FAD O . 29.53 26.36 -19.28
C4X FAD O . 28.40 26.88 -17.36
N5 FAD O . 27.57 25.76 -17.41
C5X FAD O . 26.63 25.54 -16.41
C6 FAD O . 25.83 24.41 -16.49
C7 FAD O . 24.87 24.16 -15.50
C7M FAD O . 24.29 22.77 -15.41
C8 FAD O . 24.72 25.07 -14.43
C8M FAD O . 23.79 24.73 -13.30
C9 FAD O . 25.52 26.22 -14.36
C9A FAD O . 26.48 26.46 -15.36
N10 FAD O . 27.31 27.57 -15.34
C10 FAD O . 28.26 27.79 -16.32
C1' FAD O . 27.13 28.65 -14.33
C2' FAD O . 26.10 29.68 -14.79
O2' FAD O . 26.53 30.48 -15.86
C3' FAD O . 26.03 30.54 -13.59
O3' FAD O . 25.63 29.57 -12.64
C4' FAD O . 24.97 31.62 -13.68
O4' FAD O . 25.31 32.70 -14.55
C5' FAD O . 24.83 32.15 -12.27
O5' FAD O . 23.75 33.03 -12.37
P FAD O . 22.53 32.89 -11.38
O1P FAD O . 21.61 34.05 -11.68
O2P FAD O . 21.89 31.53 -11.56
O3P FAD O . 23.27 33.09 -9.98
N1 MTE P . 17.75 -0.98 -22.42
C2 MTE P . 17.19 -0.01 -21.63
N2 MTE P . 16.35 0.93 -22.18
N3 MTE P . 17.47 0.04 -20.31
C4 MTE P . 18.29 -0.80 -19.66
O4 MTE P . 18.51 -0.70 -18.42
N5 MTE P . 19.78 -2.78 -19.83
C6 MTE P . 20.64 -3.52 -20.74
C7 MTE P . 19.87 -3.93 -22.00
N8 MTE P . 19.13 -2.85 -22.63
C9 MTE P . 18.94 -1.86 -20.41
C10 MTE P . 18.58 -1.92 -21.87
C1' MTE P . 21.26 -4.75 -20.14
S1' MTE P . 22.57 -4.47 -19.11
C2' MTE P . 20.83 -5.98 -20.42
S2' MTE P . 21.61 -7.36 -19.80
C3' MTE P . 19.61 -6.19 -21.27
O3' MTE P . 18.94 -4.96 -21.66
C4' MTE P . 18.67 -6.92 -20.33
O4' MTE P . 17.40 -7.06 -20.92
P MTE P . 17.01 -8.29 -21.87
O1P MTE P . 17.61 -9.56 -21.31
O2P MTE P . 17.44 -7.84 -23.23
O3P MTE P . 15.49 -8.24 -21.72
MO MOS Q . 23.03 -6.52 -18.12
S MOS Q . 25.05 -6.08 -17.67
O1 MOS Q . 23.73 -8.42 -18.04
O2 MOS Q . 22.36 -6.39 -16.55
C1 QUE R . 26.42 -12.84 -17.79
C2 QUE R . 25.73 -12.11 -16.83
C3 QUE R . 25.74 -12.61 -15.43
C4 QUE R . 26.48 -13.86 -15.09
C5 QUE R . 27.13 -14.52 -16.12
C6 QUE R . 27.11 -14.01 -17.43
C9 QUE R . 25.03 -11.92 -14.33
C10 QUE R . 25.11 -12.50 -12.96
C11 QUE R . 25.92 -13.73 -12.74
C14 QUE R . 25.99 -14.41 -11.41
C15 QUE R . 27.03 -15.30 -11.10
C16 QUE R . 27.09 -15.97 -9.87
C17 QUE R . 26.10 -15.75 -8.93
C18 QUE R . 24.99 -14.81 -9.25
C19 QUE R . 24.98 -14.18 -10.49
O12 QUE R . 26.52 -14.34 -13.81
O13 QUE R . 24.40 -10.88 -14.53
O23 QUE R . 23.97 -14.54 -8.39
O24 QUE R . 26.16 -16.38 -7.73
O27 QUE R . 24.42 -11.90 -11.95
O29 QUE R . 27.77 -14.69 -18.38
O30 QUE R . 25.06 -10.96 -17.18
#